data_6UCA
#
_entry.id   6UCA
#
_cell.length_a   136.567
_cell.length_b   290.380
_cell.length_c   83.529
_cell.angle_alpha   90.000
_cell.angle_beta   90.000
_cell.angle_gamma   90.000
#
_symmetry.space_group_name_H-M   'P 21 21 2'
#
loop_
_entity.id
_entity.type
_entity.pdbx_description
1 polymer 'rRNA N6-adenosine-methyltransferase ZCCHC4'
2 non-polymer S-ADENOSYL-L-HOMOCYSTEINE
3 non-polymer 'ZINC ION'
#
_entity_poly.entity_id   1
_entity_poly.type   'polypeptide(L)'
_entity_poly.pdbx_seq_one_letter_code
;SGMEVVLPLDPAVPAPLCPHGPTLLFVKVTQGAAATRRFYACSACRDRKDCNFFQWEDEKLSGARLAAREAHNRRCQPPL
SRTQCVERYLKFIELPLTQRKFCQTCQQLLLPDDWGQHSEHQVLGNVSITQLRRPSQLLYPLENAATNAQYLFADRSCQF
LVDLLSALGFRRVLCVGTPRLHELIKLTASGDKKSNIKSLLLDIDFRYSQFYMEDSFCHYNMFNHHFFDGKTALEVCRAF
LQEDKGEGIIMVTDPPFGGLVEPLAITFKKLIAMWKEGQSQDDSHKELPIFWIFPYFFESRICQFFPSFQMLDYQVDYDN
HALYKHGKTGRKQSPVRIFTNIPPNKIILPTEEGYRFCSPCQRYVSLENQHCELCNSCTSKDGRKWNHCFLCKKCVKPSW
IHCSICNHCAVPDHSCEGPKHGCFICGELDHKRSTCPNIATS
;
_entity_poly.pdbx_strand_id   A,B,C,D,E,F
#
# COMPACT_ATOMS: atom_id res chain seq x y z
N VAL A 6 -15.41 -25.07 37.35
CA VAL A 6 -15.23 -26.50 37.14
C VAL A 6 -13.82 -26.93 37.50
N LEU A 7 -13.72 -27.76 38.52
CA LEU A 7 -12.46 -28.43 38.80
C LEU A 7 -12.70 -29.93 38.64
N PRO A 8 -12.39 -30.52 37.47
CA PRO A 8 -12.41 -31.97 37.37
C PRO A 8 -11.22 -32.54 38.10
N LEU A 9 -10.83 -31.85 39.18
CA LEU A 9 -9.61 -32.13 39.93
C LEU A 9 -9.50 -33.62 40.21
N ASP A 10 -8.34 -34.18 39.90
CA ASP A 10 -8.13 -35.61 40.02
C ASP A 10 -7.07 -35.87 41.08
N PRO A 11 -7.44 -36.50 42.18
CA PRO A 11 -6.43 -36.88 43.17
C PRO A 11 -5.40 -37.94 42.62
N ALA A 12 -5.66 -38.58 41.47
CA ALA A 12 -4.85 -39.74 41.05
C ALA A 12 -3.33 -39.44 40.98
N VAL A 13 -2.94 -38.24 40.57
CA VAL A 13 -1.56 -37.99 40.16
C VAL A 13 -0.82 -37.30 41.30
N PRO A 14 0.50 -37.57 41.51
CA PRO A 14 1.16 -37.07 42.72
C PRO A 14 1.83 -35.71 42.56
N ALA A 15 1.66 -34.86 43.56
CA ALA A 15 2.24 -33.53 43.55
C ALA A 15 3.76 -33.62 43.45
N PRO A 16 4.42 -32.60 42.88
CA PRO A 16 5.87 -32.49 43.01
C PRO A 16 6.27 -32.36 44.47
N LEU A 17 7.56 -32.57 44.71
CA LEU A 17 8.09 -32.60 46.08
C LEU A 17 8.83 -31.30 46.38
N CYS A 18 8.46 -30.67 47.50
CA CYS A 18 9.19 -29.54 48.05
C CYS A 18 10.05 -30.02 49.20
N PRO A 19 10.87 -29.16 49.80
CA PRO A 19 11.67 -29.62 50.97
C PRO A 19 10.83 -30.19 52.07
N HIS A 20 9.56 -29.77 52.21
CA HIS A 20 8.73 -30.22 53.32
C HIS A 20 7.70 -31.27 52.87
N GLY A 21 8.00 -32.02 51.83
CA GLY A 21 7.12 -33.07 51.37
C GLY A 21 6.16 -32.61 50.30
N PRO A 22 5.34 -33.53 49.80
CA PRO A 22 4.54 -33.24 48.60
C PRO A 22 3.77 -31.94 48.68
N THR A 23 3.99 -31.09 47.69
CA THR A 23 3.31 -29.80 47.60
C THR A 23 1.80 -29.99 47.56
N LEU A 24 1.08 -28.91 47.80
CA LEU A 24 -0.37 -28.92 47.69
C LEU A 24 -0.81 -28.05 46.52
N LEU A 25 -1.94 -28.39 45.93
CA LEU A 25 -2.41 -27.73 44.72
C LEU A 25 -3.37 -26.60 45.10
N PHE A 26 -3.06 -25.40 44.64
CA PHE A 26 -3.94 -24.24 44.76
C PHE A 26 -4.45 -23.85 43.38
N VAL A 27 -5.67 -23.32 43.35
CA VAL A 27 -6.30 -22.79 42.14
C VAL A 27 -6.97 -21.46 42.49
N LYS A 28 -6.68 -20.43 41.71
CA LYS A 28 -7.24 -19.11 41.94
C LYS A 28 -8.40 -18.85 41.00
N VAL A 29 -9.47 -18.26 41.54
CA VAL A 29 -10.66 -17.89 40.78
C VAL A 29 -11.00 -16.45 41.16
N THR A 30 -10.80 -15.52 40.24
CA THR A 30 -11.02 -14.10 40.51
C THR A 30 -11.26 -13.38 39.18
N GLN A 31 -11.48 -12.07 39.28
CA GLN A 31 -11.67 -11.19 38.12
C GLN A 31 -12.84 -11.65 37.26
N GLY A 32 -14.01 -11.72 37.89
CA GLY A 32 -15.22 -12.16 37.23
C GLY A 32 -15.49 -13.65 37.31
N ALA A 33 -14.59 -14.42 37.93
CA ALA A 33 -14.72 -15.87 38.08
C ALA A 33 -14.90 -16.55 36.73
N ALA A 34 -13.93 -16.31 35.84
CA ALA A 34 -13.98 -16.86 34.50
C ALA A 34 -12.64 -17.41 34.02
N ALA A 35 -11.63 -17.46 34.88
CA ALA A 35 -10.32 -18.00 34.52
C ALA A 35 -9.75 -18.78 35.69
N THR A 36 -9.08 -19.89 35.38
CA THR A 36 -8.50 -20.76 36.38
C THR A 36 -7.00 -20.86 36.19
N ARG A 37 -6.29 -21.17 37.27
CA ARG A 37 -4.84 -21.31 37.24
C ARG A 37 -4.44 -22.37 38.26
N ARG A 38 -3.93 -23.49 37.78
CA ARG A 38 -3.49 -24.60 38.63
C ARG A 38 -2.02 -24.44 38.97
N PHE A 39 -1.68 -24.55 40.26
CA PHE A 39 -0.26 -24.54 40.60
C PHE A 39 -0.04 -25.29 41.91
N TYR A 40 1.17 -25.84 42.07
CA TYR A 40 1.58 -26.54 43.28
C TYR A 40 2.40 -25.57 44.13
N ALA A 41 1.89 -25.22 45.32
CA ALA A 41 2.56 -24.39 46.29
C ALA A 41 2.98 -25.25 47.49
N CYS A 42 3.66 -24.63 48.46
CA CYS A 42 4.20 -25.39 49.58
C CYS A 42 3.10 -25.68 50.60
N SER A 43 3.12 -26.90 51.14
CA SER A 43 2.02 -27.36 51.99
C SER A 43 2.00 -26.66 53.34
N ALA A 44 3.15 -26.26 53.88
CA ALA A 44 3.23 -25.79 55.26
C ALA A 44 3.98 -24.47 55.39
N CYS A 45 3.85 -23.58 54.40
CA CYS A 45 4.43 -22.25 54.50
C CYS A 45 3.56 -21.29 53.73
N ARG A 46 2.94 -20.34 54.44
CA ARG A 46 1.91 -19.49 53.85
C ARG A 46 2.53 -18.50 52.85
N ASP A 47 3.49 -17.70 53.30
CA ASP A 47 4.19 -16.80 52.41
C ASP A 47 5.34 -17.52 51.72
N ARG A 48 5.64 -17.11 50.49
CA ARG A 48 6.68 -17.76 49.71
C ARG A 48 8.09 -17.45 50.21
N LYS A 49 8.24 -16.66 51.28
CA LYS A 49 9.55 -16.21 51.71
C LYS A 49 10.43 -17.34 52.25
N ASP A 50 9.84 -18.42 52.75
CA ASP A 50 10.60 -19.54 53.29
C ASP A 50 10.63 -20.74 52.37
N CYS A 51 9.51 -21.12 51.77
CA CYS A 51 9.46 -22.19 50.78
C CYS A 51 9.01 -21.55 49.47
N ASN A 52 9.97 -21.16 48.63
CA ASN A 52 9.69 -20.47 47.37
C ASN A 52 9.41 -21.49 46.25
N PHE A 53 8.40 -22.31 46.49
CA PHE A 53 7.98 -23.32 45.53
C PHE A 53 6.79 -22.82 44.73
N PHE A 54 6.88 -22.94 43.41
CA PHE A 54 5.78 -22.60 42.52
C PHE A 54 5.99 -23.35 41.21
N GLN A 55 5.00 -24.11 40.79
CA GLN A 55 5.08 -24.86 39.54
C GLN A 55 3.69 -24.95 38.93
N TRP A 56 3.53 -24.39 37.73
CA TRP A 56 2.28 -24.58 36.99
C TRP A 56 2.09 -26.05 36.69
N GLU A 57 0.84 -26.50 36.78
CA GLU A 57 0.56 -27.93 36.58
C GLU A 57 0.97 -28.39 35.19
N ASP A 58 0.75 -27.54 34.17
CA ASP A 58 1.22 -27.87 32.83
C ASP A 58 2.73 -27.87 32.76
N GLU A 59 3.38 -26.99 33.52
CA GLU A 59 4.83 -26.91 33.54
C GLU A 59 5.44 -28.21 34.04
N LYS A 60 6.31 -28.82 33.24
CA LYS A 60 7.00 -30.05 33.59
C LYS A 60 8.49 -29.77 33.69
N LEU A 61 9.10 -30.20 34.79
CA LEU A 61 10.52 -29.94 35.02
C LEU A 61 11.37 -30.81 34.11
N SER A 62 12.37 -30.18 33.47
CA SER A 62 13.31 -30.92 32.64
C SER A 62 14.26 -31.73 33.53
N GLY A 63 15.07 -32.57 32.87
CA GLY A 63 16.00 -33.41 33.61
C GLY A 63 16.95 -32.61 34.50
N ALA A 64 17.60 -31.60 33.92
CA ALA A 64 18.58 -30.82 34.68
C ALA A 64 17.90 -29.94 35.72
N ARG A 65 16.83 -29.26 35.32
CA ARG A 65 16.12 -28.39 36.25
C ARG A 65 15.54 -29.19 37.42
N LEU A 66 15.02 -30.39 37.12
CA LEU A 66 14.49 -31.24 38.19
C LEU A 66 15.60 -31.80 39.06
N ALA A 67 16.78 -32.09 38.48
CA ALA A 67 17.91 -32.52 39.30
C ALA A 67 18.29 -31.42 40.29
N ALA A 68 18.25 -30.17 39.84
CA ALA A 68 18.50 -29.04 40.71
C ALA A 68 17.46 -28.96 41.83
N ARG A 69 16.17 -29.09 41.48
CA ARG A 69 15.12 -29.09 42.48
C ARG A 69 15.32 -30.21 43.51
N GLU A 70 15.68 -31.40 43.03
CA GLU A 70 15.85 -32.56 43.92
C GLU A 70 17.02 -32.35 44.87
N ALA A 71 18.13 -31.81 44.35
CA ALA A 71 19.28 -31.56 45.21
C ALA A 71 18.97 -30.47 46.23
N HIS A 72 18.24 -29.44 45.83
CA HIS A 72 17.86 -28.39 46.78
C HIS A 72 16.98 -28.95 47.89
N ASN A 73 16.02 -29.81 47.53
CA ASN A 73 15.19 -30.45 48.56
C ASN A 73 16.06 -31.26 49.53
N ARG A 74 17.01 -32.03 48.99
CA ARG A 74 17.92 -32.78 49.87
C ARG A 74 18.72 -31.86 50.78
N ARG A 75 19.05 -30.66 50.30
CA ARG A 75 19.91 -29.76 51.06
C ARG A 75 19.17 -29.09 52.21
N CYS A 76 17.90 -28.71 52.01
CA CYS A 76 17.14 -28.00 53.03
C CYS A 76 16.75 -28.88 54.21
N GLN A 77 17.18 -30.14 54.24
CA GLN A 77 16.79 -31.04 55.31
C GLN A 77 17.55 -30.71 56.59
N PRO A 78 17.06 -31.18 57.74
CA PRO A 78 17.72 -30.86 59.00
C PRO A 78 19.16 -31.37 59.00
N PRO A 79 20.07 -30.63 59.65
CA PRO A 79 21.51 -30.95 59.52
C PRO A 79 21.93 -32.23 60.20
N LEU A 80 21.05 -32.85 60.98
CA LEU A 80 21.33 -34.11 61.65
C LEU A 80 20.29 -35.13 61.24
N SER A 81 20.73 -36.31 60.79
CA SER A 81 19.81 -37.39 60.55
C SER A 81 19.08 -37.75 61.84
N ARG A 82 17.88 -38.30 61.70
CA ARG A 82 17.14 -38.79 62.86
C ARG A 82 17.97 -39.81 63.64
N THR A 83 18.63 -40.71 62.91
CA THR A 83 19.50 -41.71 63.52
C THR A 83 20.64 -41.05 64.30
N GLN A 84 21.27 -40.05 63.69
CA GLN A 84 22.31 -39.30 64.38
C GLN A 84 21.78 -38.70 65.68
N CYS A 85 20.54 -38.22 65.66
CA CYS A 85 19.94 -37.64 66.86
C CYS A 85 19.82 -38.68 67.96
N VAL A 86 19.29 -39.86 67.63
CA VAL A 86 19.12 -40.89 68.66
C VAL A 86 20.47 -41.29 69.25
N GLU A 87 21.48 -41.44 68.40
CA GLU A 87 22.80 -41.83 68.88
C GLU A 87 23.41 -40.74 69.76
N ARG A 88 23.33 -39.49 69.32
CA ARG A 88 23.86 -38.38 70.12
C ARG A 88 23.15 -38.30 71.47
N TYR A 89 21.85 -38.61 71.50
CA TYR A 89 21.10 -38.56 72.75
C TYR A 89 21.57 -39.64 73.72
N LEU A 90 21.66 -40.88 73.23
CA LEU A 90 22.13 -41.96 74.09
C LEU A 90 23.53 -41.67 74.64
N LYS A 91 24.38 -41.02 73.84
CA LYS A 91 25.70 -40.66 74.34
C LYS A 91 25.64 -39.48 75.31
N PHE A 92 24.68 -38.57 75.11
CA PHE A 92 24.57 -37.36 75.94
C PHE A 92 24.15 -37.69 77.36
N ILE A 93 23.11 -38.54 77.51
CA ILE A 93 22.51 -38.85 78.81
C ILE A 93 23.37 -39.76 79.68
N GLU A 94 24.60 -40.07 79.24
N GLU A 94 24.63 -39.82 79.40
CA GLU A 94 25.64 -40.82 79.97
CA GLU A 94 25.52 -40.84 79.91
C GLU A 94 26.67 -39.91 80.61
C GLU A 94 26.87 -40.20 80.22
N LEU A 95 27.02 -38.86 79.91
CA LEU A 95 28.02 -37.87 80.27
C LEU A 95 27.70 -37.33 81.65
N PRO A 96 28.71 -36.93 82.43
CA PRO A 96 28.44 -36.21 83.68
C PRO A 96 27.73 -34.90 83.41
N LEU A 97 27.10 -34.36 84.46
CA LEU A 97 26.40 -33.08 84.33
C LEU A 97 27.32 -32.00 83.82
N THR A 98 28.54 -31.94 84.35
CA THR A 98 29.51 -30.89 84.02
C THR A 98 30.03 -31.02 82.60
N GLN A 99 29.54 -31.99 81.84
CA GLN A 99 29.90 -32.15 80.44
C GLN A 99 28.69 -32.13 79.51
N ARG A 100 27.48 -31.97 80.05
CA ARG A 100 26.28 -31.83 79.24
C ARG A 100 26.09 -30.34 78.93
N LYS A 101 26.36 -29.96 77.69
CA LYS A 101 26.20 -28.57 77.26
C LYS A 101 25.13 -28.48 76.18
N PHE A 102 24.51 -27.31 76.09
CA PHE A 102 23.51 -27.04 75.08
C PHE A 102 23.82 -25.69 74.45
N CYS A 103 23.95 -25.66 73.14
CA CYS A 103 24.23 -24.42 72.41
C CYS A 103 22.91 -23.78 72.01
N GLN A 104 22.70 -22.55 72.48
CA GLN A 104 21.44 -21.83 72.28
C GLN A 104 21.39 -21.10 70.95
N THR A 105 22.53 -20.59 70.47
CA THR A 105 22.55 -19.99 69.13
C THR A 105 22.32 -21.01 68.04
N CYS A 106 22.58 -22.29 68.33
CA CYS A 106 22.37 -23.36 67.37
C CYS A 106 21.19 -24.25 67.71
N GLN A 107 20.65 -24.16 68.92
CA GLN A 107 19.58 -25.04 69.38
C GLN A 107 19.98 -26.50 69.23
N GLN A 108 21.16 -26.83 69.77
CA GLN A 108 21.67 -28.19 69.63
C GLN A 108 22.30 -28.66 70.92
N LEU A 109 21.97 -29.88 71.32
CA LEU A 109 22.75 -30.55 72.35
C LEU A 109 24.18 -30.69 71.88
N LEU A 110 25.12 -30.67 72.83
CA LEU A 110 26.54 -30.65 72.50
C LEU A 110 27.23 -31.86 73.12
N LEU A 111 27.88 -32.65 72.29
CA LEU A 111 28.78 -33.67 72.80
C LEU A 111 30.15 -33.03 73.07
N PRO A 112 30.90 -33.57 74.04
CA PRO A 112 32.12 -32.86 74.48
C PRO A 112 33.15 -32.64 73.40
N ASP A 113 33.10 -33.39 72.30
CA ASP A 113 34.12 -33.25 71.27
C ASP A 113 33.89 -32.02 70.41
N ASP A 114 32.65 -31.72 70.04
CA ASP A 114 32.36 -30.53 69.25
C ASP A 114 31.91 -29.36 70.13
N TRP A 115 32.64 -29.13 71.22
CA TRP A 115 32.49 -27.88 71.98
C TRP A 115 33.25 -26.75 71.31
N GLY A 116 34.41 -27.06 70.73
CA GLY A 116 35.23 -26.03 70.12
C GLY A 116 34.52 -25.30 68.99
N GLN A 117 33.75 -26.04 68.19
CA GLN A 117 32.98 -25.42 67.12
C GLN A 117 31.94 -24.46 67.66
N HIS A 118 31.54 -24.62 68.92
CA HIS A 118 30.56 -23.74 69.55
C HIS A 118 31.17 -22.86 70.63
N SER A 119 32.47 -22.60 70.54
CA SER A 119 33.15 -21.83 71.58
C SER A 119 32.66 -20.39 71.64
N GLU A 120 32.65 -19.71 70.49
CA GLU A 120 32.25 -18.31 70.42
C GLU A 120 30.74 -18.13 70.29
N HIS A 121 29.97 -19.21 70.43
CA HIS A 121 28.51 -19.12 70.47
C HIS A 121 28.07 -18.84 71.90
N GLN A 122 26.75 -18.87 72.14
CA GLN A 122 26.18 -18.70 73.46
C GLN A 122 25.70 -20.07 73.93
N VAL A 123 26.43 -20.67 74.87
CA VAL A 123 26.23 -22.05 75.28
C VAL A 123 25.80 -22.10 76.73
N LEU A 124 24.84 -22.96 77.02
CA LEU A 124 24.34 -23.19 78.38
C LEU A 124 25.00 -24.46 78.93
N GLY A 125 25.50 -24.37 80.16
CA GLY A 125 26.19 -25.49 80.78
C GLY A 125 25.34 -26.19 81.83
N ASN A 126 25.80 -27.39 82.18
CA ASN A 126 25.13 -28.24 83.18
C ASN A 126 23.67 -28.47 82.83
N VAL A 127 23.44 -29.01 81.64
CA VAL A 127 22.10 -29.40 81.24
C VAL A 127 21.72 -30.67 81.98
N SER A 128 20.79 -30.56 82.93
CA SER A 128 20.39 -31.72 83.71
C SER A 128 19.38 -32.56 82.94
N ILE A 129 19.18 -33.78 83.42
CA ILE A 129 18.17 -34.66 82.83
C ILE A 129 16.78 -34.07 82.98
N THR A 130 16.56 -33.30 84.06
CA THR A 130 15.30 -32.59 84.23
C THR A 130 15.03 -31.67 83.04
N GLN A 131 16.05 -30.92 82.62
CA GLN A 131 15.90 -30.07 81.44
C GLN A 131 15.71 -30.91 80.17
N LEU A 132 16.48 -32.00 80.04
CA LEU A 132 16.38 -32.85 78.86
C LEU A 132 14.96 -33.38 78.66
N ARG A 133 14.24 -33.62 79.74
CA ARG A 133 12.87 -34.10 79.66
C ARG A 133 11.86 -32.97 79.61
N ARG A 134 12.33 -31.72 79.54
CA ARG A 134 11.47 -30.56 79.27
C ARG A 134 12.09 -29.75 78.15
N PRO A 135 12.11 -30.28 76.92
CA PRO A 135 12.69 -29.52 75.81
C PRO A 135 11.93 -28.25 75.49
N SER A 136 10.62 -28.22 75.76
CA SER A 136 9.82 -27.02 75.50
C SER A 136 10.32 -25.81 76.30
N GLN A 137 11.04 -26.04 77.39
CA GLN A 137 11.59 -24.96 78.20
C GLN A 137 13.05 -24.66 77.91
N LEU A 138 13.72 -25.48 77.09
CA LEU A 138 15.13 -25.29 76.78
C LEU A 138 15.33 -24.62 75.42
N LEU A 139 14.61 -25.09 74.40
CA LEU A 139 14.66 -24.46 73.09
C LEU A 139 13.78 -23.22 73.11
N TYR A 140 14.22 -22.17 72.41
CA TYR A 140 13.35 -21.01 72.24
C TYR A 140 12.22 -21.36 71.28
N PRO A 141 11.04 -20.80 71.49
CA PRO A 141 9.91 -21.11 70.60
C PRO A 141 10.01 -20.37 69.28
N LEU A 142 9.71 -21.09 68.19
CA LEU A 142 9.66 -20.52 66.85
C LEU A 142 8.31 -19.84 66.67
N GLU A 143 8.25 -18.55 67.03
CA GLU A 143 6.98 -17.85 67.16
C GLU A 143 6.46 -17.27 65.85
N ASN A 144 7.21 -17.39 64.75
CA ASN A 144 6.76 -16.85 63.47
C ASN A 144 5.42 -17.46 63.09
N ALA A 145 4.44 -16.59 62.83
CA ALA A 145 3.10 -17.06 62.50
C ALA A 145 3.03 -17.69 61.11
N ALA A 146 4.01 -17.42 60.25
CA ALA A 146 3.95 -17.89 58.88
C ALA A 146 4.49 -19.29 58.68
N THR A 147 5.27 -19.83 59.63
CA THR A 147 5.89 -21.13 59.45
C THR A 147 5.57 -22.11 60.59
N ASN A 148 5.95 -21.80 61.82
CA ASN A 148 5.74 -22.71 62.95
C ASN A 148 4.59 -22.29 63.85
N ALA A 149 4.51 -21.00 64.18
CA ALA A 149 3.52 -20.47 65.13
C ALA A 149 3.60 -21.20 66.46
N GLN A 150 4.82 -21.48 66.91
CA GLN A 150 5.04 -22.25 68.13
C GLN A 150 4.62 -21.44 69.35
N TYR A 151 3.35 -21.56 69.74
CA TYR A 151 2.82 -20.95 70.94
C TYR A 151 2.60 -22.06 71.96
N LEU A 152 3.31 -21.99 73.08
CA LEU A 152 3.35 -23.08 74.04
C LEU A 152 2.32 -22.87 75.14
N PHE A 153 1.75 -23.99 75.60
CA PHE A 153 0.72 -23.93 76.64
C PHE A 153 1.29 -23.32 77.92
N ALA A 154 0.44 -22.61 78.64
CA ALA A 154 0.80 -22.22 79.99
C ALA A 154 0.79 -23.45 80.90
N ASP A 155 1.70 -23.45 81.89
CA ASP A 155 1.89 -24.64 82.72
C ASP A 155 0.60 -25.11 83.37
N ARG A 156 -0.19 -24.16 83.89
CA ARG A 156 -1.44 -24.51 84.56
C ARG A 156 -2.37 -25.27 83.62
N SER A 157 -2.56 -24.73 82.41
CA SER A 157 -3.49 -25.36 81.46
C SER A 157 -2.97 -26.69 80.95
N CYS A 158 -1.66 -26.80 80.72
CA CYS A 158 -1.08 -28.05 80.26
C CYS A 158 -1.24 -29.14 81.31
N GLN A 159 -1.03 -28.79 82.59
CA GLN A 159 -1.26 -29.74 83.66
C GLN A 159 -2.73 -30.16 83.72
N PHE A 160 -3.64 -29.20 83.48
CA PHE A 160 -5.04 -29.58 83.38
C PHE A 160 -5.26 -30.60 82.26
N LEU A 161 -4.64 -30.40 81.10
CA LEU A 161 -4.86 -31.33 80.00
C LEU A 161 -4.36 -32.73 80.33
N VAL A 162 -3.18 -32.84 80.94
CA VAL A 162 -2.69 -34.18 81.28
C VAL A 162 -3.60 -34.83 82.32
N ASP A 163 -4.10 -34.05 83.28
CA ASP A 163 -5.00 -34.61 84.28
C ASP A 163 -6.33 -35.05 83.67
N LEU A 164 -6.85 -34.27 82.71
CA LEU A 164 -8.09 -34.64 82.05
C LEU A 164 -7.92 -35.93 81.25
N LEU A 165 -6.82 -36.02 80.51
CA LEU A 165 -6.57 -37.25 79.74
C LEU A 165 -6.43 -38.45 80.66
N SER A 166 -5.81 -38.26 81.84
CA SER A 166 -5.74 -39.35 82.81
C SER A 166 -7.13 -39.77 83.28
N ALA A 167 -7.90 -38.81 83.80
CA ALA A 167 -9.20 -39.14 84.38
C ALA A 167 -10.16 -39.73 83.36
N LEU A 168 -10.02 -39.34 82.08
CA LEU A 168 -10.87 -39.94 81.06
C LEU A 168 -10.53 -41.40 80.81
N GLY A 169 -9.27 -41.79 81.04
CA GLY A 169 -8.89 -43.18 80.95
C GLY A 169 -8.14 -43.56 79.69
N PHE A 170 -7.25 -42.68 79.23
CA PHE A 170 -6.43 -42.95 78.06
C PHE A 170 -5.02 -43.34 78.49
N ARG A 171 -4.43 -44.29 77.78
CA ARG A 171 -3.06 -44.72 78.00
C ARG A 171 -2.10 -44.22 76.94
N ARG A 172 -2.58 -43.97 75.74
CA ARG A 172 -1.76 -43.45 74.64
C ARG A 172 -2.33 -42.11 74.18
N VAL A 173 -1.46 -41.13 73.98
CA VAL A 173 -1.85 -39.83 73.49
C VAL A 173 -1.01 -39.54 72.25
N LEU A 174 -1.68 -39.43 71.10
CA LEU A 174 -1.00 -39.09 69.85
C LEU A 174 -0.93 -37.57 69.77
N CYS A 175 0.26 -37.03 70.00
CA CYS A 175 0.48 -35.58 70.07
C CYS A 175 0.97 -35.09 68.72
N VAL A 176 0.06 -34.60 67.89
CA VAL A 176 0.41 -34.00 66.61
C VAL A 176 0.44 -32.49 66.82
N GLY A 177 1.64 -31.92 66.94
CA GLY A 177 1.80 -30.49 67.06
C GLY A 177 1.67 -29.93 68.47
N THR A 178 1.90 -30.73 69.50
CA THR A 178 1.80 -30.29 70.89
C THR A 178 3.03 -30.76 71.65
N PRO A 179 4.16 -30.06 71.51
CA PRO A 179 5.39 -30.52 72.21
C PRO A 179 5.28 -30.50 73.72
N ARG A 180 4.78 -29.40 74.29
CA ARG A 180 4.73 -29.26 75.74
C ARG A 180 3.84 -30.31 76.38
N LEU A 181 2.66 -30.53 75.81
CA LEU A 181 1.76 -31.57 76.31
C LEU A 181 2.43 -32.93 76.30
N HIS A 182 3.15 -33.24 75.21
CA HIS A 182 3.94 -34.46 75.13
C HIS A 182 4.87 -34.62 76.33
N GLU A 183 5.71 -33.62 76.58
CA GLU A 183 6.71 -33.78 77.64
C GLU A 183 6.05 -33.89 79.01
N LEU A 184 4.96 -33.16 79.24
CA LEU A 184 4.31 -33.26 80.55
C LEU A 184 3.60 -34.59 80.73
N ILE A 185 3.03 -35.15 79.66
CA ILE A 185 2.50 -36.51 79.73
C ILE A 185 3.59 -37.48 80.18
N LYS A 186 4.77 -37.36 79.57
CA LYS A 186 5.86 -38.27 79.95
C LYS A 186 6.23 -38.10 81.42
N LEU A 187 6.26 -36.86 81.91
CA LEU A 187 6.66 -36.66 83.30
C LEU A 187 5.59 -37.13 84.29
N THR A 188 4.31 -37.02 83.93
CA THR A 188 3.27 -37.56 84.81
C THR A 188 3.20 -39.08 84.77
N ALA A 189 3.63 -39.70 83.68
CA ALA A 189 3.69 -41.16 83.63
C ALA A 189 4.93 -41.70 84.35
N SER A 190 6.05 -40.98 84.30
CA SER A 190 7.30 -41.50 84.84
C SER A 190 7.39 -41.31 86.36
N GLY A 191 7.12 -40.09 86.84
CA GLY A 191 7.37 -39.75 88.23
C GLY A 191 6.18 -39.97 89.13
N ASP A 192 6.43 -40.61 90.27
CA ASP A 192 5.52 -40.70 91.41
C ASP A 192 4.16 -41.31 91.09
N LYS A 193 3.98 -41.87 89.90
CA LYS A 193 2.69 -42.45 89.53
C LYS A 193 2.92 -43.68 88.66
N LYS A 194 2.29 -44.79 89.05
CA LYS A 194 2.27 -45.98 88.22
C LYS A 194 1.27 -45.87 87.07
N SER A 195 0.63 -44.71 86.91
CA SER A 195 -0.25 -44.48 85.77
C SER A 195 0.56 -44.51 84.48
N ASN A 196 0.21 -45.41 83.58
CA ASN A 196 0.93 -45.58 82.32
C ASN A 196 0.28 -44.72 81.25
N ILE A 197 1.00 -43.69 80.80
CA ILE A 197 0.58 -42.88 79.67
C ILE A 197 1.75 -42.77 78.70
N LYS A 198 1.57 -43.29 77.49
CA LYS A 198 2.54 -43.10 76.42
C LYS A 198 2.13 -41.90 75.57
N SER A 199 3.14 -41.26 74.97
CA SER A 199 2.91 -40.12 74.11
C SER A 199 3.85 -40.17 72.93
N LEU A 200 3.34 -39.85 71.75
CA LEU A 200 4.09 -39.94 70.49
C LEU A 200 3.96 -38.60 69.78
N LEU A 201 4.99 -37.76 69.91
CA LEU A 201 4.96 -36.41 69.36
C LEU A 201 5.11 -36.46 67.84
N LEU A 202 4.21 -35.79 67.13
CA LEU A 202 4.31 -35.59 65.69
C LEU A 202 4.48 -34.10 65.45
N ASP A 203 5.61 -33.72 64.85
CA ASP A 203 5.80 -32.29 64.68
C ASP A 203 6.81 -32.03 63.57
N ILE A 204 6.74 -30.82 63.00
CA ILE A 204 7.71 -30.40 61.98
C ILE A 204 8.96 -29.82 62.60
N ASP A 205 8.96 -29.55 63.90
CA ASP A 205 10.13 -28.99 64.59
C ASP A 205 11.14 -30.11 64.80
N PHE A 206 12.06 -30.24 63.85
CA PHE A 206 13.09 -31.27 63.93
C PHE A 206 14.00 -31.11 65.14
N ARG A 207 13.99 -29.94 65.77
CA ARG A 207 14.81 -29.72 66.96
C ARG A 207 14.41 -30.66 68.09
N TYR A 208 13.15 -31.08 68.15
CA TYR A 208 12.71 -32.03 69.17
C TYR A 208 13.17 -33.46 68.89
N SER A 209 13.88 -33.70 67.79
CA SER A 209 14.34 -35.05 67.49
C SER A 209 15.51 -35.46 68.37
N GLN A 210 16.36 -34.52 68.78
CA GLN A 210 17.50 -34.83 69.63
C GLN A 210 17.11 -35.05 71.09
N PHE A 211 15.83 -35.01 71.41
CA PHE A 211 15.37 -35.21 72.78
C PHE A 211 14.53 -36.45 72.98
N TYR A 212 13.89 -36.97 71.93
CA TYR A 212 13.05 -38.16 72.02
C TYR A 212 13.53 -39.21 71.04
N MET A 213 13.59 -40.45 71.52
CA MET A 213 14.01 -41.55 70.67
C MET A 213 12.89 -41.95 69.72
N GLU A 214 13.22 -42.83 68.78
CA GLU A 214 12.36 -43.11 67.63
C GLU A 214 10.95 -43.52 68.05
N ASP A 215 10.79 -44.09 69.25
CA ASP A 215 9.48 -44.53 69.69
C ASP A 215 8.59 -43.38 70.16
N SER A 216 9.14 -42.17 70.34
CA SER A 216 8.41 -41.08 70.95
C SER A 216 8.20 -39.86 70.04
N PHE A 217 9.01 -39.70 68.99
CA PHE A 217 8.88 -38.54 68.11
C PHE A 217 8.93 -38.95 66.65
N CYS A 218 8.19 -38.23 65.82
CA CYS A 218 8.27 -38.32 64.38
C CYS A 218 8.30 -36.92 63.77
N HIS A 219 9.32 -36.70 62.94
CA HIS A 219 9.37 -35.53 62.07
C HIS A 219 8.26 -35.67 61.04
N TYR A 220 7.27 -34.79 61.12
CA TYR A 220 5.99 -35.00 60.45
C TYR A 220 5.44 -33.66 60.01
N ASN A 221 5.05 -33.56 58.75
CA ASN A 221 4.36 -32.38 58.27
C ASN A 221 2.86 -32.63 58.32
N MET A 222 2.14 -31.69 58.94
CA MET A 222 0.75 -31.85 59.33
C MET A 222 -0.23 -31.46 58.24
N PHE A 223 0.23 -30.81 57.17
CA PHE A 223 -0.64 -30.34 56.11
C PHE A 223 -0.68 -31.28 54.90
N ASN A 224 0.22 -32.26 54.84
CA ASN A 224 0.27 -33.18 53.73
C ASN A 224 0.44 -34.63 54.16
N HIS A 225 0.50 -34.91 55.47
CA HIS A 225 0.67 -36.25 56.00
C HIS A 225 1.95 -36.89 55.46
N HIS A 226 3.08 -36.28 55.84
CA HIS A 226 4.39 -36.65 55.31
C HIS A 226 5.33 -36.97 56.47
N PHE A 227 5.95 -38.15 56.42
CA PHE A 227 6.95 -38.56 57.39
C PHE A 227 8.32 -38.36 56.78
N PHE A 228 9.06 -37.37 57.29
CA PHE A 228 10.33 -36.98 56.70
C PHE A 228 11.35 -38.09 56.70
N ASP A 229 11.21 -39.09 57.58
CA ASP A 229 12.17 -40.18 57.68
C ASP A 229 11.68 -41.46 57.03
N GLY A 230 10.50 -41.45 56.42
CA GLY A 230 10.08 -42.57 55.59
C GLY A 230 9.08 -43.49 56.25
N LYS A 231 9.03 -44.72 55.71
CA LYS A 231 8.01 -45.68 56.13
C LYS A 231 8.28 -46.23 57.51
N THR A 232 9.55 -46.28 57.93
CA THR A 232 9.86 -46.73 59.29
C THR A 232 9.15 -45.86 60.32
N ALA A 233 9.24 -44.53 60.16
CA ALA A 233 8.56 -43.61 61.07
C ALA A 233 7.04 -43.72 60.93
N LEU A 234 6.55 -43.79 59.68
CA LEU A 234 5.12 -43.96 59.47
C LEU A 234 4.59 -45.18 60.20
N GLU A 235 5.36 -46.26 60.20
CA GLU A 235 4.92 -47.48 60.86
C GLU A 235 5.02 -47.38 62.37
N VAL A 236 6.00 -46.62 62.89
CA VAL A 236 5.96 -46.26 64.30
C VAL A 236 4.60 -45.66 64.65
N CYS A 237 4.16 -44.70 63.84
CA CYS A 237 2.86 -44.06 64.09
C CYS A 237 1.71 -45.06 63.95
N ARG A 238 1.75 -45.90 62.91
CA ARG A 238 0.69 -46.86 62.68
C ARG A 238 0.54 -47.81 63.87
N ALA A 239 1.67 -48.34 64.37
CA ALA A 239 1.61 -49.23 65.52
C ALA A 239 1.11 -48.50 66.75
N PHE A 240 1.52 -47.24 66.92
CA PHE A 240 1.05 -46.48 68.08
C PHE A 240 -0.47 -46.30 68.04
N LEU A 241 -1.06 -46.19 66.84
CA LEU A 241 -2.52 -46.13 66.76
C LEU A 241 -3.17 -47.50 66.95
N GLN A 242 -2.61 -48.53 66.31
CA GLN A 242 -3.24 -49.86 66.26
C GLN A 242 -3.14 -50.63 67.57
N GLU A 243 -2.34 -50.17 68.52
CA GLU A 243 -2.08 -50.92 69.74
C GLU A 243 -3.36 -51.16 70.53
N ASP A 244 -3.40 -52.28 71.27
CA ASP A 244 -4.51 -52.63 72.15
C ASP A 244 -5.84 -52.70 71.39
N LYS A 245 -5.79 -53.26 70.17
CA LYS A 245 -6.94 -53.32 69.28
C LYS A 245 -7.54 -51.95 68.99
N GLY A 246 -6.75 -50.89 69.11
CA GLY A 246 -7.23 -49.55 68.84
C GLY A 246 -7.90 -48.84 69.99
N GLU A 247 -7.86 -49.40 71.20
CA GLU A 247 -8.51 -48.82 72.35
C GLU A 247 -7.49 -48.11 73.24
N GLY A 248 -7.98 -47.10 73.97
CA GLY A 248 -7.12 -46.38 74.89
C GLY A 248 -6.26 -45.32 74.24
N ILE A 249 -6.69 -44.74 73.14
CA ILE A 249 -5.89 -43.79 72.38
C ILE A 249 -6.71 -42.53 72.13
N ILE A 250 -6.04 -41.38 72.18
CA ILE A 250 -6.67 -40.09 71.90
C ILE A 250 -5.64 -39.21 71.21
N MET A 251 -6.10 -38.43 70.23
CA MET A 251 -5.23 -37.57 69.44
C MET A 251 -5.49 -36.12 69.80
N VAL A 252 -4.48 -35.44 70.34
CA VAL A 252 -4.57 -34.02 70.67
C VAL A 252 -3.76 -33.24 69.65
N THR A 253 -4.35 -32.17 69.13
CA THR A 253 -3.71 -31.34 68.11
C THR A 253 -3.86 -29.87 68.49
N ASP A 254 -2.80 -29.11 68.24
CA ASP A 254 -2.82 -27.65 68.36
C ASP A 254 -2.14 -27.06 67.13
N PRO A 255 -2.78 -27.17 65.97
CA PRO A 255 -2.15 -26.72 64.73
C PRO A 255 -1.91 -25.22 64.76
N PRO A 256 -1.07 -24.70 63.87
CA PRO A 256 -0.89 -23.25 63.81
C PRO A 256 -2.20 -22.53 63.50
N PHE A 257 -2.50 -21.50 64.29
CA PHE A 257 -3.85 -20.94 64.33
C PHE A 257 -4.26 -20.37 62.97
N GLY A 258 -3.35 -19.66 62.31
CA GLY A 258 -3.59 -19.19 60.97
C GLY A 258 -2.87 -20.07 59.98
N GLY A 259 -3.58 -21.09 59.51
CA GLY A 259 -3.13 -21.90 58.40
C GLY A 259 -4.37 -22.46 57.76
N LEU A 260 -4.24 -22.91 56.51
CA LEU A 260 -5.37 -23.51 55.82
C LEU A 260 -5.96 -24.62 56.68
N VAL A 261 -7.29 -24.67 56.74
CA VAL A 261 -7.96 -25.59 57.68
C VAL A 261 -8.58 -26.79 56.97
N GLU A 262 -8.70 -26.75 55.63
CA GLU A 262 -9.13 -27.95 54.93
C GLU A 262 -8.05 -29.04 54.89
N PRO A 263 -6.80 -28.78 54.49
CA PRO A 263 -5.82 -29.87 54.46
C PRO A 263 -5.55 -30.44 55.85
N LEU A 264 -5.76 -29.65 56.90
CA LEU A 264 -5.70 -30.19 58.26
C LEU A 264 -6.71 -31.32 58.44
N ALA A 265 -7.96 -31.08 58.04
CA ALA A 265 -8.98 -32.11 58.17
C ALA A 265 -8.65 -33.32 57.31
N ILE A 266 -8.09 -33.10 56.12
CA ILE A 266 -7.75 -34.25 55.27
C ILE A 266 -6.63 -35.07 55.90
N THR A 267 -5.64 -34.42 56.50
CA THR A 267 -4.58 -35.16 57.20
C THR A 267 -5.13 -35.90 58.42
N PHE A 268 -5.96 -35.23 59.21
CA PHE A 268 -6.54 -35.87 60.39
C PHE A 268 -7.38 -37.07 59.99
N LYS A 269 -8.05 -36.99 58.85
CA LYS A 269 -8.84 -38.12 58.38
C LYS A 269 -7.96 -39.25 57.88
N LYS A 270 -6.81 -38.92 57.30
CA LYS A 270 -5.83 -39.97 56.99
C LYS A 270 -5.40 -40.70 58.27
N LEU A 271 -5.15 -39.96 59.34
CA LEU A 271 -4.77 -40.58 60.61
C LEU A 271 -5.87 -41.49 61.14
N ILE A 272 -7.11 -40.99 61.14
CA ILE A 272 -8.24 -41.82 61.56
C ILE A 272 -8.35 -43.06 60.67
N ALA A 273 -8.00 -42.93 59.39
CA ALA A 273 -8.05 -44.07 58.49
C ALA A 273 -7.01 -45.12 58.89
N MET A 274 -5.85 -44.67 59.33
CA MET A 274 -4.87 -45.61 59.87
C MET A 274 -5.39 -46.31 61.12
N TRP A 275 -6.12 -45.58 61.96
CA TRP A 275 -6.64 -46.18 63.20
C TRP A 275 -7.79 -47.13 62.94
N LYS A 276 -8.59 -46.90 61.90
CA LYS A 276 -9.75 -47.75 61.59
C LYS A 276 -9.39 -49.01 60.82
N GLU A 277 -8.19 -49.10 60.26
CA GLU A 277 -7.80 -50.28 59.51
C GLU A 277 -7.77 -51.50 60.42
N GLY A 278 -8.26 -52.63 59.91
CA GLY A 278 -8.25 -53.87 60.64
C GLY A 278 -9.26 -53.97 61.76
N GLN A 279 -9.94 -52.88 62.12
CA GLN A 279 -10.96 -52.95 63.16
C GLN A 279 -12.17 -53.74 62.65
N SER A 280 -12.87 -54.36 63.59
CA SER A 280 -14.00 -55.23 63.25
C SER A 280 -15.01 -54.51 62.38
N GLN A 281 -15.39 -55.15 61.27
CA GLN A 281 -16.37 -54.57 60.37
C GLN A 281 -17.69 -54.34 61.09
N ASP A 282 -18.08 -55.27 61.97
CA ASP A 282 -19.31 -55.11 62.73
C ASP A 282 -19.24 -53.90 63.66
N ASP A 283 -18.10 -53.70 64.28
CA ASP A 283 -17.92 -52.64 65.29
C ASP A 283 -17.29 -51.39 64.68
N SER A 284 -17.89 -50.90 63.60
CA SER A 284 -17.41 -49.73 62.87
C SER A 284 -18.08 -48.43 63.30
N HIS A 285 -18.77 -48.43 64.44
CA HIS A 285 -19.48 -47.25 64.91
C HIS A 285 -18.63 -46.35 65.78
N LYS A 286 -17.36 -46.69 66.04
CA LYS A 286 -16.52 -45.86 66.87
C LYS A 286 -15.67 -44.93 66.01
N GLU A 287 -15.42 -43.74 66.53
CA GLU A 287 -14.46 -42.81 65.98
C GLU A 287 -13.32 -42.62 66.97
N LEU A 288 -12.16 -42.25 66.45
CA LEU A 288 -11.00 -42.01 67.29
C LEU A 288 -11.20 -40.75 68.12
N PRO A 289 -11.11 -40.83 69.45
CA PRO A 289 -11.26 -39.62 70.28
C PRO A 289 -10.21 -38.57 69.93
N ILE A 290 -10.68 -37.34 69.71
CA ILE A 290 -9.85 -36.25 69.21
C ILE A 290 -10.08 -35.01 70.06
N PHE A 291 -8.99 -34.34 70.42
CA PHE A 291 -9.00 -32.96 70.85
C PHE A 291 -8.40 -32.11 69.74
N TRP A 292 -9.17 -31.18 69.20
CA TRP A 292 -8.69 -30.19 68.26
C TRP A 292 -8.68 -28.87 69.01
N ILE A 293 -7.53 -28.45 69.49
CA ILE A 293 -7.38 -27.17 70.18
C ILE A 293 -7.23 -26.09 69.13
N PHE A 294 -8.08 -25.06 69.23
CA PHE A 294 -8.13 -24.05 68.19
C PHE A 294 -8.89 -22.83 68.70
N PRO A 295 -8.63 -21.63 68.18
CA PRO A 295 -9.43 -20.46 68.59
C PRO A 295 -10.90 -20.68 68.26
N TYR A 296 -11.76 -20.10 69.10
CA TYR A 296 -13.18 -20.47 69.07
C TYR A 296 -13.86 -20.05 67.77
N PHE A 297 -13.44 -18.94 67.17
CA PHE A 297 -14.13 -18.46 65.98
C PHE A 297 -13.91 -19.35 64.75
N PHE A 298 -13.21 -20.48 64.87
CA PHE A 298 -13.11 -21.45 63.80
C PHE A 298 -14.15 -22.56 63.89
N GLU A 299 -15.03 -22.50 64.91
CA GLU A 299 -15.97 -23.59 65.14
C GLU A 299 -16.74 -23.95 63.87
N SER A 300 -17.38 -22.96 63.25
CA SER A 300 -18.15 -23.19 62.03
C SER A 300 -17.35 -23.99 61.00
N ARG A 301 -16.05 -23.69 60.84
CA ARG A 301 -15.25 -24.41 59.87
C ARG A 301 -14.92 -25.82 60.34
N ILE A 302 -14.50 -25.94 61.61
CA ILE A 302 -14.09 -27.26 62.11
C ILE A 302 -15.26 -28.23 62.06
N CYS A 303 -16.40 -27.85 62.62
CA CYS A 303 -17.57 -28.71 62.63
C CYS A 303 -18.13 -28.96 61.24
N GLN A 304 -17.69 -28.21 60.23
CA GLN A 304 -18.08 -28.53 58.86
C GLN A 304 -17.36 -29.77 58.35
N PHE A 305 -16.17 -30.05 58.86
CA PHE A 305 -15.41 -31.23 58.46
C PHE A 305 -15.65 -32.41 59.39
N PHE A 306 -15.84 -32.16 60.69
CA PHE A 306 -16.07 -33.20 61.69
C PHE A 306 -17.40 -32.90 62.37
N PRO A 307 -18.51 -33.39 61.79
CA PRO A 307 -19.84 -33.07 62.35
C PRO A 307 -20.01 -33.46 63.81
N SER A 308 -19.18 -34.38 64.28
CA SER A 308 -19.29 -34.93 65.62
C SER A 308 -18.54 -34.13 66.67
N PHE A 309 -18.15 -32.89 66.36
CA PHE A 309 -17.33 -32.08 67.27
C PHE A 309 -18.18 -31.02 67.95
N GLN A 310 -18.03 -30.93 69.27
CA GLN A 310 -18.57 -29.84 70.07
C GLN A 310 -17.42 -29.10 70.76
N MET A 311 -17.68 -27.86 71.15
CA MET A 311 -16.66 -26.98 71.70
C MET A 311 -16.81 -26.91 73.22
N LEU A 312 -15.76 -27.32 73.93
CA LEU A 312 -15.73 -27.16 75.38
C LEU A 312 -15.51 -25.69 75.74
N ASP A 313 -15.90 -25.34 76.96
CA ASP A 313 -15.78 -23.97 77.45
C ASP A 313 -14.47 -23.71 78.19
N TYR A 314 -13.54 -24.65 78.18
CA TYR A 314 -12.26 -24.45 78.85
C TYR A 314 -11.43 -23.42 78.08
N GLN A 315 -11.01 -22.37 78.77
CA GLN A 315 -10.16 -21.35 78.17
C GLN A 315 -8.72 -21.82 78.25
N VAL A 316 -8.16 -22.24 77.12
CA VAL A 316 -6.80 -22.73 77.11
C VAL A 316 -5.84 -21.54 77.11
N ASP A 317 -4.96 -21.49 78.10
CA ASP A 317 -4.07 -20.35 78.29
C ASP A 317 -2.66 -20.70 77.85
N TYR A 318 -2.00 -19.74 77.18
CA TYR A 318 -0.67 -19.92 76.63
C TYR A 318 0.33 -19.02 77.34
N ASP A 319 1.59 -19.47 77.39
CA ASP A 319 2.67 -18.58 77.80
C ASP A 319 2.87 -17.45 76.79
N ASN A 320 2.68 -17.76 75.51
CA ASN A 320 2.82 -16.80 74.44
C ASN A 320 1.78 -17.09 73.38
N HIS A 321 1.30 -16.05 72.71
CA HIS A 321 0.31 -16.20 71.66
C HIS A 321 0.21 -14.90 70.90
N ALA A 322 -0.11 -15.00 69.60
CA ALA A 322 -0.34 -13.84 68.76
C ALA A 322 -1.77 -13.31 68.88
N LEU A 323 -2.69 -14.08 69.44
CA LEU A 323 -4.08 -13.65 69.58
C LEU A 323 -4.36 -12.87 70.86
N TYR A 324 -3.54 -13.03 71.89
CA TYR A 324 -3.75 -12.29 73.13
C TYR A 324 -2.47 -12.30 73.95
N LYS A 325 -2.12 -11.13 74.48
CA LYS A 325 -1.08 -10.98 75.48
C LYS A 325 -1.64 -10.17 76.64
N HIS A 326 -1.34 -10.60 77.86
CA HIS A 326 -1.92 -9.97 79.05
C HIS A 326 -1.46 -8.52 79.17
N GLY A 327 -2.43 -7.61 79.31
CA GLY A 327 -2.13 -6.20 79.41
C GLY A 327 -1.67 -5.75 80.80
N LYS A 328 -1.31 -4.48 80.90
CA LYS A 328 -0.93 -3.93 82.21
C LYS A 328 -2.11 -3.95 83.17
N THR A 329 -3.31 -3.62 82.68
CA THR A 329 -4.52 -3.78 83.49
C THR A 329 -4.58 -5.16 84.14
N GLY A 330 -4.15 -6.19 83.43
CA GLY A 330 -4.09 -7.52 84.01
C GLY A 330 -3.94 -8.60 82.96
N ARG A 331 -4.81 -9.60 83.02
CA ARG A 331 -4.81 -10.70 82.06
C ARG A 331 -6.01 -10.58 81.15
N LYS A 332 -5.76 -10.58 79.84
CA LYS A 332 -6.84 -10.72 78.88
C LYS A 332 -7.21 -12.20 78.73
N GLN A 333 -8.43 -12.45 78.27
CA GLN A 333 -8.90 -13.81 78.16
C GLN A 333 -8.36 -14.46 76.87
N SER A 334 -8.38 -15.79 76.85
CA SER A 334 -7.81 -16.54 75.74
C SER A 334 -8.91 -17.05 74.82
N PRO A 335 -8.82 -16.76 73.52
CA PRO A 335 -9.87 -17.21 72.59
C PRO A 335 -9.78 -18.68 72.22
N VAL A 336 -8.74 -19.39 72.65
CA VAL A 336 -8.49 -20.76 72.21
C VAL A 336 -9.29 -21.72 73.07
N ARG A 337 -10.00 -22.64 72.41
CA ARG A 337 -10.85 -23.64 73.05
C ARG A 337 -10.45 -25.04 72.59
N ILE A 338 -11.20 -26.02 73.08
CA ILE A 338 -11.02 -27.43 72.74
C ILE A 338 -12.25 -27.88 71.97
N PHE A 339 -12.03 -28.68 70.92
CA PHE A 339 -13.10 -29.22 70.10
C PHE A 339 -12.98 -30.74 70.09
N THR A 340 -13.99 -31.44 70.59
CA THR A 340 -13.88 -32.88 70.76
C THR A 340 -15.15 -33.58 70.27
N ASN A 341 -14.99 -34.86 69.97
CA ASN A 341 -16.11 -35.77 69.82
C ASN A 341 -16.41 -36.52 71.11
N ILE A 342 -15.72 -36.18 72.19
CA ILE A 342 -15.99 -36.74 73.51
C ILE A 342 -17.20 -36.01 74.09
N PRO A 343 -18.20 -36.72 74.62
CA PRO A 343 -19.37 -36.07 75.20
C PRO A 343 -18.97 -35.09 76.29
N PRO A 344 -19.24 -33.79 76.09
CA PRO A 344 -18.80 -32.79 77.08
C PRO A 344 -19.34 -32.99 78.48
N ASN A 345 -20.38 -33.82 78.66
CA ASN A 345 -20.83 -34.13 80.01
C ASN A 345 -19.89 -35.08 80.73
N LYS A 346 -19.01 -35.77 79.99
CA LYS A 346 -17.99 -36.61 80.61
C LYS A 346 -16.74 -35.83 81.00
N ILE A 347 -16.65 -34.55 80.61
CA ILE A 347 -15.46 -33.75 80.82
C ILE A 347 -15.74 -32.76 81.95
N ILE A 348 -14.94 -32.82 83.00
CA ILE A 348 -15.08 -31.99 84.18
C ILE A 348 -13.96 -30.96 84.19
N LEU A 349 -14.33 -29.69 84.23
CA LEU A 349 -13.42 -28.56 84.24
C LEU A 349 -13.05 -28.20 85.68
N PRO A 350 -11.88 -27.63 85.91
CA PRO A 350 -11.45 -27.36 87.30
C PRO A 350 -12.30 -26.29 87.95
N THR A 351 -13.00 -26.67 89.01
CA THR A 351 -13.82 -25.71 89.75
C THR A 351 -12.99 -24.68 90.49
N GLU A 352 -11.69 -24.89 90.62
CA GLU A 352 -10.79 -23.95 91.26
C GLU A 352 -10.22 -22.93 90.28
N GLU A 353 -10.64 -22.95 89.01
CA GLU A 353 -10.23 -21.98 88.03
C GLU A 353 -11.34 -21.01 87.66
N GLY A 354 -12.54 -21.20 88.21
CA GLY A 354 -13.69 -20.44 87.78
C GLY A 354 -14.48 -21.20 86.75
N TYR A 355 -14.93 -22.40 87.12
CA TYR A 355 -15.70 -23.25 86.23
C TYR A 355 -16.76 -23.98 87.03
N ARG A 356 -18.01 -23.89 86.56
CA ARG A 356 -19.15 -24.48 87.24
C ARG A 356 -19.92 -25.34 86.24
N PHE A 357 -20.66 -26.30 86.75
CA PHE A 357 -21.43 -27.22 85.91
C PHE A 357 -22.79 -26.61 85.62
N CYS A 358 -23.09 -26.36 84.34
CA CYS A 358 -24.36 -25.77 83.96
C CYS A 358 -25.35 -26.90 83.69
N SER A 359 -26.32 -27.06 84.60
CA SER A 359 -27.30 -28.14 84.44
C SER A 359 -28.12 -28.06 83.17
N PRO A 360 -28.59 -26.89 82.72
CA PRO A 360 -29.35 -26.87 81.45
C PRO A 360 -28.59 -27.46 80.27
N CYS A 361 -27.38 -26.99 80.01
CA CYS A 361 -26.51 -27.60 79.00
C CYS A 361 -25.52 -28.48 79.75
N GLN A 362 -25.90 -29.74 79.94
CA GLN A 362 -25.12 -30.70 80.74
CA GLN A 362 -25.12 -30.70 80.74
C GLN A 362 -23.65 -30.71 80.35
N ARG A 363 -22.91 -29.71 80.82
CA ARG A 363 -21.48 -29.57 80.61
C ARG A 363 -20.99 -28.43 81.50
N TYR A 364 -19.69 -28.42 81.75
CA TYR A 364 -19.11 -27.36 82.57
C TYR A 364 -18.89 -26.11 81.72
N VAL A 365 -19.05 -24.95 82.37
CA VAL A 365 -19.00 -23.65 81.72
C VAL A 365 -18.18 -22.71 82.60
N SER A 366 -17.86 -21.55 82.03
CA SER A 366 -17.06 -20.55 82.72
C SER A 366 -17.87 -19.87 83.81
N LEU A 367 -17.15 -19.21 84.72
CA LEU A 367 -17.78 -18.54 85.85
C LEU A 367 -18.48 -17.25 85.43
N GLU A 368 -17.94 -16.56 84.43
CA GLU A 368 -18.53 -15.32 83.91
C GLU A 368 -19.45 -15.57 82.72
N ASN A 369 -19.86 -16.81 82.51
CA ASN A 369 -20.64 -17.19 81.33
C ASN A 369 -22.11 -17.27 81.70
N GLN A 370 -22.93 -16.39 81.12
CA GLN A 370 -24.37 -16.45 81.31
C GLN A 370 -24.98 -17.46 80.36
N HIS A 371 -26.08 -18.07 80.80
CA HIS A 371 -26.74 -19.16 80.07
C HIS A 371 -27.89 -18.57 79.25
N CYS A 372 -27.75 -18.63 77.92
CA CYS A 372 -28.83 -18.16 77.05
C CYS A 372 -29.89 -19.25 76.92
N GLU A 373 -31.10 -18.94 77.37
CA GLU A 373 -32.19 -19.90 77.42
C GLU A 373 -32.91 -20.08 76.11
N LEU A 374 -32.53 -19.34 75.06
CA LEU A 374 -33.27 -19.39 73.81
C LEU A 374 -32.51 -20.08 72.70
N CYS A 375 -31.23 -20.36 72.90
CA CYS A 375 -30.51 -21.34 72.11
C CYS A 375 -29.87 -22.41 72.99
N ASN A 376 -30.29 -22.47 74.26
CA ASN A 376 -30.02 -23.61 75.16
C ASN A 376 -28.53 -23.90 75.30
N SER A 377 -27.77 -22.87 75.66
CA SER A 377 -26.35 -23.04 75.90
C SER A 377 -25.79 -21.77 76.52
N CYS A 378 -24.81 -21.94 77.42
CA CYS A 378 -24.04 -20.80 77.91
C CYS A 378 -23.26 -20.22 76.73
N THR A 379 -23.72 -19.07 76.23
CA THR A 379 -23.37 -18.61 74.90
C THR A 379 -22.28 -17.56 74.85
N SER A 380 -21.99 -16.88 75.95
CA SER A 380 -21.04 -15.77 75.93
C SER A 380 -19.60 -16.29 75.78
N LYS A 381 -19.13 -16.37 74.53
CA LYS A 381 -17.80 -16.93 74.29
C LYS A 381 -16.71 -15.94 74.67
N ASP A 382 -16.94 -14.66 74.46
CA ASP A 382 -15.94 -13.64 74.75
C ASP A 382 -15.88 -13.41 76.25
N GLY A 383 -15.10 -12.41 76.68
CA GLY A 383 -15.04 -12.03 78.07
C GLY A 383 -16.20 -11.18 78.54
N ARG A 384 -17.20 -10.96 77.70
CA ARG A 384 -18.34 -10.09 77.99
C ARG A 384 -19.63 -10.89 77.98
N LYS A 385 -20.74 -10.18 78.18
CA LYS A 385 -22.07 -10.77 78.20
C LYS A 385 -22.75 -10.52 76.86
N TRP A 386 -23.10 -11.60 76.16
CA TRP A 386 -23.60 -11.51 74.80
C TRP A 386 -25.10 -11.22 74.79
N ASN A 387 -25.63 -10.97 73.59
CA ASN A 387 -27.06 -10.69 73.45
C ASN A 387 -27.68 -11.64 72.44
N HIS A 388 -28.97 -11.94 72.64
CA HIS A 388 -29.69 -12.89 71.79
C HIS A 388 -30.54 -12.14 70.77
N CYS A 389 -30.18 -12.26 69.50
CA CYS A 389 -31.03 -11.79 68.41
C CYS A 389 -32.01 -12.92 68.04
N PHE A 390 -33.29 -12.56 67.96
CA PHE A 390 -34.36 -13.53 67.77
C PHE A 390 -34.68 -13.79 66.31
N LEU A 391 -34.42 -12.82 65.43
CA LEU A 391 -34.67 -13.04 64.01
C LEU A 391 -33.58 -13.93 63.42
N CYS A 392 -32.34 -13.79 63.89
CA CYS A 392 -31.28 -14.72 63.51
C CYS A 392 -31.30 -15.98 64.37
N LYS A 393 -32.09 -16.00 65.44
CA LYS A 393 -32.23 -17.17 66.32
C LYS A 393 -30.89 -17.60 66.88
N LYS A 394 -30.13 -16.64 67.41
CA LYS A 394 -28.80 -16.95 67.93
C LYS A 394 -28.37 -15.84 68.87
N CYS A 395 -27.15 -15.96 69.37
CA CYS A 395 -26.54 -14.95 70.23
C CYS A 395 -25.32 -14.37 69.52
N VAL A 396 -25.25 -13.04 69.46
CA VAL A 396 -24.12 -12.36 68.87
C VAL A 396 -23.44 -11.50 69.94
N LYS A 397 -22.20 -11.14 69.63
CA LYS A 397 -21.39 -10.34 70.54
C LYS A 397 -22.09 -9.00 70.81
N PRO A 398 -21.96 -8.46 72.02
CA PRO A 398 -22.76 -7.28 72.40
C PRO A 398 -22.51 -6.05 71.53
N SER A 399 -21.42 -6.01 70.78
CA SER A 399 -21.14 -4.89 69.89
C SER A 399 -21.84 -5.01 68.55
N TRP A 400 -22.48 -6.13 68.26
CA TRP A 400 -23.16 -6.32 66.99
C TRP A 400 -24.59 -5.79 67.06
N ILE A 401 -25.13 -5.47 65.90
CA ILE A 401 -26.48 -4.96 65.73
C ILE A 401 -27.20 -5.81 64.70
N HIS A 402 -28.52 -5.71 64.73
CA HIS A 402 -29.39 -6.33 63.73
C HIS A 402 -29.67 -5.30 62.65
N CYS A 403 -29.06 -5.48 61.47
CA CYS A 403 -29.13 -4.50 60.41
C CYS A 403 -30.37 -4.70 59.55
N SER A 404 -31.02 -3.59 59.19
CA SER A 404 -32.13 -3.64 58.25
C SER A 404 -31.60 -3.86 56.84
N ILE A 405 -32.46 -4.46 56.00
CA ILE A 405 -32.12 -4.86 54.63
C ILE A 405 -31.14 -6.02 54.65
N CYS A 406 -30.06 -5.90 55.44
CA CYS A 406 -29.16 -7.03 55.62
C CYS A 406 -29.86 -8.20 56.29
N ASN A 407 -30.66 -7.92 57.32
CA ASN A 407 -31.49 -8.88 58.04
C ASN A 407 -30.68 -9.93 58.79
N HIS A 408 -29.36 -9.76 58.87
CA HIS A 408 -28.51 -10.61 59.68
C HIS A 408 -27.63 -9.73 60.55
N CYS A 409 -27.10 -10.30 61.63
CA CYS A 409 -26.39 -9.53 62.63
C CYS A 409 -24.93 -9.30 62.25
N ALA A 410 -24.43 -8.12 62.54
CA ALA A 410 -23.03 -7.78 62.27
C ALA A 410 -22.70 -6.46 62.97
N VAL A 411 -21.43 -6.07 62.90
CA VAL A 411 -20.96 -4.86 63.57
C VAL A 411 -21.42 -3.63 62.79
N PRO A 412 -21.60 -2.49 63.45
CA PRO A 412 -21.54 -1.22 62.71
C PRO A 412 -20.21 -1.11 61.98
N ASP A 413 -20.22 -0.37 60.86
CA ASP A 413 -19.09 -0.27 59.95
C ASP A 413 -18.82 -1.62 59.27
N HIS A 414 -19.87 -2.21 58.72
CA HIS A 414 -19.78 -3.44 57.95
C HIS A 414 -20.27 -3.20 56.53
N SER A 415 -20.11 -4.22 55.69
CA SER A 415 -20.53 -4.15 54.29
C SER A 415 -21.96 -4.65 54.18
N CYS A 416 -22.84 -3.82 53.65
CA CYS A 416 -24.26 -4.16 53.55
C CYS A 416 -24.53 -5.00 52.32
N GLU A 417 -25.46 -5.95 52.46
CA GLU A 417 -25.80 -6.89 51.40
C GLU A 417 -27.29 -7.17 51.43
N GLY A 418 -27.89 -7.33 50.26
CA GLY A 418 -29.30 -7.66 50.15
C GLY A 418 -30.23 -6.57 50.63
N VAL B 6 -27.85 16.53 -48.97
CA VAL B 6 -27.62 17.20 -47.71
C VAL B 6 -27.47 16.18 -46.57
N LEU B 7 -28.18 15.06 -46.68
CA LEU B 7 -28.21 14.05 -45.62
C LEU B 7 -27.97 12.67 -46.22
N PRO B 8 -26.82 12.04 -45.94
CA PRO B 8 -26.58 10.67 -46.42
C PRO B 8 -26.27 9.65 -45.33
N LEU B 9 -26.76 8.41 -45.49
CA LEU B 9 -26.56 7.35 -44.52
C LEU B 9 -27.19 6.03 -44.99
N ASP B 10 -26.44 4.92 -44.94
CA ASP B 10 -27.01 3.65 -45.40
C ASP B 10 -26.20 2.46 -44.88
N PRO B 11 -26.85 1.45 -44.28
CA PRO B 11 -26.12 0.26 -43.82
C PRO B 11 -25.79 -0.77 -44.89
N ALA B 12 -26.72 -1.05 -45.82
CA ALA B 12 -26.57 -2.22 -46.68
C ALA B 12 -26.73 -1.96 -48.18
N VAL B 13 -27.07 -0.75 -48.61
CA VAL B 13 -27.30 -0.49 -50.03
C VAL B 13 -25.97 -0.38 -50.77
N PRO B 14 -25.86 -0.93 -52.00
CA PRO B 14 -24.57 -0.95 -52.70
C PRO B 14 -24.44 0.08 -53.82
N ALA B 15 -23.54 1.05 -53.64
CA ALA B 15 -23.33 2.14 -54.58
C ALA B 15 -22.11 1.89 -55.45
N PRO B 16 -22.00 2.59 -56.59
CA PRO B 16 -20.83 2.40 -57.45
C PRO B 16 -19.54 2.81 -56.76
N LEU B 17 -18.45 2.17 -57.17
CA LEU B 17 -17.16 2.28 -56.47
C LEU B 17 -16.39 3.49 -56.99
N CYS B 18 -16.32 4.55 -56.18
CA CYS B 18 -15.45 5.66 -56.51
C CYS B 18 -14.00 5.26 -56.22
N PRO B 19 -13.03 6.04 -56.70
CA PRO B 19 -11.61 5.68 -56.50
C PRO B 19 -11.24 5.27 -55.08
N HIS B 20 -11.96 5.74 -54.05
CA HIS B 20 -11.75 5.26 -52.67
C HIS B 20 -13.09 4.84 -52.09
N GLY B 21 -13.49 3.59 -52.38
CA GLY B 21 -14.66 3.00 -51.77
C GLY B 21 -15.95 3.37 -52.46
N PRO B 22 -17.04 2.67 -52.09
CA PRO B 22 -18.35 3.01 -52.65
C PRO B 22 -18.82 4.38 -52.17
N THR B 23 -19.62 5.02 -53.02
CA THR B 23 -20.08 6.37 -52.75
C THR B 23 -21.27 6.36 -51.81
N LEU B 24 -21.52 7.51 -51.18
CA LEU B 24 -22.72 7.73 -50.40
C LEU B 24 -23.77 8.42 -51.26
N LEU B 25 -25.03 8.08 -51.02
CA LEU B 25 -26.14 8.61 -51.80
C LEU B 25 -26.59 9.95 -51.22
N PHE B 26 -26.58 10.98 -52.05
CA PHE B 26 -26.99 12.31 -51.61
C PHE B 26 -28.48 12.53 -51.85
N ALA B 41 -22.30 11.17 -54.92
CA ALA B 41 -20.94 11.69 -55.03
C ALA B 41 -20.01 11.04 -54.02
N CYS B 42 -18.82 11.61 -53.88
CA CYS B 42 -17.69 10.92 -53.25
C CYS B 42 -17.93 10.70 -51.76
N SER B 43 -16.97 10.01 -51.12
CA SER B 43 -17.06 9.56 -49.74
C SER B 43 -15.99 10.16 -48.84
N ALA B 44 -14.72 10.01 -49.21
CA ALA B 44 -13.60 10.44 -48.37
C ALA B 44 -12.97 11.74 -48.85
N CYS B 45 -13.65 12.48 -49.72
CA CYS B 45 -13.20 13.79 -50.17
C CYS B 45 -14.38 14.75 -50.03
N ARG B 46 -14.15 15.88 -49.38
CA ARG B 46 -15.27 16.74 -49.00
C ARG B 46 -15.78 17.59 -50.14
N ASP B 47 -14.95 17.92 -51.12
CA ASP B 47 -15.41 18.57 -52.35
C ASP B 47 -14.87 17.82 -53.56
N ARG B 48 -15.46 18.13 -54.72
CA ARG B 48 -15.21 17.40 -55.95
C ARG B 48 -13.91 17.80 -56.65
N LYS B 49 -13.06 18.61 -56.02
CA LYS B 49 -11.81 18.99 -56.67
C LYS B 49 -10.87 17.80 -56.80
N ASP B 50 -10.95 16.83 -55.89
CA ASP B 50 -10.12 15.63 -55.95
C ASP B 50 -10.83 14.46 -56.61
N CYS B 51 -12.04 14.12 -56.15
CA CYS B 51 -12.80 12.99 -56.66
C CYS B 51 -14.09 13.52 -57.27
N ASN B 52 -14.08 13.73 -58.58
CA ASN B 52 -15.23 14.27 -59.30
C ASN B 52 -16.10 13.11 -59.76
N PHE B 53 -16.96 12.64 -58.85
CA PHE B 53 -17.89 11.56 -59.13
C PHE B 53 -19.31 12.06 -58.98
N PHE B 54 -20.16 11.76 -59.96
CA PHE B 54 -21.57 12.15 -59.94
C PHE B 54 -22.39 11.06 -60.57
N GLN B 55 -23.32 10.48 -59.82
CA GLN B 55 -24.19 9.42 -60.32
C GLN B 55 -25.55 9.58 -59.66
N TRP B 56 -26.57 9.91 -60.46
CA TRP B 56 -27.91 10.02 -59.93
C TRP B 56 -28.48 8.63 -59.65
N GLU B 57 -29.50 8.60 -58.79
CA GLU B 57 -30.12 7.33 -58.43
C GLU B 57 -30.79 6.67 -59.63
N ASP B 58 -31.33 7.47 -60.55
CA ASP B 58 -31.94 6.94 -61.76
C ASP B 58 -30.95 6.79 -62.91
N GLU B 59 -29.88 7.58 -62.90
CA GLU B 59 -28.87 7.50 -63.95
C GLU B 59 -28.10 6.20 -63.82
N LYS B 60 -28.21 5.34 -64.81
CA LYS B 60 -27.59 4.02 -64.81
C LYS B 60 -26.40 3.99 -65.77
N LEU B 61 -25.67 2.89 -65.73
CA LEU B 61 -24.49 2.70 -66.55
C LEU B 61 -24.88 2.17 -67.93
N SER B 62 -24.06 2.54 -68.93
CA SER B 62 -24.32 2.19 -70.31
C SER B 62 -23.58 0.94 -70.77
N GLY B 63 -22.72 0.37 -69.94
CA GLY B 63 -21.96 -0.81 -70.32
C GLY B 63 -20.54 -0.48 -70.72
N ALA B 64 -20.37 0.24 -71.83
CA ALA B 64 -19.04 0.70 -72.22
C ALA B 64 -18.58 1.85 -71.36
N ARG B 65 -19.43 2.86 -71.19
CA ARG B 65 -19.11 4.00 -70.33
C ARG B 65 -18.91 3.58 -68.88
N LEU B 66 -19.47 2.45 -68.46
CA LEU B 66 -19.25 1.96 -67.12
C LEU B 66 -17.84 1.40 -66.96
N ALA B 67 -17.43 0.55 -67.89
CA ALA B 67 -16.09 -0.02 -67.84
C ALA B 67 -15.04 1.07 -67.96
N ALA B 68 -15.34 2.15 -68.68
CA ALA B 68 -14.41 3.27 -68.76
C ALA B 68 -14.11 3.84 -67.36
N ARG B 69 -15.16 4.04 -66.56
CA ARG B 69 -14.98 4.58 -65.22
C ARG B 69 -14.28 3.57 -64.32
N GLU B 70 -14.64 2.29 -64.43
CA GLU B 70 -13.96 1.28 -63.61
C GLU B 70 -12.48 1.20 -63.93
N ALA B 71 -12.12 1.39 -65.21
CA ALA B 71 -10.71 1.35 -65.60
C ALA B 71 -9.99 2.62 -65.15
N HIS B 72 -10.66 3.77 -65.20
CA HIS B 72 -10.04 4.99 -64.72
C HIS B 72 -9.84 4.96 -63.21
N ASN B 73 -10.65 4.17 -62.50
CA ASN B 73 -10.49 4.05 -61.05
C ASN B 73 -9.14 3.44 -60.69
N ARG B 74 -8.55 2.64 -61.59
CA ARG B 74 -7.27 2.00 -61.28
C ARG B 74 -6.09 2.95 -61.45
N ARG B 75 -6.23 3.98 -62.29
CA ARG B 75 -5.14 4.91 -62.51
C ARG B 75 -4.96 5.87 -61.33
N CYS B 76 -6.01 6.12 -60.56
CA CYS B 76 -5.93 6.97 -59.39
C CYS B 76 -5.65 6.19 -58.11
N GLN B 77 -5.77 4.87 -58.14
CA GLN B 77 -5.32 4.05 -57.03
C GLN B 77 -3.81 4.10 -56.94
N PRO B 78 -3.24 3.85 -55.75
CA PRO B 78 -1.79 3.97 -55.57
C PRO B 78 -1.03 3.06 -56.53
N PRO B 79 0.10 3.52 -57.06
CA PRO B 79 0.88 2.63 -57.94
C PRO B 79 1.47 1.44 -57.21
N LEU B 80 2.02 1.66 -56.01
CA LEU B 80 2.53 0.56 -55.20
C LEU B 80 1.38 -0.21 -54.58
N SER B 81 1.50 -1.53 -54.55
CA SER B 81 0.49 -2.36 -53.91
C SER B 81 0.87 -2.58 -52.45
N ARG B 82 -0.11 -3.07 -51.67
CA ARG B 82 0.12 -3.36 -50.26
C ARG B 82 1.21 -4.41 -50.10
N THR B 83 1.11 -5.49 -50.88
CA THR B 83 2.14 -6.53 -50.86
C THR B 83 3.50 -5.96 -51.23
N GLN B 84 3.55 -5.10 -52.26
CA GLN B 84 4.82 -4.50 -52.64
C GLN B 84 5.35 -3.58 -51.54
N CYS B 85 4.46 -2.91 -50.80
CA CYS B 85 4.91 -2.08 -49.70
C CYS B 85 5.56 -2.92 -48.61
N VAL B 86 4.94 -4.04 -48.24
CA VAL B 86 5.58 -4.93 -47.25
C VAL B 86 6.88 -5.51 -47.80
N GLU B 87 6.88 -5.89 -49.09
CA GLU B 87 8.05 -6.50 -49.69
C GLU B 87 9.24 -5.54 -49.69
N ARG B 88 8.98 -4.26 -49.93
CA ARG B 88 10.06 -3.28 -49.88
C ARG B 88 10.40 -2.89 -48.44
N TYR B 89 9.44 -3.00 -47.52
CA TYR B 89 9.72 -2.69 -46.12
C TYR B 89 10.74 -3.67 -45.54
N LEU B 90 10.54 -4.97 -45.78
CA LEU B 90 11.52 -5.96 -45.32
C LEU B 90 12.92 -5.65 -45.87
N LYS B 91 13.02 -5.53 -47.19
CA LYS B 91 14.31 -5.24 -47.82
C LYS B 91 14.93 -3.97 -47.26
N PHE B 92 14.11 -2.94 -47.03
CA PHE B 92 14.64 -1.67 -46.57
C PHE B 92 15.22 -1.78 -45.17
N ILE B 93 14.56 -2.54 -44.29
CA ILE B 93 15.15 -2.74 -42.97
C ILE B 93 16.32 -3.70 -43.01
N GLU B 94 16.59 -4.33 -44.16
CA GLU B 94 17.81 -5.11 -44.29
C GLU B 94 19.02 -4.29 -44.74
N LEU B 95 18.80 -3.14 -45.37
CA LEU B 95 19.90 -2.34 -45.90
C LEU B 95 20.72 -1.70 -44.79
N PRO B 96 21.95 -1.30 -45.07
CA PRO B 96 22.75 -0.55 -44.09
C PRO B 96 22.33 0.92 -44.05
N LEU B 97 22.99 1.68 -43.18
CA LEU B 97 22.54 3.04 -42.91
C LEU B 97 22.85 3.98 -44.09
N THR B 98 24.04 3.86 -44.67
CA THR B 98 24.40 4.73 -45.78
C THR B 98 23.63 4.43 -47.07
N GLN B 99 22.81 3.38 -47.08
CA GLN B 99 22.02 3.01 -48.25
C GLN B 99 20.53 3.28 -48.09
N ARG B 100 20.08 3.63 -46.88
CA ARG B 100 18.66 3.87 -46.62
C ARG B 100 18.34 5.32 -46.99
N LYS B 101 17.78 5.51 -48.18
CA LYS B 101 17.37 6.82 -48.66
C LYS B 101 15.85 6.94 -48.63
N PHE B 102 15.38 8.14 -48.34
CA PHE B 102 13.95 8.44 -48.28
C PHE B 102 13.68 9.69 -49.09
N CYS B 103 12.90 9.55 -50.16
CA CYS B 103 12.56 10.68 -51.02
C CYS B 103 11.44 11.49 -50.36
N GLN B 104 11.71 12.78 -50.14
CA GLN B 104 10.76 13.69 -49.53
C GLN B 104 9.71 14.17 -50.53
N THR B 105 10.15 14.48 -51.76
CA THR B 105 9.20 14.90 -52.79
C THR B 105 8.22 13.78 -53.13
N CYS B 106 8.72 12.55 -53.24
CA CYS B 106 7.88 11.40 -53.50
C CYS B 106 7.29 10.80 -52.22
N GLN B 107 7.81 11.19 -51.05
CA GLN B 107 7.39 10.61 -49.76
C GLN B 107 7.44 9.08 -49.83
N GLN B 108 8.55 8.56 -50.34
CA GLN B 108 8.71 7.13 -50.56
C GLN B 108 10.04 6.66 -49.98
N LEU B 109 10.01 5.52 -49.28
CA LEU B 109 11.25 4.80 -49.02
C LEU B 109 11.86 4.38 -50.35
N LEU B 110 13.19 4.36 -50.42
CA LEU B 110 13.86 4.07 -51.67
C LEU B 110 14.82 2.91 -51.50
N LEU B 111 14.68 1.91 -52.36
CA LEU B 111 15.71 0.91 -52.55
C LEU B 111 16.84 1.52 -53.39
N PRO B 112 18.05 0.97 -53.31
CA PRO B 112 19.16 1.58 -54.08
C PRO B 112 18.91 1.66 -55.56
N ASP B 113 18.40 0.59 -56.17
CA ASP B 113 18.21 0.56 -57.62
C ASP B 113 17.29 1.66 -58.13
N ASP B 114 16.45 2.22 -57.27
CA ASP B 114 15.51 3.25 -57.69
C ASP B 114 16.08 4.67 -57.64
N TRP B 115 17.31 4.83 -57.11
CA TRP B 115 17.88 6.17 -56.95
C TRP B 115 17.90 6.94 -58.25
N GLY B 116 18.07 6.24 -59.38
CA GLY B 116 18.11 6.92 -60.67
C GLY B 116 16.84 7.68 -60.97
N GLN B 117 15.68 7.12 -60.61
CA GLN B 117 14.43 7.82 -60.84
C GLN B 117 14.19 8.93 -59.83
N HIS B 118 14.99 8.99 -58.76
CA HIS B 118 14.85 10.02 -57.73
C HIS B 118 16.13 10.83 -57.57
N SER B 119 16.98 10.85 -58.59
CA SER B 119 18.24 11.58 -58.49
C SER B 119 18.00 13.09 -58.42
N GLU B 120 16.95 13.58 -59.06
CA GLU B 120 16.66 15.01 -59.15
C GLU B 120 15.68 15.48 -58.07
N HIS B 121 15.63 14.80 -56.94
CA HIS B 121 14.66 15.08 -55.90
C HIS B 121 15.36 15.47 -54.61
N GLN B 122 14.56 15.77 -53.58
CA GLN B 122 15.07 16.12 -52.26
C GLN B 122 15.14 14.85 -51.42
N VAL B 123 16.24 14.12 -51.59
CA VAL B 123 16.42 12.81 -50.97
C VAL B 123 17.13 12.99 -49.63
N LEU B 124 16.55 12.40 -48.58
CA LEU B 124 17.15 12.40 -47.25
C LEU B 124 17.85 11.07 -47.03
N GLY B 125 19.16 11.13 -46.73
CA GLY B 125 19.95 9.93 -46.54
C GLY B 125 19.96 9.46 -45.11
N ASN B 126 20.76 8.40 -44.88
CA ASN B 126 20.93 7.73 -43.58
C ASN B 126 19.62 7.63 -42.80
N VAL B 127 18.67 6.86 -43.32
CA VAL B 127 17.36 6.71 -42.69
C VAL B 127 17.47 5.58 -41.67
N SER B 128 17.61 5.94 -40.41
CA SER B 128 17.65 4.95 -39.34
C SER B 128 16.26 4.39 -39.07
N ILE B 129 16.21 3.13 -38.65
CA ILE B 129 14.95 2.54 -38.25
C ILE B 129 14.33 3.32 -37.09
N THR B 130 15.14 4.07 -36.34
CA THR B 130 14.61 5.09 -35.44
C THR B 130 13.63 5.99 -36.18
N GLN B 131 14.03 6.51 -37.34
CA GLN B 131 13.15 7.33 -38.15
C GLN B 131 12.09 6.49 -38.88
N LEU B 132 12.36 5.22 -39.13
CA LEU B 132 11.39 4.37 -39.81
C LEU B 132 10.22 4.01 -38.90
N ARG B 133 10.40 4.07 -37.58
CA ARG B 133 9.32 3.83 -36.64
C ARG B 133 8.70 5.13 -36.11
N ARG B 134 9.16 6.29 -36.58
CA ARG B 134 8.52 7.57 -36.32
C ARG B 134 8.19 8.24 -37.65
N PRO B 135 7.26 7.69 -38.44
CA PRO B 135 6.89 8.36 -39.69
C PRO B 135 6.26 9.73 -39.49
N SER B 136 5.54 9.94 -38.38
CA SER B 136 4.89 11.23 -38.14
C SER B 136 5.91 12.35 -37.95
N GLN B 137 7.16 12.04 -37.64
CA GLN B 137 8.21 13.04 -37.52
C GLN B 137 8.99 13.22 -38.82
N LEU B 138 8.75 12.37 -39.81
CA LEU B 138 9.50 12.37 -41.06
C LEU B 138 8.65 12.72 -42.27
N LEU B 139 7.43 12.19 -42.36
CA LEU B 139 6.50 12.59 -43.39
C LEU B 139 5.91 13.95 -43.08
N TYR B 140 5.66 14.74 -44.12
CA TYR B 140 4.97 15.98 -43.82
C TYR B 140 3.47 15.71 -43.64
N PRO B 141 2.82 16.45 -42.74
CA PRO B 141 1.39 16.22 -42.51
C PRO B 141 0.55 16.76 -43.65
N LEU B 142 -0.34 15.92 -44.18
CA LEU B 142 -1.32 16.35 -45.17
C LEU B 142 -2.39 17.20 -44.48
N GLU B 143 -2.20 18.51 -44.45
CA GLU B 143 -2.97 19.39 -43.59
C GLU B 143 -4.34 19.77 -44.13
N ASN B 144 -4.68 19.37 -45.35
CA ASN B 144 -5.90 19.87 -45.98
C ASN B 144 -7.13 19.40 -45.21
N ALA B 145 -7.94 20.37 -44.75
CA ALA B 145 -9.13 20.04 -43.98
C ALA B 145 -10.13 19.22 -44.79
N ALA B 146 -10.13 19.38 -46.12
CA ALA B 146 -11.14 18.70 -46.94
C ALA B 146 -10.81 17.23 -47.10
N THR B 147 -9.57 16.90 -47.45
CA THR B 147 -9.24 15.51 -47.80
C THR B 147 -8.73 14.71 -46.60
N ASN B 148 -7.58 15.10 -46.04
CA ASN B 148 -6.92 14.27 -45.03
C ASN B 148 -6.93 14.88 -43.63
N ALA B 149 -6.85 16.21 -43.52
CA ALA B 149 -6.96 16.92 -42.25
C ALA B 149 -5.97 16.39 -41.22
N GLN B 150 -4.79 15.97 -41.69
CA GLN B 150 -3.80 15.32 -40.83
C GLN B 150 -3.18 16.35 -39.89
N TYR B 151 -3.65 16.36 -38.65
CA TYR B 151 -3.17 17.27 -37.61
C TYR B 151 -2.58 16.43 -36.48
N LEU B 152 -1.26 16.37 -36.43
CA LEU B 152 -0.58 15.46 -35.51
C LEU B 152 -0.60 16.04 -34.10
N PHE B 153 -0.89 15.19 -33.10
CA PHE B 153 -0.89 15.69 -31.72
C PHE B 153 0.47 16.30 -31.36
N ALA B 154 0.45 17.20 -30.38
CA ALA B 154 1.66 17.71 -29.77
C ALA B 154 2.28 16.65 -28.86
N ASP B 155 3.57 16.83 -28.53
CA ASP B 155 4.27 15.78 -27.80
C ASP B 155 3.83 15.71 -26.34
N ARG B 156 3.51 16.86 -25.73
CA ARG B 156 3.06 16.82 -24.34
C ARG B 156 1.73 16.08 -24.24
N SER B 157 0.81 16.31 -25.18
CA SER B 157 -0.49 15.66 -25.13
C SER B 157 -0.41 14.20 -25.55
N CYS B 158 0.37 13.91 -26.60
CA CYS B 158 0.54 12.51 -26.99
C CYS B 158 1.30 11.72 -25.93
N GLN B 159 2.16 12.40 -25.17
CA GLN B 159 2.83 11.79 -24.05
C GLN B 159 1.86 11.50 -22.92
N PHE B 160 0.88 12.39 -22.72
CA PHE B 160 -0.14 12.13 -21.71
C PHE B 160 -1.07 11.00 -22.10
N LEU B 161 -1.38 10.85 -23.39
CA LEU B 161 -2.37 9.84 -23.80
C LEU B 161 -1.88 8.43 -23.49
N VAL B 162 -0.60 8.15 -23.72
CA VAL B 162 -0.10 6.80 -23.46
C VAL B 162 -0.06 6.52 -21.96
N ASP B 163 0.27 7.53 -21.16
CA ASP B 163 0.25 7.34 -19.71
C ASP B 163 -1.17 7.07 -19.23
N LEU B 164 -2.14 7.72 -19.85
CA LEU B 164 -3.55 7.45 -19.54
C LEU B 164 -3.92 6.01 -19.89
N LEU B 165 -3.59 5.58 -21.12
CA LEU B 165 -3.87 4.20 -21.51
C LEU B 165 -3.06 3.20 -20.69
N SER B 166 -1.95 3.63 -20.10
CA SER B 166 -1.11 2.76 -19.29
C SER B 166 -1.72 2.51 -17.91
N ALA B 167 -2.17 3.57 -17.24
CA ALA B 167 -2.76 3.41 -15.93
C ALA B 167 -4.12 2.73 -15.96
N LEU B 168 -4.73 2.55 -17.14
CA LEU B 168 -5.98 1.82 -17.24
C LEU B 168 -5.77 0.34 -17.56
N GLY B 169 -4.57 -0.05 -17.96
CA GLY B 169 -4.27 -1.44 -18.24
C GLY B 169 -4.99 -1.95 -19.47
N PHE B 170 -4.79 -1.28 -20.59
CA PHE B 170 -5.37 -1.68 -21.86
C PHE B 170 -4.26 -2.25 -22.74
N ARG B 171 -4.58 -3.33 -23.47
CA ARG B 171 -3.54 -4.05 -24.21
C ARG B 171 -3.56 -3.80 -25.71
N ARG B 172 -4.72 -3.56 -26.31
CA ARG B 172 -4.81 -3.39 -27.77
C ARG B 172 -5.52 -2.08 -28.08
N VAL B 173 -4.84 -1.21 -28.81
CA VAL B 173 -5.30 0.14 -29.10
C VAL B 173 -5.57 0.20 -30.60
N LEU B 174 -6.84 0.18 -30.97
CA LEU B 174 -7.24 0.35 -32.37
C LEU B 174 -7.20 1.84 -32.69
N CYS B 175 -6.02 2.31 -33.08
CA CYS B 175 -5.87 3.69 -33.54
C CYS B 175 -6.41 3.80 -34.96
N VAL B 176 -7.57 4.42 -35.11
CA VAL B 176 -8.16 4.66 -36.42
C VAL B 176 -7.96 6.13 -36.75
N GLY B 177 -6.94 6.40 -37.58
CA GLY B 177 -6.56 7.76 -37.88
C GLY B 177 -5.76 8.44 -36.80
N THR B 178 -4.81 7.73 -36.18
CA THR B 178 -4.05 8.25 -35.05
C THR B 178 -2.58 7.86 -35.19
N PRO B 179 -1.89 8.37 -36.22
CA PRO B 179 -0.51 7.91 -36.47
C PRO B 179 0.45 8.17 -35.31
N ARG B 180 0.53 9.42 -34.84
CA ARG B 180 1.55 9.76 -33.85
C ARG B 180 1.39 8.91 -32.59
N LEU B 181 0.14 8.67 -32.18
CA LEU B 181 -0.10 7.79 -31.04
C LEU B 181 0.37 6.37 -31.35
N HIS B 182 0.06 5.86 -32.54
CA HIS B 182 0.49 4.52 -32.92
C HIS B 182 2.00 4.35 -32.74
N GLU B 183 2.77 5.30 -33.27
CA GLU B 183 4.23 5.19 -33.20
C GLU B 183 4.74 5.37 -31.78
N LEU B 184 4.23 6.37 -31.05
CA LEU B 184 4.68 6.55 -29.67
C LEU B 184 4.30 5.36 -28.81
N ILE B 185 3.18 4.69 -29.14
CA ILE B 185 2.76 3.50 -28.42
C ILE B 185 3.73 2.35 -28.68
N LYS B 186 4.11 2.14 -29.94
CA LYS B 186 5.06 1.07 -30.22
C LYS B 186 6.42 1.36 -29.60
N LEU B 187 6.89 2.60 -29.69
CA LEU B 187 8.19 2.94 -29.14
C LEU B 187 8.22 2.99 -27.62
N THR B 188 7.04 3.08 -26.97
CA THR B 188 6.95 2.87 -25.54
C THR B 188 6.69 1.41 -25.19
N ALA B 189 6.24 0.61 -26.16
CA ALA B 189 6.12 -0.83 -26.01
C ALA B 189 7.39 -1.56 -26.42
N SER B 190 8.26 -0.91 -27.19
CA SER B 190 9.61 -1.39 -27.44
C SER B 190 10.62 -0.83 -26.44
N GLY B 191 10.16 0.01 -25.52
CA GLY B 191 11.01 0.61 -24.51
C GLY B 191 11.22 -0.31 -23.32
N ASP B 192 11.63 0.31 -22.21
CA ASP B 192 11.99 -0.46 -21.01
C ASP B 192 10.85 -1.36 -20.55
N LYS B 193 9.62 -0.85 -20.57
CA LYS B 193 8.47 -1.62 -20.09
C LYS B 193 8.34 -2.94 -20.86
N LYS B 194 8.11 -4.01 -20.13
CA LYS B 194 7.88 -5.33 -20.72
C LYS B 194 6.41 -5.57 -21.02
N SER B 195 5.54 -4.59 -20.76
CA SER B 195 4.12 -4.69 -21.10
C SER B 195 3.92 -4.15 -22.52
N ASN B 196 4.18 -5.01 -23.50
CA ASN B 196 4.10 -4.61 -24.89
C ASN B 196 2.64 -4.45 -25.31
N ILE B 197 2.29 -3.26 -25.79
CA ILE B 197 0.92 -2.91 -26.13
C ILE B 197 0.77 -2.94 -27.64
N LYS B 198 -0.11 -3.80 -28.14
CA LYS B 198 -0.31 -3.93 -29.58
C LYS B 198 -1.20 -2.82 -30.10
N SER B 199 -0.93 -2.38 -31.33
CA SER B 199 -1.67 -1.29 -31.95
C SER B 199 -1.88 -1.58 -33.43
N LEU B 200 -3.07 -1.22 -33.92
CA LEU B 200 -3.44 -1.41 -35.32
C LEU B 200 -3.92 -0.08 -35.87
N LEU B 201 -3.36 0.33 -37.00
CA LEU B 201 -3.65 1.63 -37.61
C LEU B 201 -4.47 1.42 -38.87
N LEU B 202 -5.73 1.86 -38.81
CA LEU B 202 -6.62 1.90 -39.96
C LEU B 202 -6.58 3.32 -40.51
N ASP B 203 -6.18 3.49 -41.77
CA ASP B 203 -6.07 4.86 -42.25
C ASP B 203 -6.21 4.91 -43.76
N ILE B 204 -6.51 6.12 -44.26
CA ILE B 204 -6.62 6.33 -45.69
C ILE B 204 -5.30 6.79 -46.30
N ASP B 205 -4.39 7.32 -45.48
CA ASP B 205 -3.12 7.84 -45.99
C ASP B 205 -2.27 6.65 -46.43
N PHE B 206 -2.13 6.48 -47.75
CA PHE B 206 -1.34 5.36 -48.27
C PHE B 206 0.13 5.48 -47.93
N ARG B 207 0.63 6.69 -47.65
CA ARG B 207 2.03 6.87 -47.29
C ARG B 207 2.45 5.97 -46.15
N TYR B 208 1.53 5.71 -45.21
CA TYR B 208 1.84 4.91 -44.04
C TYR B 208 1.90 3.42 -44.31
N SER B 209 1.52 2.97 -45.51
CA SER B 209 1.54 1.53 -45.80
C SER B 209 2.97 1.01 -45.91
N GLN B 210 3.93 1.86 -46.27
CA GLN B 210 5.27 1.41 -46.61
C GLN B 210 6.10 1.04 -45.38
N PHE B 211 5.79 1.59 -44.21
CA PHE B 211 6.63 1.40 -43.02
C PHE B 211 5.99 0.53 -41.95
N TYR B 212 4.84 -0.08 -42.23
CA TYR B 212 4.20 -0.96 -41.27
C TYR B 212 3.71 -2.22 -41.98
N MET B 213 3.96 -3.37 -41.37
CA MET B 213 3.59 -4.64 -41.97
C MET B 213 2.08 -4.82 -41.90
N GLU B 214 1.62 -6.00 -42.35
CA GLU B 214 0.19 -6.28 -42.39
C GLU B 214 -0.43 -6.38 -41.01
N ASP B 215 0.36 -6.41 -39.94
CA ASP B 215 -0.14 -6.49 -38.58
C ASP B 215 -0.35 -5.12 -37.95
N SER B 216 -0.18 -4.04 -38.70
CA SER B 216 -0.25 -2.71 -38.11
C SER B 216 -0.91 -1.65 -39.00
N PHE B 217 -1.40 -2.00 -40.19
CA PHE B 217 -2.03 -0.98 -41.02
C PHE B 217 -2.97 -1.63 -42.03
N CYS B 218 -4.12 -1.00 -42.23
CA CYS B 218 -4.97 -1.27 -43.38
C CYS B 218 -5.34 0.02 -44.08
N HIS B 219 -5.17 0.02 -45.40
CA HIS B 219 -5.70 1.09 -46.25
C HIS B 219 -7.21 1.07 -46.12
N TYR B 220 -7.75 2.08 -45.45
CA TYR B 220 -9.10 2.02 -44.92
C TYR B 220 -9.78 3.36 -45.06
N ASN B 221 -11.03 3.34 -45.50
CA ASN B 221 -11.86 4.54 -45.51
C ASN B 221 -12.80 4.50 -44.31
N MET B 222 -12.76 5.55 -43.51
CA MET B 222 -13.57 5.70 -42.31
C MET B 222 -15.02 6.02 -42.62
N PHE B 223 -15.33 6.40 -43.86
CA PHE B 223 -16.68 6.85 -44.24
C PHE B 223 -17.58 5.68 -44.60
N ASN B 224 -17.19 4.88 -45.59
CA ASN B 224 -17.99 3.75 -46.06
C ASN B 224 -17.48 2.40 -45.57
N HIS B 225 -16.50 2.40 -44.66
CA HIS B 225 -15.93 1.17 -44.12
C HIS B 225 -15.42 0.26 -45.24
N HIS B 226 -14.53 0.82 -46.05
CA HIS B 226 -14.03 0.18 -47.26
C HIS B 226 -12.55 -0.11 -47.09
N PHE B 227 -12.19 -1.40 -47.07
CA PHE B 227 -10.80 -1.82 -47.00
C PHE B 227 -10.26 -1.99 -48.42
N PHE B 228 -9.16 -1.30 -48.72
CA PHE B 228 -8.55 -1.35 -50.04
C PHE B 228 -7.77 -2.62 -50.29
N ASP B 229 -7.71 -3.53 -49.32
CA ASP B 229 -6.96 -4.78 -49.46
C ASP B 229 -7.84 -6.01 -49.62
N GLY B 230 -9.10 -5.94 -49.21
CA GLY B 230 -9.98 -7.09 -49.32
C GLY B 230 -10.47 -7.60 -47.99
N LYS B 231 -10.98 -8.83 -47.97
CA LYS B 231 -11.47 -9.41 -46.71
C LYS B 231 -10.35 -9.97 -45.86
N THR B 232 -9.26 -10.42 -46.50
CA THR B 232 -8.14 -11.01 -45.76
C THR B 232 -7.56 -10.01 -44.77
N ALA B 233 -7.43 -8.74 -45.17
CA ALA B 233 -6.97 -7.71 -44.24
C ALA B 233 -8.08 -7.18 -43.35
N LEU B 234 -9.34 -7.35 -43.76
CA LEU B 234 -10.46 -6.97 -42.90
C LEU B 234 -10.49 -7.82 -41.63
N GLU B 235 -10.23 -9.12 -41.77
CA GLU B 235 -10.20 -9.94 -40.56
C GLU B 235 -8.95 -9.68 -39.72
N VAL B 236 -7.91 -9.10 -40.30
CA VAL B 236 -6.75 -8.70 -39.52
C VAL B 236 -7.18 -7.79 -38.37
N CYS B 237 -8.23 -7.01 -38.58
CA CYS B 237 -8.80 -6.16 -37.52
C CYS B 237 -9.97 -6.81 -36.81
N ARG B 238 -10.77 -7.63 -37.50
CA ARG B 238 -11.89 -8.28 -36.81
C ARG B 238 -11.40 -9.22 -35.71
N ALA B 239 -10.52 -10.17 -36.07
CA ALA B 239 -9.93 -11.04 -35.06
C ALA B 239 -9.03 -10.25 -34.11
N PHE B 240 -8.52 -9.10 -34.53
CA PHE B 240 -7.80 -8.22 -33.63
C PHE B 240 -8.72 -7.64 -32.56
N LEU B 241 -10.00 -7.48 -32.89
CA LEU B 241 -10.98 -7.05 -31.89
C LEU B 241 -11.46 -8.21 -31.03
N GLN B 242 -11.64 -9.38 -31.65
CA GLN B 242 -12.02 -10.60 -30.93
C GLN B 242 -10.86 -11.23 -30.16
N GLU B 243 -9.65 -10.68 -30.32
CA GLU B 243 -8.48 -11.21 -29.63
C GLU B 243 -8.63 -11.05 -28.12
N ASP B 244 -8.35 -12.12 -27.38
CA ASP B 244 -8.46 -12.15 -25.92
C ASP B 244 -9.89 -11.89 -25.46
N LYS B 245 -10.86 -12.03 -26.35
CA LYS B 245 -12.28 -11.84 -26.05
C LYS B 245 -12.57 -10.42 -25.58
N GLY B 246 -11.85 -9.46 -26.14
CA GLY B 246 -12.14 -8.05 -25.92
C GLY B 246 -11.54 -7.43 -24.69
N GLU B 247 -10.74 -8.17 -23.92
CA GLU B 247 -10.12 -7.61 -22.72
C GLU B 247 -8.92 -6.76 -23.12
N GLY B 248 -8.88 -5.53 -22.60
CA GLY B 248 -7.76 -4.64 -22.85
C GLY B 248 -7.80 -3.91 -24.18
N ILE B 249 -8.98 -3.68 -24.74
CA ILE B 249 -9.14 -2.98 -26.01
C ILE B 249 -9.66 -1.58 -25.75
N ILE B 250 -8.96 -0.58 -26.28
CA ILE B 250 -9.41 0.80 -26.28
C ILE B 250 -9.26 1.34 -27.69
N MET B 251 -10.35 1.82 -28.28
CA MET B 251 -10.36 2.36 -29.64
C MET B 251 -10.21 3.87 -29.56
N VAL B 252 -9.08 4.39 -30.04
CA VAL B 252 -8.77 5.81 -29.99
C VAL B 252 -8.93 6.38 -31.39
N THR B 253 -9.80 7.37 -31.54
CA THR B 253 -10.15 7.96 -32.82
C THR B 253 -9.85 9.45 -32.81
N ASP B 254 -9.60 9.99 -34.01
CA ASP B 254 -9.45 11.42 -34.23
C ASP B 254 -9.79 11.75 -35.67
N PRO B 255 -11.06 11.61 -36.03
CA PRO B 255 -11.46 11.77 -37.44
C PRO B 255 -11.46 13.23 -37.84
N PRO B 256 -11.44 13.52 -39.15
CA PRO B 256 -11.53 14.91 -39.59
C PRO B 256 -12.85 15.55 -39.17
N PHE B 257 -12.76 16.57 -38.32
CA PHE B 257 -13.94 17.34 -37.94
C PHE B 257 -14.64 17.93 -39.16
N GLY B 258 -13.88 18.29 -40.19
CA GLY B 258 -14.47 18.88 -41.38
C GLY B 258 -15.15 17.82 -42.23
N GLY B 259 -16.36 18.12 -42.68
CA GLY B 259 -17.10 17.20 -43.52
C GLY B 259 -18.37 16.69 -42.90
N LEU B 260 -18.51 15.37 -42.82
CA LEU B 260 -19.73 14.71 -42.38
C LEU B 260 -19.46 13.89 -41.13
N VAL B 261 -20.46 13.83 -40.24
CA VAL B 261 -20.33 13.07 -39.00
C VAL B 261 -21.28 11.88 -38.93
N GLU B 262 -22.40 11.91 -39.67
CA GLU B 262 -23.34 10.80 -39.63
C GLU B 262 -22.76 9.50 -40.20
N PRO B 263 -22.22 9.47 -41.43
CA PRO B 263 -21.56 8.23 -41.90
C PRO B 263 -20.41 7.80 -41.01
N LEU B 264 -19.80 8.74 -40.29
CA LEU B 264 -18.72 8.38 -39.38
C LEU B 264 -19.22 7.46 -38.27
N ALA B 265 -20.26 7.90 -37.56
CA ALA B 265 -20.81 7.06 -36.50
C ALA B 265 -21.38 5.76 -37.05
N ILE B 266 -21.85 5.78 -38.30
CA ILE B 266 -22.28 4.53 -38.94
C ILE B 266 -21.13 3.52 -38.99
N THR B 267 -20.00 3.93 -39.57
CA THR B 267 -18.85 3.03 -39.68
C THR B 267 -18.32 2.65 -38.30
N PHE B 268 -18.32 3.60 -37.36
CA PHE B 268 -17.86 3.31 -36.01
C PHE B 268 -18.70 2.21 -35.37
N LYS B 269 -20.03 2.28 -35.55
CA LYS B 269 -20.90 1.22 -35.07
C LYS B 269 -20.58 -0.11 -35.74
N LYS B 270 -20.17 -0.08 -37.01
CA LYS B 270 -19.80 -1.35 -37.66
C LYS B 270 -18.55 -1.95 -37.03
N LEU B 271 -17.57 -1.11 -36.64
CA LEU B 271 -16.42 -1.63 -35.91
C LEU B 271 -16.85 -2.28 -34.59
N ILE B 272 -17.74 -1.62 -33.85
CA ILE B 272 -18.21 -2.22 -32.60
C ILE B 272 -18.94 -3.54 -32.87
N ALA B 273 -19.65 -3.60 -34.00
CA ALA B 273 -20.32 -4.84 -34.39
C ALA B 273 -19.32 -5.97 -34.57
N MET B 274 -18.19 -5.69 -35.21
CA MET B 274 -17.18 -6.73 -35.35
C MET B 274 -16.57 -7.10 -34.00
N TRP B 275 -16.58 -6.17 -33.03
CA TRP B 275 -16.07 -6.52 -31.71
C TRP B 275 -17.04 -7.33 -30.87
N LYS B 276 -18.34 -7.31 -31.19
CA LYS B 276 -19.32 -7.86 -30.25
C LYS B 276 -19.53 -9.37 -30.35
N GLU B 277 -19.15 -10.02 -31.44
CA GLU B 277 -19.46 -11.44 -31.60
C GLU B 277 -18.72 -12.30 -30.58
N GLY B 278 -19.33 -13.45 -30.28
CA GLY B 278 -18.75 -14.37 -29.31
C GLY B 278 -19.07 -14.04 -27.87
N GLN B 279 -20.24 -13.46 -27.60
CA GLN B 279 -20.61 -13.04 -26.26
C GLN B 279 -22.10 -13.28 -26.07
N SER B 280 -22.44 -14.24 -25.22
CA SER B 280 -23.86 -14.49 -24.89
C SER B 280 -24.31 -13.54 -23.79
N GLN B 281 -23.81 -13.75 -22.57
CA GLN B 281 -24.08 -12.83 -21.47
C GLN B 281 -23.11 -11.66 -21.44
N ASP B 282 -21.93 -11.80 -22.06
CA ASP B 282 -20.96 -10.71 -22.10
C ASP B 282 -21.37 -9.61 -23.06
N ASP B 283 -22.29 -9.89 -23.99
CA ASP B 283 -22.77 -8.85 -24.88
C ASP B 283 -23.79 -7.94 -24.19
N SER B 284 -24.57 -8.48 -23.27
CA SER B 284 -25.52 -7.69 -22.52
C SER B 284 -24.88 -6.91 -21.36
N HIS B 285 -23.61 -7.18 -21.07
CA HIS B 285 -22.97 -6.62 -19.88
C HIS B 285 -22.11 -5.41 -20.14
N LYS B 286 -21.44 -5.32 -21.29
CA LYS B 286 -20.44 -4.28 -21.48
C LYS B 286 -20.53 -3.71 -22.90
N GLU B 287 -19.89 -2.55 -23.07
CA GLU B 287 -19.77 -1.87 -24.34
C GLU B 287 -18.30 -1.61 -24.63
N LEU B 288 -17.98 -1.41 -25.90
CA LEU B 288 -16.61 -1.21 -26.34
C LEU B 288 -16.03 0.09 -25.79
N PRO B 289 -14.94 0.05 -25.02
CA PRO B 289 -14.32 1.31 -24.56
C PRO B 289 -13.72 2.07 -25.72
N ILE B 290 -14.06 3.35 -25.83
CA ILE B 290 -13.69 4.16 -26.99
C ILE B 290 -13.27 5.55 -26.53
N PHE B 291 -12.13 6.03 -27.05
CA PHE B 291 -11.69 7.42 -26.90
C PHE B 291 -11.94 8.12 -28.23
N TRP B 292 -12.98 8.94 -28.30
CA TRP B 292 -13.24 9.74 -29.49
C TRP B 292 -12.73 11.15 -29.20
N ILE B 293 -11.66 11.54 -29.88
CA ILE B 293 -11.05 12.85 -29.68
C ILE B 293 -11.61 13.78 -30.75
N PHE B 294 -12.26 14.86 -30.32
CA PHE B 294 -13.03 15.69 -31.25
C PHE B 294 -13.19 17.07 -30.63
N PRO B 295 -13.46 18.10 -31.43
CA PRO B 295 -13.72 19.42 -30.86
C PRO B 295 -14.96 19.39 -29.97
N TYR B 296 -14.93 20.24 -28.94
CA TYR B 296 -15.95 20.19 -27.89
C TYR B 296 -17.35 20.42 -28.45
N PHE B 297 -17.48 21.33 -29.42
CA PHE B 297 -18.80 21.75 -29.86
C PHE B 297 -19.56 20.69 -30.64
N PHE B 298 -18.89 19.63 -31.08
CA PHE B 298 -19.59 18.49 -31.67
C PHE B 298 -20.26 17.59 -30.64
N GLU B 299 -20.16 17.94 -29.35
CA GLU B 299 -20.76 17.14 -28.30
C GLU B 299 -22.22 16.81 -28.61
N SER B 300 -23.01 17.84 -28.91
CA SER B 300 -24.43 17.66 -29.21
C SER B 300 -24.65 16.58 -30.26
N ARG B 301 -23.80 16.52 -31.29
CA ARG B 301 -23.94 15.47 -32.28
C ARG B 301 -23.44 14.13 -31.73
N ILE B 302 -22.23 14.12 -31.17
CA ILE B 302 -21.59 12.86 -30.75
C ILE B 302 -22.50 12.11 -29.80
N CYS B 303 -22.91 12.76 -28.71
CA CYS B 303 -23.68 12.10 -27.67
C CYS B 303 -25.00 11.55 -28.22
N GLN B 304 -25.51 12.11 -29.31
CA GLN B 304 -26.75 11.58 -29.87
C GLN B 304 -26.56 10.14 -30.31
N PHE B 305 -25.46 9.85 -31.00
CA PHE B 305 -25.24 8.50 -31.49
C PHE B 305 -24.77 7.56 -30.38
N PHE B 306 -23.93 8.06 -29.47
CA PHE B 306 -23.43 7.28 -28.34
C PHE B 306 -23.75 8.04 -27.06
N PRO B 307 -24.95 7.86 -26.50
CA PRO B 307 -25.34 8.64 -25.32
C PRO B 307 -24.54 8.34 -24.07
N SER B 308 -23.90 7.18 -23.98
CA SER B 308 -23.11 6.83 -22.81
C SER B 308 -21.75 7.51 -22.79
N PHE B 309 -21.45 8.36 -23.77
CA PHE B 309 -20.19 9.07 -23.82
C PHE B 309 -20.33 10.41 -23.11
N GLN B 310 -19.24 10.87 -22.50
CA GLN B 310 -19.20 12.21 -21.97
C GLN B 310 -17.80 12.79 -22.17
N MET B 311 -17.68 14.08 -21.88
CA MET B 311 -16.49 14.87 -22.23
C MET B 311 -15.70 15.22 -20.99
N LEU B 312 -14.39 15.05 -21.06
CA LEU B 312 -13.53 15.56 -19.99
C LEU B 312 -12.91 16.89 -20.39
N ASP B 313 -12.39 17.60 -19.38
CA ASP B 313 -11.91 18.96 -19.55
CA ASP B 313 -11.91 18.96 -19.55
C ASP B 313 -10.46 19.05 -20.02
N TYR B 314 -9.85 17.93 -20.40
CA TYR B 314 -8.46 17.99 -20.85
C TYR B 314 -8.39 18.55 -22.26
N GLN B 315 -7.61 19.60 -22.44
CA GLN B 315 -7.43 20.27 -23.72
C GLN B 315 -6.30 19.57 -24.47
N VAL B 316 -6.65 18.63 -25.36
CA VAL B 316 -5.63 17.91 -26.11
C VAL B 316 -4.93 18.88 -27.06
N ASP B 317 -3.71 19.27 -26.71
CA ASP B 317 -2.93 20.18 -27.53
C ASP B 317 -2.50 19.51 -28.83
N TYR B 318 -2.32 20.32 -29.87
CA TYR B 318 -1.87 19.83 -31.17
C TYR B 318 -0.59 20.54 -31.56
N ASP B 319 0.07 19.99 -32.58
CA ASP B 319 1.26 20.61 -33.16
C ASP B 319 0.88 21.62 -34.24
N ASN B 320 -0.06 21.25 -35.11
CA ASN B 320 -0.62 22.17 -36.09
CA ASN B 320 -0.61 22.15 -36.12
C ASN B 320 -2.07 21.78 -36.33
N HIS B 321 -2.97 22.75 -36.19
CA HIS B 321 -4.39 22.48 -36.29
C HIS B 321 -5.09 23.65 -36.95
N ALA B 322 -6.06 23.34 -37.82
CA ALA B 322 -6.79 24.39 -38.52
C ALA B 322 -7.74 25.14 -37.60
N LEU B 323 -8.05 24.59 -36.42
CA LEU B 323 -8.99 25.24 -35.52
C LEU B 323 -8.36 26.35 -34.70
N TYR B 324 -7.10 26.21 -34.33
CA TYR B 324 -6.44 27.22 -33.50
C TYR B 324 -4.95 27.21 -33.78
N LYS B 325 -4.34 28.39 -33.72
CA LYS B 325 -2.91 28.56 -33.89
C LYS B 325 -2.32 29.10 -32.60
N HIS B 326 -1.25 28.49 -32.12
CA HIS B 326 -0.63 28.88 -30.86
C HIS B 326 -0.04 30.29 -30.89
N ARG B 331 -0.54 30.37 -27.45
CA ARG B 331 -1.34 31.40 -26.80
C ARG B 331 -2.81 31.00 -26.77
N LYS B 332 -3.39 30.77 -27.94
CA LYS B 332 -4.79 30.38 -28.03
C LYS B 332 -4.99 28.98 -27.43
N GLN B 333 -6.20 28.74 -26.95
CA GLN B 333 -6.53 27.47 -26.31
C GLN B 333 -7.01 26.45 -27.34
N SER B 334 -6.82 25.17 -27.01
CA SER B 334 -7.24 24.09 -27.89
C SER B 334 -8.71 23.76 -27.66
N PRO B 335 -9.54 23.74 -28.71
CA PRO B 335 -10.95 23.38 -28.53
C PRO B 335 -11.21 21.89 -28.50
N VAL B 336 -10.23 21.07 -28.87
CA VAL B 336 -10.45 19.63 -28.98
C VAL B 336 -10.37 19.01 -27.59
N ARG B 337 -11.33 18.14 -27.28
CA ARG B 337 -11.39 17.43 -26.01
C ARG B 337 -11.57 15.94 -26.27
N ILE B 338 -11.57 15.17 -25.19
CA ILE B 338 -11.75 13.73 -25.25
C ILE B 338 -13.18 13.39 -24.83
N PHE B 339 -13.83 12.56 -25.63
CA PHE B 339 -15.18 12.07 -25.41
C PHE B 339 -15.08 10.56 -25.22
N THR B 340 -15.27 10.11 -23.99
CA THR B 340 -15.09 8.70 -23.66
C THR B 340 -16.39 8.11 -23.13
N ASN B 341 -16.61 6.83 -23.44
CA ASN B 341 -17.65 6.07 -22.75
C ASN B 341 -17.23 5.74 -21.32
N ILE B 342 -15.93 5.59 -21.09
CA ILE B 342 -15.40 5.31 -19.75
C ILE B 342 -15.77 6.44 -18.81
N PRO B 343 -16.22 6.16 -17.59
CA PRO B 343 -16.54 7.25 -16.65
C PRO B 343 -15.32 8.09 -16.34
N PRO B 344 -15.47 9.41 -16.29
CA PRO B 344 -14.32 10.30 -16.11
C PRO B 344 -13.82 10.39 -14.67
N ASN B 345 -14.45 9.70 -13.73
CA ASN B 345 -13.98 9.74 -12.34
C ASN B 345 -12.58 9.16 -12.22
N LYS B 346 -12.34 8.01 -12.84
CA LYS B 346 -11.04 7.36 -12.74
C LYS B 346 -9.94 8.10 -13.51
N ILE B 347 -10.31 8.93 -14.48
CA ILE B 347 -9.32 9.62 -15.30
C ILE B 347 -8.75 10.79 -14.50
N ILE B 348 -7.43 10.79 -14.32
CA ILE B 348 -6.73 11.86 -13.64
C ILE B 348 -6.04 12.73 -14.68
N LEU B 349 -6.30 14.00 -14.65
CA LEU B 349 -5.62 14.90 -15.55
C LEU B 349 -4.32 15.41 -14.94
N PRO B 350 -3.34 15.77 -15.76
CA PRO B 350 -2.06 16.28 -15.21
C PRO B 350 -2.28 17.60 -14.49
N THR B 351 -2.05 17.61 -13.18
CA THR B 351 -2.07 18.85 -12.43
C THR B 351 -0.96 19.80 -12.86
N GLU B 352 0.10 19.27 -13.45
CA GLU B 352 1.21 20.12 -13.90
C GLU B 352 0.77 21.07 -15.01
N GLU B 353 -0.08 20.60 -15.92
CA GLU B 353 -0.51 21.38 -17.07
C GLU B 353 -1.72 22.26 -16.78
N GLY B 354 -2.03 22.49 -15.50
CA GLY B 354 -3.06 23.45 -15.15
C GLY B 354 -4.46 22.86 -15.06
N TYR B 355 -4.67 21.91 -14.16
CA TYR B 355 -5.98 21.33 -13.93
C TYR B 355 -6.18 21.11 -12.44
N ARG B 356 -7.42 20.81 -12.06
CA ARG B 356 -7.78 20.53 -10.67
C ARG B 356 -8.90 19.52 -10.66
N PHE B 357 -9.18 18.96 -9.49
CA PHE B 357 -10.27 17.99 -9.34
C PHE B 357 -11.42 18.68 -8.62
N CYS B 358 -12.57 18.77 -9.28
CA CYS B 358 -13.74 19.36 -8.65
C CYS B 358 -14.43 18.32 -7.78
N SER B 359 -14.99 18.77 -6.65
CA SER B 359 -15.65 17.85 -5.74
C SER B 359 -17.14 17.66 -6.08
N PRO B 360 -17.93 18.74 -6.33
CA PRO B 360 -19.34 18.51 -6.68
C PRO B 360 -19.51 17.62 -7.89
N CYS B 361 -19.17 18.13 -9.08
CA CYS B 361 -18.99 17.24 -10.22
C CYS B 361 -17.76 16.37 -9.98
N GLN B 362 -17.88 15.09 -10.29
CA GLN B 362 -16.81 14.12 -10.03
C GLN B 362 -15.98 14.04 -11.31
N ARG B 363 -14.99 14.92 -11.41
CA ARG B 363 -14.36 15.23 -12.69
C ARG B 363 -13.13 16.09 -12.45
N TYR B 364 -12.25 16.12 -13.44
CA TYR B 364 -11.12 17.03 -13.47
C TYR B 364 -11.43 18.20 -14.42
N VAL B 365 -11.09 19.40 -13.97
CA VAL B 365 -11.52 20.65 -14.57
C VAL B 365 -10.31 21.53 -14.84
N SER B 366 -10.49 22.49 -15.74
CA SER B 366 -9.43 23.43 -16.09
C SER B 366 -9.29 24.51 -15.04
N LEU B 367 -8.05 24.96 -14.84
CA LEU B 367 -7.78 25.97 -13.83
C LEU B 367 -8.53 27.27 -14.10
N GLU B 368 -8.72 27.61 -15.37
CA GLU B 368 -9.44 28.82 -15.75
C GLU B 368 -10.95 28.61 -15.79
N ASN B 369 -11.45 27.47 -15.31
CA ASN B 369 -12.88 27.22 -15.27
C ASN B 369 -13.43 27.62 -13.90
N GLN B 370 -14.75 27.53 -13.74
CA GLN B 370 -15.40 27.89 -12.49
C GLN B 370 -16.72 27.13 -12.38
N HIS B 371 -17.00 26.63 -11.18
CA HIS B 371 -18.16 25.76 -10.96
C HIS B 371 -19.36 26.63 -10.61
N CYS B 372 -20.24 26.82 -11.60
CA CYS B 372 -21.49 27.57 -11.37
C CYS B 372 -22.40 26.77 -10.47
N GLU B 373 -22.65 27.28 -9.26
CA GLU B 373 -23.49 26.58 -8.30
C GLU B 373 -24.96 26.52 -8.74
N LEU B 374 -25.36 27.34 -9.71
CA LEU B 374 -26.76 27.41 -10.10
C LEU B 374 -27.17 26.20 -10.94
N CYS B 375 -26.48 25.97 -12.06
CA CYS B 375 -26.68 24.75 -12.82
C CYS B 375 -25.80 23.60 -12.33
N ASN B 376 -24.97 23.85 -11.31
CA ASN B 376 -24.17 22.84 -10.63
C ASN B 376 -23.36 21.99 -11.61
N SER B 377 -22.45 22.66 -12.32
CA SER B 377 -21.56 21.99 -13.26
C SER B 377 -20.50 22.96 -13.78
N CYS B 378 -19.24 22.53 -13.78
CA CYS B 378 -18.19 23.27 -14.46
C CYS B 378 -18.48 23.21 -15.97
N THR B 379 -18.90 24.34 -16.54
CA THR B 379 -19.41 24.37 -17.90
C THR B 379 -18.68 25.35 -18.80
N SER B 380 -17.51 25.85 -18.38
CA SER B 380 -16.71 26.72 -19.24
C SER B 380 -15.92 25.83 -20.20
N LYS B 381 -16.55 25.52 -21.34
CA LYS B 381 -15.96 24.60 -22.31
C LYS B 381 -14.80 25.22 -23.08
N ASP B 382 -14.64 26.54 -23.02
CA ASP B 382 -13.44 27.22 -23.50
C ASP B 382 -12.66 27.75 -22.30
N GLY B 383 -11.57 28.47 -22.60
CA GLY B 383 -10.75 29.02 -21.53
C GLY B 383 -11.41 30.20 -20.81
N ARG B 384 -12.27 30.93 -21.51
CA ARG B 384 -12.85 32.15 -20.97
C ARG B 384 -13.96 31.83 -19.97
N LYS B 385 -14.16 32.75 -19.03
CA LYS B 385 -15.22 32.58 -18.03
C LYS B 385 -16.59 32.64 -18.69
N TRP B 386 -17.46 31.70 -18.30
CA TRP B 386 -18.82 31.64 -18.81
C TRP B 386 -19.77 32.36 -17.86
N ASN B 387 -20.79 32.98 -18.43
CA ASN B 387 -21.78 33.71 -17.67
C ASN B 387 -23.08 32.92 -17.61
N HIS B 388 -23.74 32.93 -16.46
CA HIS B 388 -24.98 32.19 -16.29
C HIS B 388 -26.15 33.09 -16.68
N CYS B 389 -27.05 32.55 -17.49
CA CYS B 389 -28.32 33.21 -17.77
C CYS B 389 -29.40 32.53 -16.95
N PHE B 390 -30.04 33.32 -16.08
CA PHE B 390 -31.06 32.83 -15.17
C PHE B 390 -32.42 32.71 -15.84
N LEU B 391 -32.62 33.36 -16.98
CA LEU B 391 -33.84 33.21 -17.76
C LEU B 391 -33.79 32.00 -18.68
N CYS B 392 -32.61 31.50 -19.01
CA CYS B 392 -32.44 30.21 -19.69
C CYS B 392 -32.06 29.09 -18.73
N LYS B 393 -31.72 29.42 -17.47
CA LYS B 393 -31.24 28.45 -16.50
C LYS B 393 -30.06 27.65 -17.06
N LYS B 394 -29.10 28.37 -17.64
CA LYS B 394 -27.94 27.69 -18.22
C LYS B 394 -26.79 28.67 -18.37
N CYS B 395 -25.58 28.14 -18.27
CA CYS B 395 -24.42 28.98 -18.54
C CYS B 395 -24.23 29.12 -20.04
N VAL B 396 -23.45 30.13 -20.42
CA VAL B 396 -23.37 30.60 -21.80
C VAL B 396 -22.01 31.26 -22.00
N LYS B 397 -21.46 31.12 -23.21
CA LYS B 397 -20.22 31.75 -23.62
C LYS B 397 -20.23 33.24 -23.30
N PRO B 398 -19.09 33.85 -23.03
CA PRO B 398 -19.08 35.29 -22.70
C PRO B 398 -19.48 36.18 -23.86
N SER B 399 -19.35 35.72 -25.11
CA SER B 399 -19.62 36.55 -26.28
C SER B 399 -21.08 36.55 -26.69
N TRP B 400 -21.96 35.95 -25.90
CA TRP B 400 -23.37 35.87 -26.24
C TRP B 400 -24.20 36.86 -25.43
N ILE B 401 -25.35 37.21 -25.98
CA ILE B 401 -26.33 38.07 -25.33
C ILE B 401 -27.66 37.31 -25.31
N HIS B 402 -28.47 37.59 -24.29
CA HIS B 402 -29.85 37.10 -24.29
C HIS B 402 -30.67 37.99 -25.21
N CYS B 403 -31.14 37.42 -26.31
CA CYS B 403 -31.93 38.18 -27.27
C CYS B 403 -33.38 38.17 -26.87
N SER B 404 -33.99 39.35 -26.86
CA SER B 404 -35.40 39.47 -26.52
C SER B 404 -36.27 38.95 -27.67
N ILE B 405 -37.48 38.51 -27.32
CA ILE B 405 -38.40 37.77 -28.18
C ILE B 405 -37.93 36.33 -28.33
N CYS B 406 -36.62 36.16 -28.57
CA CYS B 406 -36.06 34.82 -28.69
C CYS B 406 -36.22 34.03 -27.41
N ASN B 407 -35.93 34.66 -26.27
CA ASN B 407 -35.90 34.00 -24.96
C ASN B 407 -34.94 32.82 -24.94
N HIS B 408 -33.88 32.92 -25.73
CA HIS B 408 -32.78 31.95 -25.70
C HIS B 408 -31.49 32.67 -26.01
N CYS B 409 -30.51 32.53 -25.13
CA CYS B 409 -29.22 33.20 -25.30
C CYS B 409 -28.58 32.77 -26.62
N ALA B 410 -27.96 33.73 -27.31
CA ALA B 410 -27.33 33.46 -28.60
C ALA B 410 -26.32 34.55 -28.89
N VAL B 411 -25.58 34.36 -29.99
CA VAL B 411 -24.58 35.33 -30.43
C VAL B 411 -25.32 36.53 -31.02
N PRO B 412 -24.71 37.72 -31.05
CA PRO B 412 -25.38 38.88 -31.66
C PRO B 412 -25.99 38.63 -33.04
N ASP B 413 -25.29 37.96 -33.95
CA ASP B 413 -25.73 37.90 -35.34
C ASP B 413 -26.72 36.77 -35.59
N HIS B 414 -27.48 36.37 -34.56
CA HIS B 414 -28.28 35.16 -34.63
C HIS B 414 -29.53 35.37 -35.48
N SER B 415 -30.35 34.33 -35.57
CA SER B 415 -31.57 34.32 -36.37
C SER B 415 -32.76 34.63 -35.47
N CYS B 416 -33.35 35.80 -35.63
CA CYS B 416 -34.53 36.19 -34.86
C CYS B 416 -35.81 35.86 -35.61
N PRO C 14 36.53 32.56 9.12
CA PRO C 14 36.29 32.50 10.56
C PRO C 14 34.94 33.10 10.95
N ALA C 15 33.88 32.70 10.26
CA ALA C 15 32.57 33.27 10.47
C ALA C 15 31.84 32.59 11.64
N PRO C 16 30.96 33.31 12.32
CA PRO C 16 30.16 32.68 13.38
C PRO C 16 29.12 31.74 12.81
N LEU C 17 28.58 30.90 13.69
CA LEU C 17 27.70 29.81 13.29
C LEU C 17 26.24 30.20 13.53
N CYS C 18 25.47 30.29 12.46
CA CYS C 18 24.03 30.42 12.40
C CYS C 18 23.39 29.04 12.46
N PRO C 19 22.13 28.92 12.94
CA PRO C 19 21.50 27.59 13.06
C PRO C 19 21.50 26.74 11.79
N HIS C 20 21.93 27.27 10.65
CA HIS C 20 22.20 26.41 9.48
C HIS C 20 23.40 26.97 8.73
N GLY C 21 24.60 26.59 9.19
CA GLY C 21 25.83 26.90 8.52
C GLY C 21 26.42 28.23 8.95
N PRO C 22 27.66 28.51 8.53
CA PRO C 22 28.25 29.83 8.77
C PRO C 22 27.44 30.96 8.15
N THR C 23 27.87 32.20 8.37
CA THR C 23 27.09 33.35 7.95
C THR C 23 27.75 34.12 6.80
N PHE C 39 29.42 42.90 9.67
CA PHE C 39 27.97 42.75 9.56
C PHE C 39 27.60 41.40 8.96
N TYR C 40 27.17 40.46 9.81
CA TYR C 40 26.82 39.11 9.39
C TYR C 40 25.40 38.80 9.81
N ALA C 41 24.55 38.46 8.84
CA ALA C 41 23.23 37.93 9.07
C ALA C 41 23.20 36.48 8.61
N CYS C 42 22.01 35.89 8.55
CA CYS C 42 21.89 34.52 8.09
C CYS C 42 22.32 34.41 6.63
N SER C 43 22.64 33.18 6.22
CA SER C 43 23.18 32.91 4.89
C SER C 43 22.16 32.29 3.95
N ALA C 44 21.44 31.26 4.38
CA ALA C 44 20.49 30.55 3.54
C ALA C 44 19.06 31.06 3.67
N CYS C 45 18.82 32.04 4.54
CA CYS C 45 17.50 32.64 4.71
C CYS C 45 17.61 34.13 4.41
N ARG C 46 16.90 34.58 3.38
CA ARG C 46 16.96 35.98 2.99
C ARG C 46 16.13 36.85 3.93
N ASP C 47 14.87 36.49 4.15
CA ASP C 47 14.00 37.26 5.02
C ASP C 47 14.40 37.09 6.47
N ARG C 48 14.06 38.09 7.29
CA ARG C 48 14.45 38.07 8.70
C ARG C 48 13.64 37.07 9.50
N LYS C 49 12.39 36.81 9.10
CA LYS C 49 11.53 35.91 9.87
C LYS C 49 12.03 34.48 9.83
N ASP C 50 12.72 34.09 8.76
CA ASP C 50 13.16 32.70 8.62
C ASP C 50 14.32 32.38 9.56
N CYS C 51 15.22 33.35 9.75
CA CYS C 51 16.35 33.16 10.66
C CYS C 51 16.81 34.53 11.14
N ASN C 52 16.92 34.69 12.44
CA ASN C 52 17.28 35.96 13.07
C ASN C 52 18.71 35.87 13.58
N PHE C 53 19.64 36.47 12.81
CA PHE C 53 21.04 36.52 13.20
C PHE C 53 21.58 37.89 12.86
N PHE C 54 22.24 38.53 13.84
CA PHE C 54 22.79 39.88 13.65
C PHE C 54 24.15 39.92 14.35
N GLN C 55 25.22 39.88 13.57
CA GLN C 55 26.57 39.99 14.08
C GLN C 55 27.20 41.28 13.57
N TRP C 56 28.04 41.88 14.41
CA TRP C 56 28.79 43.08 14.06
C TRP C 56 30.27 42.73 13.99
N GLU C 57 30.95 43.25 12.97
CA GLU C 57 32.39 43.05 12.87
C GLU C 57 33.12 43.62 14.08
N ASP C 58 32.55 44.65 14.71
CA ASP C 58 33.13 45.28 15.89
C ASP C 58 32.36 44.96 17.17
N GLU C 59 31.64 43.83 17.18
CA GLU C 59 30.95 43.39 18.39
C GLU C 59 30.94 41.87 18.40
N LYS C 60 31.81 41.28 19.22
CA LYS C 60 31.82 39.84 19.44
C LYS C 60 31.06 39.52 20.72
N LEU C 61 30.14 38.57 20.64
CA LEU C 61 29.31 38.23 21.78
C LEU C 61 30.14 37.67 22.91
N SER C 62 29.70 37.95 24.14
CA SER C 62 30.38 37.42 25.33
C SER C 62 30.08 35.93 25.48
N GLY C 63 30.62 35.35 26.56
CA GLY C 63 30.42 33.93 26.80
C GLY C 63 28.96 33.55 26.94
N ALA C 64 28.24 34.27 27.82
CA ALA C 64 26.81 34.04 27.96
C ALA C 64 26.08 34.29 26.65
N ARG C 65 26.42 35.39 25.98
CA ARG C 65 25.74 35.74 24.73
C ARG C 65 26.02 34.72 23.64
N LEU C 66 27.18 34.04 23.68
CA LEU C 66 27.48 33.01 22.70
C LEU C 66 26.75 31.71 23.01
N ALA C 67 26.64 31.39 24.31
CA ALA C 67 25.86 30.22 24.72
C ALA C 67 24.41 30.35 24.27
N ALA C 68 23.89 31.59 24.26
CA ALA C 68 22.54 31.82 23.77
C ALA C 68 22.40 31.38 22.31
N ARG C 69 23.36 31.76 21.47
CA ARG C 69 23.34 31.36 20.07
C ARG C 69 23.33 29.84 19.94
N GLU C 70 24.21 29.16 20.68
CA GLU C 70 24.27 27.70 20.57
C GLU C 70 22.98 27.04 21.06
N ALA C 71 22.34 27.60 22.09
CA ALA C 71 21.09 27.02 22.57
C ALA C 71 19.99 27.12 21.52
N HIS C 72 19.83 28.32 20.93
CA HIS C 72 18.84 28.47 19.87
C HIS C 72 19.11 27.50 18.73
N ASN C 73 20.39 27.37 18.34
CA ASN C 73 20.73 26.41 17.29
C ASN C 73 20.27 25.00 17.64
N ARG C 74 20.63 24.53 18.84
CA ARG C 74 20.26 23.17 19.24
C ARG C 74 18.76 22.95 19.15
N ARG C 75 17.98 23.96 19.54
CA ARG C 75 16.52 23.82 19.39
C ARG C 75 16.11 23.76 17.93
N CYS C 76 16.82 24.44 17.04
CA CYS C 76 16.40 24.50 15.64
C CYS C 76 16.84 23.30 14.79
N GLN C 77 17.73 22.44 15.29
CA GLN C 77 18.16 21.28 14.50
C GLN C 77 16.98 20.31 14.32
N PRO C 78 17.00 19.52 13.25
CA PRO C 78 15.91 18.57 13.04
C PRO C 78 15.89 17.53 14.15
N PRO C 79 14.71 17.03 14.51
CA PRO C 79 14.61 16.09 15.65
C PRO C 79 15.38 14.80 15.43
N LEU C 80 14.99 14.02 14.43
CA LEU C 80 15.67 12.76 14.14
C LEU C 80 17.06 13.04 13.57
N SER C 81 18.07 12.42 14.17
CA SER C 81 19.43 12.56 13.68
C SER C 81 19.57 11.91 12.30
N ARG C 82 20.74 12.08 11.69
CA ARG C 82 20.97 11.51 10.37
C ARG C 82 21.00 9.99 10.42
N THR C 83 21.57 9.41 11.48
CA THR C 83 21.66 7.96 11.59
C THR C 83 20.31 7.36 11.96
N GLN C 84 19.57 8.04 12.83
CA GLN C 84 18.20 7.62 13.13
C GLN C 84 17.37 7.57 11.86
N CYS C 85 17.67 8.44 10.89
CA CYS C 85 16.91 8.47 9.64
C CYS C 85 17.08 7.17 8.86
N VAL C 86 18.33 6.75 8.63
CA VAL C 86 18.55 5.50 7.93
C VAL C 86 17.92 4.34 8.69
N GLU C 87 18.24 4.20 9.99
CA GLU C 87 17.70 3.07 10.76
C GLU C 87 16.18 2.97 10.60
N ARG C 88 15.48 4.10 10.71
CA ARG C 88 14.03 4.08 10.49
C ARG C 88 13.68 3.68 9.07
N TYR C 89 14.45 4.16 8.09
CA TYR C 89 14.14 3.88 6.68
C TYR C 89 14.25 2.39 6.37
N LEU C 90 15.33 1.76 6.86
CA LEU C 90 15.47 0.32 6.74
C LEU C 90 14.30 -0.40 7.39
N LYS C 91 14.02 -0.08 8.66
CA LYS C 91 12.90 -0.72 9.34
C LYS C 91 11.60 -0.51 8.59
N PHE C 92 11.48 0.60 7.87
CA PHE C 92 10.25 0.95 7.18
C PHE C 92 10.09 0.16 5.89
N ILE C 93 11.19 -0.09 5.17
CA ILE C 93 11.07 -0.94 3.99
C ILE C 93 10.85 -2.39 4.38
N GLU C 94 11.16 -2.78 5.63
CA GLU C 94 10.81 -4.14 6.01
C GLU C 94 9.36 -4.32 6.43
N LEU C 95 8.66 -3.25 6.81
CA LEU C 95 7.29 -3.38 7.23
C LEU C 95 6.40 -3.85 6.07
N PRO C 96 5.31 -4.55 6.36
CA PRO C 96 4.33 -4.85 5.32
C PRO C 96 3.66 -3.58 4.83
N LEU C 97 2.97 -3.71 3.69
CA LEU C 97 2.32 -2.55 3.08
C LEU C 97 1.32 -1.92 4.05
N THR C 98 0.44 -2.75 4.64
CA THR C 98 -0.61 -2.24 5.51
C THR C 98 -0.05 -1.44 6.68
N GLN C 99 1.18 -1.72 7.09
CA GLN C 99 1.79 -1.04 8.24
C GLN C 99 2.67 0.13 7.85
N ARG C 100 2.82 0.42 6.56
CA ARG C 100 3.65 1.53 6.10
C ARG C 100 2.79 2.79 6.03
N LYS C 101 2.95 3.68 7.00
CA LYS C 101 2.19 4.92 7.04
C LYS C 101 3.13 6.12 7.04
N PHE C 102 2.64 7.22 6.48
CA PHE C 102 3.41 8.45 6.34
C PHE C 102 2.53 9.61 6.78
N CYS C 103 2.98 10.34 7.79
CA CYS C 103 2.21 11.48 8.30
C CYS C 103 2.48 12.69 7.42
N GLN C 104 1.42 13.20 6.80
CA GLN C 104 1.54 14.29 5.84
C GLN C 104 1.62 15.65 6.53
N THR C 105 0.89 15.82 7.64
CA THR C 105 0.95 17.09 8.37
C THR C 105 2.33 17.31 8.97
N CYS C 106 2.97 16.24 9.44
CA CYS C 106 4.31 16.34 9.98
C CYS C 106 5.40 16.15 8.94
N GLN C 107 5.06 15.58 7.78
CA GLN C 107 6.04 15.20 6.77
C GLN C 107 7.07 14.23 7.35
N GLN C 108 6.58 13.07 7.78
CA GLN C 108 7.46 12.10 8.43
C GLN C 108 7.01 10.69 8.11
N LEU C 109 7.97 9.83 7.79
CA LEU C 109 7.70 8.40 7.73
C LEU C 109 7.41 7.89 9.12
N LEU C 110 6.44 6.99 9.25
CA LEU C 110 5.96 6.53 10.54
C LEU C 110 6.31 5.06 10.74
N LEU C 111 6.97 4.76 11.84
CA LEU C 111 7.03 3.40 12.33
C LEU C 111 5.74 3.09 13.10
N PRO C 112 5.36 1.81 13.20
CA PRO C 112 4.06 1.49 13.83
C PRO C 112 3.91 2.06 15.24
N ASP C 113 4.94 1.88 16.09
CA ASP C 113 4.87 2.30 17.48
C ASP C 113 4.42 3.76 17.61
N ASP C 114 4.86 4.62 16.70
CA ASP C 114 4.64 6.05 16.83
C ASP C 114 3.24 6.50 16.41
N TRP C 115 2.38 5.58 15.95
CA TRP C 115 1.08 5.99 15.43
C TRP C 115 0.27 6.78 16.46
N GLY C 116 0.36 6.39 17.73
CA GLY C 116 -0.39 7.06 18.78
C GLY C 116 -0.03 8.53 18.97
N GLN C 117 1.05 8.99 18.36
CA GLN C 117 1.43 10.40 18.43
C GLN C 117 0.99 11.20 17.23
N HIS C 118 0.36 10.55 16.23
CA HIS C 118 -0.10 11.23 15.03
C HIS C 118 -1.53 10.82 14.67
N SER C 119 -2.27 10.25 15.62
CA SER C 119 -3.62 9.77 15.35
C SER C 119 -4.53 10.91 14.93
N GLU C 120 -4.30 12.12 15.43
CA GLU C 120 -5.11 13.28 15.11
C GLU C 120 -4.57 14.06 13.91
N HIS C 121 -3.80 13.40 13.04
CA HIS C 121 -3.14 14.07 11.93
C HIS C 121 -3.63 13.49 10.60
N GLN C 122 -3.19 14.12 9.52
CA GLN C 122 -3.45 13.63 8.17
C GLN C 122 -2.35 12.64 7.82
N VAL C 123 -2.68 11.35 7.85
CA VAL C 123 -1.70 10.28 7.68
C VAL C 123 -2.10 9.46 6.46
N LEU C 124 -1.12 9.19 5.60
CA LEU C 124 -1.32 8.38 4.40
C LEU C 124 -0.91 6.94 4.69
N GLY C 125 -1.78 5.99 4.35
CA GLY C 125 -1.52 4.59 4.55
C GLY C 125 -1.08 3.89 3.28
N ASN C 126 -0.72 2.61 3.45
CA ASN C 126 -0.33 1.74 2.33
C ASN C 126 0.79 2.35 1.50
N VAL C 127 1.76 2.96 2.18
CA VAL C 127 2.90 3.57 1.50
C VAL C 127 3.71 2.46 0.84
N SER C 128 3.74 2.45 -0.48
CA SER C 128 4.52 1.45 -1.20
C SER C 128 6.00 1.83 -1.23
N ILE C 129 6.82 0.88 -1.66
CA ILE C 129 8.22 1.18 -1.90
C ILE C 129 8.37 2.06 -3.14
N THR C 130 7.48 1.88 -4.12
CA THR C 130 7.46 2.76 -5.27
C THR C 130 7.30 4.21 -4.86
N GLN C 131 6.40 4.47 -3.91
CA GLN C 131 6.28 5.82 -3.36
C GLN C 131 7.51 6.19 -2.52
N LEU C 132 8.14 5.21 -1.88
CA LEU C 132 9.32 5.49 -1.08
C LEU C 132 10.48 5.96 -1.94
N ARG C 133 10.61 5.41 -3.15
CA ARG C 133 11.67 5.82 -4.05
C ARG C 133 11.34 7.09 -4.82
N ARG C 134 10.20 7.72 -4.55
CA ARG C 134 9.84 9.02 -5.12
C ARG C 134 9.43 9.96 -4.00
N PRO C 135 10.39 10.45 -3.21
CA PRO C 135 10.02 11.37 -2.12
C PRO C 135 9.48 12.71 -2.58
N SER C 136 9.96 13.26 -3.71
CA SER C 136 9.47 14.56 -4.16
C SER C 136 8.00 14.52 -4.56
N GLN C 137 7.47 13.34 -4.88
CA GLN C 137 6.05 13.20 -5.13
C GLN C 137 5.25 12.90 -3.87
N LEU C 138 5.93 12.59 -2.76
CA LEU C 138 5.29 12.32 -1.48
C LEU C 138 5.27 13.54 -0.58
N LEU C 139 6.33 14.34 -0.58
CA LEU C 139 6.42 15.55 0.22
C LEU C 139 5.89 16.73 -0.58
N TYR C 140 5.06 17.55 0.06
CA TYR C 140 4.65 18.79 -0.59
C TYR C 140 5.88 19.68 -0.77
N PRO C 141 6.01 20.36 -1.91
CA PRO C 141 7.18 21.22 -2.12
C PRO C 141 7.13 22.45 -1.23
N LEU C 142 8.30 22.84 -0.72
CA LEU C 142 8.45 24.04 0.11
C LEU C 142 8.64 25.23 -0.83
N GLU C 143 7.54 25.94 -1.10
CA GLU C 143 7.48 26.90 -2.20
C GLU C 143 7.96 28.31 -1.84
N ASN C 144 8.32 28.57 -0.57
CA ASN C 144 8.76 29.91 -0.21
C ASN C 144 10.05 30.26 -0.94
N ALA C 145 10.01 31.36 -1.70
CA ALA C 145 11.18 31.82 -2.43
C ALA C 145 12.23 32.44 -1.54
N ALA C 146 11.95 32.62 -0.25
CA ALA C 146 12.92 33.19 0.68
C ALA C 146 13.77 32.12 1.36
N THR C 147 13.31 30.87 1.41
CA THR C 147 14.02 29.81 2.12
C THR C 147 14.49 28.72 1.17
N ASN C 148 13.60 27.87 0.67
CA ASN C 148 13.98 26.74 -0.15
C ASN C 148 13.71 26.94 -1.64
N ALA C 149 12.65 27.66 -1.98
CA ALA C 149 12.23 27.84 -3.36
C ALA C 149 12.11 26.50 -4.07
N GLN C 150 11.61 25.51 -3.35
CA GLN C 150 11.49 24.15 -3.89
C GLN C 150 10.49 24.13 -5.04
N TYR C 151 11.00 24.22 -6.26
CA TYR C 151 10.18 24.19 -7.47
C TYR C 151 10.58 22.95 -8.25
N LEU C 152 9.70 21.96 -8.27
CA LEU C 152 10.04 20.65 -8.81
C LEU C 152 9.89 20.61 -10.33
N PHE C 153 10.65 19.71 -10.95
CA PHE C 153 10.67 19.58 -12.40
C PHE C 153 9.36 18.97 -12.90
N ALA C 154 9.31 18.66 -14.19
CA ALA C 154 8.16 18.02 -14.81
C ALA C 154 8.60 16.69 -15.40
N ASP C 155 7.65 15.75 -15.47
CA ASP C 155 7.97 14.39 -15.95
C ASP C 155 8.68 14.43 -17.30
N ARG C 156 8.14 15.22 -18.24
CA ARG C 156 8.78 15.41 -19.54
C ARG C 156 10.22 15.88 -19.39
N SER C 157 10.40 16.99 -18.67
CA SER C 157 11.72 17.63 -18.60
C SER C 157 12.73 16.75 -17.86
N CYS C 158 12.32 16.13 -16.76
CA CYS C 158 13.24 15.31 -15.98
C CYS C 158 13.67 14.08 -16.75
N GLN C 159 12.72 13.39 -17.38
CA GLN C 159 13.07 12.23 -18.19
C GLN C 159 13.97 12.64 -19.35
N PHE C 160 13.73 13.82 -19.94
CA PHE C 160 14.63 14.34 -20.95
C PHE C 160 16.04 14.48 -20.40
N LEU C 161 16.17 15.04 -19.20
CA LEU C 161 17.50 15.24 -18.64
C LEU C 161 18.24 13.93 -18.43
N VAL C 162 17.55 12.90 -17.95
CA VAL C 162 18.27 11.65 -17.69
C VAL C 162 18.65 10.96 -19.01
N ASP C 163 17.75 10.97 -20.00
CA ASP C 163 18.11 10.41 -21.29
C ASP C 163 19.30 11.16 -21.89
N LEU C 164 19.35 12.48 -21.68
CA LEU C 164 20.46 13.28 -22.19
C LEU C 164 21.76 12.97 -21.44
N LEU C 165 21.69 12.84 -20.12
CA LEU C 165 22.89 12.57 -19.34
C LEU C 165 23.49 11.22 -19.68
N SER C 166 22.64 10.22 -19.91
CA SER C 166 23.15 8.91 -20.31
C SER C 166 23.72 8.94 -21.72
N ALA C 167 23.04 9.63 -22.64
CA ALA C 167 23.52 9.74 -24.00
C ALA C 167 24.86 10.46 -24.09
N LEU C 168 25.17 11.32 -23.12
CA LEU C 168 26.48 11.96 -23.05
C LEU C 168 27.53 11.08 -22.36
N GLY C 169 27.18 9.84 -22.03
CA GLY C 169 28.16 8.92 -21.47
C GLY C 169 28.46 9.10 -20.00
N PHE C 170 27.62 9.82 -19.27
CA PHE C 170 27.86 10.05 -17.85
C PHE C 170 27.40 8.86 -17.02
N ARG C 171 28.26 8.45 -16.08
CA ARG C 171 27.97 7.32 -15.21
C ARG C 171 27.72 7.71 -13.76
N ARG C 172 28.08 8.92 -13.36
CA ARG C 172 27.80 9.44 -12.03
C ARG C 172 27.32 10.88 -12.15
N VAL C 173 26.29 11.22 -11.38
CA VAL C 173 25.61 12.52 -11.50
C VAL C 173 25.43 13.09 -10.10
N LEU C 174 26.17 14.15 -9.79
CA LEU C 174 26.06 14.82 -8.51
C LEU C 174 24.91 15.82 -8.57
N CYS C 175 23.83 15.54 -7.84
CA CYS C 175 22.65 16.40 -7.80
C CYS C 175 22.72 17.25 -6.54
N VAL C 176 23.07 18.52 -6.70
CA VAL C 176 23.08 19.48 -5.60
C VAL C 176 21.82 20.33 -5.75
N GLY C 177 20.82 20.05 -4.90
CA GLY C 177 19.56 20.76 -4.98
C GLY C 177 18.65 20.30 -6.10
N THR C 178 18.65 19.01 -6.42
CA THR C 178 17.86 18.47 -7.52
C THR C 178 17.18 17.18 -7.09
N PRO C 179 16.23 17.25 -6.16
CA PRO C 179 15.64 16.00 -5.63
C PRO C 179 14.93 15.15 -6.68
N ARG C 180 14.12 15.77 -7.55
CA ARG C 180 13.32 15.00 -8.49
C ARG C 180 14.19 14.25 -9.49
N LEU C 181 15.23 14.92 -10.01
CA LEU C 181 16.18 14.27 -10.90
C LEU C 181 16.89 13.14 -10.18
N HIS C 182 17.25 13.37 -8.91
CA HIS C 182 17.89 12.35 -8.09
C HIS C 182 17.03 11.09 -8.03
N GLU C 183 15.72 11.25 -7.90
CA GLU C 183 14.83 10.09 -7.91
C GLU C 183 14.86 9.40 -9.27
N LEU C 184 14.65 10.15 -10.34
CA LEU C 184 14.52 9.54 -11.65
C LEU C 184 15.80 8.81 -12.05
N ILE C 185 16.95 9.32 -11.62
CA ILE C 185 18.22 8.65 -11.95
C ILE C 185 18.20 7.21 -11.47
N LYS C 186 17.89 7.01 -10.18
CA LYS C 186 17.87 5.66 -9.64
C LYS C 186 16.77 4.83 -10.30
N LEU C 187 15.61 5.42 -10.50
CA LEU C 187 14.49 4.64 -11.03
C LEU C 187 14.68 4.24 -12.48
N THR C 188 15.58 4.91 -13.22
CA THR C 188 15.88 4.48 -14.58
C THR C 188 17.19 3.69 -14.69
N ALA C 189 18.13 3.88 -13.77
CA ALA C 189 19.27 3.00 -13.66
C ALA C 189 18.92 1.67 -13.01
N SER C 190 17.67 1.50 -12.60
CA SER C 190 17.15 0.22 -12.12
C SER C 190 16.67 -0.68 -13.26
N GLY C 191 15.78 -0.15 -14.12
CA GLY C 191 15.13 -0.97 -15.13
C GLY C 191 16.11 -1.52 -16.15
N ASP C 192 16.94 -0.64 -16.73
CA ASP C 192 18.02 -1.11 -17.59
C ASP C 192 19.07 -1.82 -16.74
N LYS C 193 19.43 -3.04 -17.14
CA LYS C 193 20.37 -3.84 -16.37
C LYS C 193 21.81 -3.49 -16.75
N LYS C 194 22.77 -4.17 -16.12
CA LYS C 194 24.21 -3.97 -16.34
C LYS C 194 24.54 -2.52 -15.99
N SER C 195 25.09 -1.72 -16.92
CA SER C 195 25.54 -0.38 -16.60
C SER C 195 24.38 0.53 -16.20
N ASN C 196 24.61 1.32 -15.17
CA ASN C 196 23.57 2.17 -14.57
C ASN C 196 24.11 3.59 -14.47
N ILE C 197 23.47 4.40 -13.61
CA ILE C 197 23.90 5.77 -13.35
C ILE C 197 23.72 6.04 -11.86
N LYS C 198 24.82 6.34 -11.18
CA LYS C 198 24.78 6.60 -9.74
C LYS C 198 24.59 8.09 -9.48
N SER C 199 23.87 8.41 -8.42
CA SER C 199 23.52 9.80 -8.10
C SER C 199 23.68 10.06 -6.61
N LEU C 200 24.31 11.18 -6.28
CA LEU C 200 24.39 11.68 -4.91
C LEU C 200 23.58 12.96 -4.82
N LEU C 201 22.86 13.13 -3.72
CA LEU C 201 21.99 14.28 -3.51
C LEU C 201 22.57 15.15 -2.40
N LEU C 202 22.62 16.46 -2.66
CA LEU C 202 23.11 17.45 -1.70
C LEU C 202 22.01 18.49 -1.52
N ASP C 203 21.34 18.49 -0.37
CA ASP C 203 20.24 19.44 -0.24
C ASP C 203 20.11 19.90 1.20
N ILE C 204 19.38 21.00 1.38
CA ILE C 204 19.13 21.55 2.71
C ILE C 204 17.78 21.10 3.27
N ASP C 205 16.94 20.45 2.47
CA ASP C 205 15.64 19.97 2.92
C ASP C 205 15.85 18.72 3.76
N PHE C 206 15.83 18.89 5.09
CA PHE C 206 16.09 17.77 5.99
C PHE C 206 15.04 16.67 5.87
N ARG C 207 13.86 16.97 5.33
CA ARG C 207 12.85 15.94 5.09
C ARG C 207 13.44 14.77 4.30
N TYR C 208 14.07 15.07 3.17
CA TYR C 208 14.68 14.05 2.32
C TYR C 208 15.70 13.20 3.06
N SER C 209 16.08 13.57 4.28
CA SER C 209 17.03 12.75 5.02
C SER C 209 16.45 11.39 5.40
N GLN C 210 15.12 11.25 5.40
CA GLN C 210 14.54 9.97 5.80
C GLN C 210 14.42 8.97 4.67
N PHE C 211 14.67 9.36 3.42
CA PHE C 211 14.40 8.51 2.28
C PHE C 211 15.64 7.91 1.63
N TYR C 212 16.81 8.49 1.84
CA TYR C 212 18.04 8.01 1.21
C TYR C 212 19.08 7.68 2.27
N MET C 213 19.85 6.64 1.99
CA MET C 213 20.93 6.25 2.89
C MET C 213 22.10 7.23 2.77
N GLU C 214 23.12 7.03 3.59
CA GLU C 214 24.25 7.95 3.64
C GLU C 214 24.95 8.09 2.29
N ASP C 215 24.84 7.08 1.42
CA ASP C 215 25.52 7.13 0.14
C ASP C 215 24.80 8.00 -0.88
N SER C 216 23.52 8.28 -0.69
CA SER C 216 22.73 8.99 -1.68
C SER C 216 22.23 10.36 -1.23
N PHE C 217 22.51 10.78 0.00
CA PHE C 217 22.06 12.09 0.45
C PHE C 217 23.02 12.67 1.49
N CYS C 218 23.22 13.97 1.41
CA CYS C 218 23.87 14.75 2.45
C CYS C 218 23.08 16.02 2.72
N HIS C 219 23.04 16.39 4.00
CA HIS C 219 22.46 17.66 4.44
C HIS C 219 23.45 18.75 4.10
N TYR C 220 23.23 19.43 2.97
CA TYR C 220 24.18 20.35 2.40
C TYR C 220 23.56 21.73 2.23
N ASN C 221 24.37 22.77 2.43
CA ASN C 221 23.95 24.15 2.23
C ASN C 221 24.78 24.76 1.11
N MET C 222 24.10 25.36 0.14
CA MET C 222 24.72 25.81 -1.11
C MET C 222 25.37 27.18 -1.00
N PHE C 223 25.32 27.83 0.16
CA PHE C 223 25.88 29.16 0.31
C PHE C 223 27.26 29.14 0.98
N ASN C 224 27.39 28.45 2.10
CA ASN C 224 28.60 28.46 2.89
C ASN C 224 29.34 27.12 2.87
N HIS C 225 28.91 26.18 2.03
CA HIS C 225 29.60 24.90 1.85
C HIS C 225 29.71 24.14 3.17
N HIS C 226 28.58 24.02 3.86
CA HIS C 226 28.52 23.38 5.17
C HIS C 226 27.73 22.08 5.06
N PHE C 227 28.36 20.98 5.47
CA PHE C 227 27.69 19.69 5.62
C PHE C 227 27.27 19.54 7.07
N PHE C 228 25.95 19.46 7.29
CA PHE C 228 25.37 19.52 8.63
C PHE C 228 25.73 18.32 9.48
N ASP C 229 26.49 17.39 8.93
CA ASP C 229 26.87 16.19 9.66
C ASP C 229 28.36 16.10 9.96
N GLY C 230 29.21 16.72 9.14
CA GLY C 230 30.62 16.74 9.43
C GLY C 230 31.51 16.17 8.34
N LYS C 231 32.69 15.69 8.74
CA LYS C 231 33.65 15.21 7.76
C LYS C 231 33.16 13.95 7.06
N THR C 232 32.29 13.17 7.71
CA THR C 232 31.80 11.94 7.11
C THR C 232 31.05 12.20 5.81
N ALA C 233 30.04 13.09 5.87
CA ALA C 233 29.28 13.43 4.66
C ALA C 233 30.17 14.14 3.64
N LEU C 234 31.02 15.04 4.12
CA LEU C 234 32.05 15.69 3.30
C LEU C 234 32.79 14.66 2.45
N GLU C 235 33.31 13.61 3.10
CA GLU C 235 34.03 12.57 2.37
C GLU C 235 33.13 11.80 1.44
N VAL C 236 31.89 11.51 1.85
CA VAL C 236 30.96 10.80 0.98
C VAL C 236 30.94 11.48 -0.40
N CYS C 237 30.74 12.80 -0.41
CA CYS C 237 30.66 13.49 -1.69
C CYS C 237 32.03 13.62 -2.35
N ARG C 238 33.09 13.83 -1.57
CA ARG C 238 34.43 13.97 -2.15
C ARG C 238 34.83 12.70 -2.91
N ALA C 239 34.65 11.54 -2.29
CA ALA C 239 34.96 10.28 -2.96
C ALA C 239 34.02 10.06 -4.14
N PHE C 240 32.75 10.45 -4.00
CA PHE C 240 31.84 10.36 -5.14
C PHE C 240 32.35 11.17 -6.33
N LEU C 241 33.06 12.26 -6.07
CA LEU C 241 33.58 13.06 -7.18
C LEU C 241 34.87 12.51 -7.75
N GLN C 242 35.69 11.84 -6.94
CA GLN C 242 36.98 11.36 -7.46
C GLN C 242 36.95 9.91 -7.93
N GLU C 243 35.82 9.22 -7.81
CA GLU C 243 35.71 7.86 -8.35
C GLU C 243 35.98 7.81 -9.85
N ASP C 244 36.62 6.72 -10.29
CA ASP C 244 36.90 6.44 -11.70
C ASP C 244 37.75 7.55 -12.34
N LYS C 245 38.81 7.96 -11.62
CA LYS C 245 39.73 8.99 -12.08
C LYS C 245 39.01 10.29 -12.43
N GLY C 246 37.85 10.52 -11.83
CA GLY C 246 37.07 11.71 -12.09
C GLY C 246 36.30 11.71 -13.39
N GLU C 247 36.41 10.66 -14.20
CA GLU C 247 35.74 10.61 -15.48
C GLU C 247 34.32 10.10 -15.33
N GLY C 248 33.39 10.72 -16.06
CA GLY C 248 32.00 10.33 -16.07
C GLY C 248 31.09 11.12 -15.17
N ILE C 249 31.65 11.98 -14.32
CA ILE C 249 30.84 12.76 -13.38
C ILE C 249 30.29 13.99 -14.09
N ILE C 250 29.09 14.41 -13.71
CA ILE C 250 28.52 15.68 -14.14
C ILE C 250 27.69 16.24 -12.99
N MET C 251 27.96 17.48 -12.62
CA MET C 251 27.22 18.14 -11.55
C MET C 251 26.07 18.92 -12.15
N VAL C 252 24.85 18.63 -11.69
CA VAL C 252 23.65 19.32 -12.12
C VAL C 252 23.11 20.11 -10.94
N THR C 253 22.65 21.34 -11.20
CA THR C 253 22.20 22.22 -10.14
C THR C 253 20.99 23.02 -10.58
N ASP C 254 20.11 23.31 -9.62
CA ASP C 254 18.94 24.15 -9.84
C ASP C 254 18.73 25.00 -8.58
N PRO C 255 19.61 25.95 -8.34
CA PRO C 255 19.56 26.72 -7.09
C PRO C 255 18.38 27.66 -7.06
N PRO C 256 18.04 28.23 -5.90
CA PRO C 256 17.03 29.28 -5.85
C PRO C 256 17.59 30.60 -6.37
N PHE C 257 16.87 31.23 -7.29
CA PHE C 257 17.39 32.43 -7.94
C PHE C 257 17.31 33.64 -7.01
N GLY C 258 16.17 33.80 -6.32
CA GLY C 258 15.99 34.90 -5.42
C GLY C 258 17.02 34.84 -4.31
N GLY C 259 17.43 35.99 -3.80
CA GLY C 259 18.51 36.02 -2.82
C GLY C 259 19.82 36.52 -3.39
N LEU C 260 20.79 35.63 -3.53
CA LEU C 260 22.12 36.00 -3.98
C LEU C 260 22.58 35.05 -5.08
N VAL C 261 23.53 35.52 -5.89
CA VAL C 261 24.16 34.69 -6.91
C VAL C 261 25.68 34.59 -6.74
N GLU C 262 26.30 35.50 -5.98
CA GLU C 262 27.76 35.44 -5.78
C GLU C 262 28.18 34.25 -4.94
N PRO C 263 27.67 34.05 -3.71
CA PRO C 263 28.16 32.93 -2.90
C PRO C 263 27.83 31.57 -3.49
N LEU C 264 26.83 31.50 -4.38
CA LEU C 264 26.54 30.24 -5.07
C LEU C 264 27.74 29.78 -5.91
N ALA C 265 28.29 30.69 -6.72
CA ALA C 265 29.51 30.36 -7.44
C ALA C 265 30.69 30.17 -6.49
N ILE C 266 30.71 30.90 -5.37
CA ILE C 266 31.75 30.66 -4.36
C ILE C 266 31.72 29.21 -3.87
N THR C 267 30.53 28.62 -3.79
CA THR C 267 30.39 27.24 -3.32
C THR C 267 30.66 26.22 -4.44
N PHE C 268 30.09 26.46 -5.61
CA PHE C 268 30.31 25.56 -6.74
C PHE C 268 31.78 25.52 -7.13
N LYS C 269 32.51 26.60 -6.88
CA LYS C 269 33.95 26.59 -7.12
C LYS C 269 34.65 25.63 -6.16
N LYS C 270 34.20 25.57 -4.91
CA LYS C 270 34.80 24.64 -3.96
C LYS C 270 34.55 23.19 -4.39
N LEU C 271 33.34 22.92 -4.88
CA LEU C 271 33.07 21.58 -5.41
C LEU C 271 34.03 21.21 -6.54
N ILE C 272 34.14 22.07 -7.55
CA ILE C 272 35.02 21.74 -8.68
C ILE C 272 36.47 21.67 -8.23
N ALA C 273 36.83 22.41 -7.19
CA ALA C 273 38.17 22.30 -6.63
C ALA C 273 38.39 20.92 -6.02
N MET C 274 37.37 20.36 -5.37
CA MET C 274 37.50 18.98 -4.91
C MET C 274 37.64 18.02 -6.08
N TRP C 275 37.03 18.32 -7.22
CA TRP C 275 37.21 17.44 -8.39
C TRP C 275 38.63 17.51 -8.95
N LYS C 276 39.35 18.62 -8.73
CA LYS C 276 40.63 18.87 -9.39
C LYS C 276 41.83 18.51 -8.51
N GLU C 277 41.70 17.48 -7.68
CA GLU C 277 42.79 17.00 -6.84
C GLU C 277 43.36 15.72 -7.43
N GLY C 278 44.64 15.74 -7.79
CA GLY C 278 45.26 14.60 -8.40
C GLY C 278 45.18 14.63 -9.91
N GLN C 279 45.82 15.62 -10.52
CA GLN C 279 45.81 15.79 -11.96
C GLN C 279 46.91 16.77 -12.39
N SER C 280 47.94 16.26 -13.07
CA SER C 280 49.06 17.08 -13.50
C SER C 280 48.75 17.73 -14.85
N GLN C 281 48.64 16.92 -15.90
CA GLN C 281 48.26 17.40 -17.22
C GLN C 281 46.75 17.44 -17.43
N ASP C 282 45.97 16.79 -16.54
CA ASP C 282 44.52 16.84 -16.62
C ASP C 282 43.95 18.12 -16.03
N ASP C 283 44.73 18.86 -15.25
CA ASP C 283 44.30 20.18 -14.80
C ASP C 283 44.24 21.15 -15.97
N SER C 284 45.24 21.11 -16.84
CA SER C 284 45.29 22.00 -18.00
C SER C 284 44.49 21.49 -19.18
N HIS C 285 43.96 20.26 -19.11
CA HIS C 285 43.27 19.65 -20.24
C HIS C 285 41.76 19.64 -20.07
N LYS C 286 41.25 19.19 -18.92
CA LYS C 286 39.84 18.95 -18.73
C LYS C 286 39.26 19.88 -17.67
N GLU C 287 37.98 20.19 -17.80
CA GLU C 287 37.23 20.91 -16.79
C GLU C 287 35.96 20.13 -16.47
N LEU C 288 35.36 20.45 -15.33
CA LEU C 288 34.26 19.65 -14.80
C LEU C 288 32.97 19.92 -15.56
N PRO C 289 32.35 18.91 -16.16
CA PRO C 289 31.05 19.11 -16.82
C PRO C 289 29.97 19.47 -15.80
N ILE C 290 29.32 20.62 -16.01
CA ILE C 290 28.35 21.16 -15.06
C ILE C 290 27.15 21.71 -15.83
N PHE C 291 25.95 21.37 -15.38
CA PHE C 291 24.72 21.98 -15.83
C PHE C 291 24.24 22.96 -14.77
N TRP C 292 23.93 24.20 -15.16
CA TRP C 292 23.37 25.18 -14.23
C TRP C 292 22.03 25.64 -14.78
N ILE C 293 20.96 25.33 -14.06
CA ILE C 293 19.60 25.66 -14.49
C ILE C 293 19.17 26.91 -13.74
N PHE C 294 18.84 27.97 -14.47
CA PHE C 294 18.60 29.26 -13.82
C PHE C 294 17.79 30.13 -14.77
N PRO C 295 17.11 31.16 -14.26
CA PRO C 295 16.42 32.09 -15.16
C PRO C 295 17.36 32.68 -16.19
N TYR C 296 16.80 33.06 -17.34
CA TYR C 296 17.60 33.55 -18.45
C TYR C 296 18.30 34.86 -18.09
N PHE C 297 17.60 35.76 -17.39
CA PHE C 297 18.13 37.10 -17.14
C PHE C 297 19.26 37.12 -16.10
N PHE C 298 19.73 35.97 -15.62
CA PHE C 298 20.94 35.91 -14.82
C PHE C 298 22.15 35.48 -15.63
N GLU C 299 21.99 35.27 -16.94
CA GLU C 299 23.11 34.93 -17.80
C GLU C 299 24.23 35.97 -17.67
N SER C 300 23.87 37.24 -17.77
CA SER C 300 24.86 38.31 -17.61
C SER C 300 25.56 38.22 -16.25
N ARG C 301 24.87 37.73 -15.23
CA ARG C 301 25.49 37.59 -13.92
C ARG C 301 26.24 36.28 -13.76
N ILE C 302 25.89 35.26 -14.55
CA ILE C 302 26.47 33.93 -14.38
C ILE C 302 27.72 33.76 -15.25
N CYS C 303 27.67 34.22 -16.50
CA CYS C 303 28.82 34.09 -17.38
C CYS C 303 30.01 34.93 -16.93
N GLN C 304 29.84 35.78 -15.91
CA GLN C 304 30.97 36.50 -15.36
C GLN C 304 31.83 35.60 -14.50
N PHE C 305 31.26 34.53 -13.94
CA PHE C 305 32.01 33.56 -13.16
C PHE C 305 32.49 32.39 -14.02
N PHE C 306 31.66 31.90 -14.93
CA PHE C 306 31.99 30.82 -15.84
C PHE C 306 31.89 31.34 -17.26
N PRO C 307 32.93 32.00 -17.78
CA PRO C 307 32.87 32.54 -19.14
C PRO C 307 32.71 31.47 -20.21
N SER C 308 32.95 30.20 -19.89
CA SER C 308 32.72 29.12 -20.84
C SER C 308 31.28 28.63 -20.86
N PHE C 309 30.44 29.13 -19.97
CA PHE C 309 29.04 28.71 -19.92
C PHE C 309 28.26 29.30 -21.08
N GLN C 310 27.76 28.45 -21.95
CA GLN C 310 26.78 28.82 -22.96
C GLN C 310 25.38 28.45 -22.47
N MET C 311 24.38 29.10 -23.06
CA MET C 311 22.99 28.86 -22.73
C MET C 311 22.35 28.06 -23.86
N LEU C 312 21.75 26.93 -23.51
CA LEU C 312 20.90 26.23 -24.47
C LEU C 312 19.50 26.81 -24.40
N ASP C 313 18.78 26.73 -25.51
CA ASP C 313 17.44 27.29 -25.61
C ASP C 313 16.35 26.28 -25.27
N TYR C 314 16.69 25.25 -24.51
CA TYR C 314 15.69 24.26 -24.11
C TYR C 314 14.83 24.81 -22.97
N GLN C 315 13.52 24.53 -23.05
CA GLN C 315 12.55 25.05 -22.10
C GLN C 315 12.27 23.95 -21.06
N VAL C 316 13.05 23.93 -19.99
CA VAL C 316 12.82 22.98 -18.92
C VAL C 316 11.55 23.38 -18.17
N ASP C 317 10.51 22.58 -18.29
CA ASP C 317 9.25 22.86 -17.63
C ASP C 317 9.30 22.42 -16.17
N TYR C 318 8.42 23.01 -15.36
CA TYR C 318 8.30 22.70 -13.95
C TYR C 318 6.85 22.39 -13.62
N ASP C 319 6.65 21.68 -12.51
CA ASP C 319 5.29 21.48 -12.00
C ASP C 319 4.80 22.71 -11.25
N ASN C 320 5.69 23.33 -10.46
CA ASN C 320 5.38 24.54 -9.71
C ASN C 320 6.58 25.48 -9.80
N HIS C 321 6.30 26.78 -9.79
CA HIS C 321 7.35 27.79 -9.90
C HIS C 321 6.75 29.13 -9.54
N ALA C 322 7.46 29.87 -8.68
CA ALA C 322 6.96 31.17 -8.25
C ALA C 322 7.20 32.27 -9.29
N LEU C 323 8.13 32.08 -10.22
CA LEU C 323 8.37 33.08 -11.25
C LEU C 323 7.19 33.16 -12.21
N TYR C 324 6.71 32.01 -12.68
CA TYR C 324 5.53 31.95 -13.54
C TYR C 324 4.60 30.87 -12.99
N LYS C 325 3.35 31.24 -12.78
CA LYS C 325 2.36 30.32 -12.21
C LYS C 325 0.95 30.74 -12.59
N ARG C 331 0.82 26.28 -21.92
CA ARG C 331 -0.10 27.31 -21.43
C ARG C 331 0.66 28.60 -21.11
N LYS C 332 1.51 28.54 -20.09
CA LYS C 332 2.36 29.66 -19.70
C LYS C 332 3.79 29.37 -20.15
N GLN C 333 4.38 30.32 -20.88
CA GLN C 333 5.72 30.11 -21.43
C GLN C 333 6.74 29.91 -20.32
N SER C 334 7.61 28.92 -20.50
CA SER C 334 8.62 28.55 -19.52
C SER C 334 9.85 29.42 -19.69
N PRO C 335 10.38 30.01 -18.60
CA PRO C 335 11.52 30.92 -18.74
C PRO C 335 12.86 30.24 -18.48
N VAL C 336 12.88 29.21 -17.65
CA VAL C 336 14.14 28.67 -17.14
C VAL C 336 14.85 27.90 -18.24
N ARG C 337 16.15 28.12 -18.38
CA ARG C 337 16.99 27.42 -19.34
C ARG C 337 18.22 26.88 -18.63
N ILE C 338 19.03 26.16 -19.41
CA ILE C 338 20.24 25.51 -18.94
C ILE C 338 21.44 26.29 -19.42
N PHE C 339 22.46 26.37 -18.56
CA PHE C 339 23.71 27.07 -18.81
C PHE C 339 24.80 26.04 -18.53
N THR C 340 25.38 25.48 -19.59
CA THR C 340 26.36 24.42 -19.42
C THR C 340 27.73 24.89 -19.91
N ASN C 341 28.75 24.08 -19.62
CA ASN C 341 30.08 24.33 -20.13
C ASN C 341 30.49 23.42 -21.27
N ILE C 342 29.76 22.33 -21.49
CA ILE C 342 30.08 21.38 -22.56
C ILE C 342 29.60 21.97 -23.88
N PRO C 343 30.16 21.54 -25.02
CA PRO C 343 29.81 22.15 -26.31
C PRO C 343 28.32 22.06 -26.58
N PRO C 344 27.69 23.18 -26.98
CA PRO C 344 26.25 23.16 -27.23
C PRO C 344 25.84 22.34 -28.45
N ASN C 345 26.75 22.12 -29.40
CA ASN C 345 26.41 21.36 -30.59
C ASN C 345 26.34 19.86 -30.32
N LYS C 346 26.98 19.38 -29.25
CA LYS C 346 26.93 17.97 -28.89
C LYS C 346 25.64 17.58 -28.17
N ILE C 347 24.83 18.55 -27.76
CA ILE C 347 23.60 18.30 -27.02
C ILE C 347 22.44 18.43 -28.00
N ILE C 348 21.86 17.29 -28.39
CA ILE C 348 20.77 17.28 -29.36
C ILE C 348 19.47 17.56 -28.61
N LEU C 349 18.96 18.78 -28.76
CA LEU C 349 17.62 19.08 -28.26
C LEU C 349 16.59 18.39 -29.15
N PRO C 350 15.52 17.86 -28.57
CA PRO C 350 14.60 17.01 -29.35
C PRO C 350 13.85 17.81 -30.40
N THR C 351 14.06 17.44 -31.67
CA THR C 351 13.27 18.03 -32.75
C THR C 351 11.79 17.70 -32.62
N GLU C 352 11.46 16.67 -31.84
CA GLU C 352 10.06 16.30 -31.62
C GLU C 352 9.31 17.40 -30.86
N GLU C 353 10.00 18.10 -29.96
CA GLU C 353 9.38 19.11 -29.11
C GLU C 353 9.64 20.53 -29.62
N GLY C 354 9.67 20.72 -30.93
CA GLY C 354 9.83 22.04 -31.51
C GLY C 354 11.19 22.67 -31.28
N TYR C 355 12.25 21.96 -31.66
CA TYR C 355 13.61 22.45 -31.51
C TYR C 355 14.37 22.16 -32.81
N ARG C 356 15.02 23.19 -33.35
CA ARG C 356 15.74 23.06 -34.61
C ARG C 356 17.21 23.37 -34.42
N PHE C 357 17.98 23.13 -35.47
CA PHE C 357 19.42 23.36 -35.48
C PHE C 357 19.75 24.37 -36.57
N CYS C 358 20.28 25.52 -36.17
CA CYS C 358 20.58 26.62 -37.08
C CYS C 358 22.04 26.54 -37.52
N SER C 359 22.29 26.90 -38.78
CA SER C 359 23.61 26.67 -39.38
C SER C 359 24.68 27.65 -38.89
N PRO C 360 24.51 28.99 -39.06
CA PRO C 360 25.61 29.89 -38.69
C PRO C 360 26.03 29.78 -37.23
N CYS C 361 25.09 29.96 -36.31
CA CYS C 361 25.36 29.78 -34.88
C CYS C 361 25.07 28.32 -34.54
N GLN C 362 26.12 27.53 -34.38
CA GLN C 362 25.97 26.09 -34.19
C GLN C 362 25.47 25.77 -32.79
N ARG C 363 24.15 25.75 -32.61
CA ARG C 363 23.49 25.39 -31.36
C ARG C 363 22.02 25.16 -31.66
N TYR C 364 21.38 24.38 -30.80
CA TYR C 364 19.96 24.09 -30.95
C TYR C 364 19.13 25.22 -30.36
N VAL C 365 18.03 25.56 -31.04
CA VAL C 365 17.18 26.68 -30.66
C VAL C 365 15.72 26.25 -30.74
N SER C 366 14.86 27.10 -30.19
CA SER C 366 13.43 26.84 -30.11
C SER C 366 12.74 27.26 -31.40
N LEU C 367 11.41 27.11 -31.44
CA LEU C 367 10.65 27.46 -32.63
C LEU C 367 10.60 28.97 -32.84
N GLU C 368 10.04 29.70 -31.88
CA GLU C 368 9.85 31.14 -32.01
C GLU C 368 11.13 31.94 -31.80
N ASN C 369 12.28 31.29 -31.68
CA ASN C 369 13.56 31.98 -31.52
C ASN C 369 14.12 32.25 -32.91
N GLN C 370 13.74 33.39 -33.49
CA GLN C 370 14.14 33.73 -34.84
C GLN C 370 15.58 34.23 -34.87
N HIS C 371 16.15 34.23 -36.07
CA HIS C 371 17.55 34.57 -36.31
C HIS C 371 17.60 35.94 -37.00
N CYS C 372 17.66 37.00 -36.20
CA CYS C 372 17.82 38.34 -36.74
C CYS C 372 19.25 38.52 -37.27
N GLU C 373 19.37 38.96 -38.52
CA GLU C 373 20.62 38.82 -39.25
C GLU C 373 21.64 39.91 -38.97
N LEU C 374 21.26 41.03 -38.36
CA LEU C 374 22.26 42.03 -38.01
C LEU C 374 23.18 41.52 -36.91
N CYS C 375 22.60 40.93 -35.87
CA CYS C 375 23.40 40.32 -34.81
C CYS C 375 23.93 38.94 -35.22
N ASN C 376 23.33 38.33 -36.25
CA ASN C 376 23.73 37.01 -36.74
C ASN C 376 23.71 35.96 -35.62
N SER C 377 22.67 36.01 -34.80
CA SER C 377 22.44 35.02 -33.76
C SER C 377 20.95 34.98 -33.46
N CYS C 378 20.49 33.81 -33.00
CA CYS C 378 19.13 33.67 -32.51
C CYS C 378 19.07 34.30 -31.12
N THR C 379 18.41 35.46 -31.03
CA THR C 379 18.51 36.32 -29.85
C THR C 379 17.28 36.27 -28.96
N SER C 380 16.26 35.49 -29.29
CA SER C 380 15.04 35.44 -28.50
C SER C 380 15.25 34.43 -27.36
N LYS C 381 15.52 34.93 -26.16
CA LYS C 381 15.57 34.06 -24.99
C LYS C 381 14.20 33.49 -24.68
N ASP C 382 13.22 34.36 -24.44
CA ASP C 382 11.86 33.92 -24.21
C ASP C 382 11.19 33.53 -25.52
N GLY C 383 10.10 32.78 -25.40
CA GLY C 383 9.34 32.41 -26.58
C GLY C 383 8.81 33.61 -27.33
N ARG C 384 8.44 34.67 -26.60
CA ARG C 384 8.05 35.92 -27.23
C ARG C 384 9.15 36.40 -28.17
N LYS C 385 8.75 36.67 -29.42
CA LYS C 385 9.73 37.03 -30.43
C LYS C 385 10.27 38.43 -30.17
N TRP C 386 11.59 38.57 -30.25
CA TRP C 386 12.28 39.80 -29.89
C TRP C 386 12.50 40.67 -31.12
N ASN C 387 12.39 41.98 -30.93
CA ASN C 387 12.49 42.93 -32.03
C ASN C 387 13.83 43.65 -32.00
N HIS C 388 14.31 44.03 -33.18
CA HIS C 388 15.59 44.70 -33.33
C HIS C 388 15.40 46.17 -33.63
N CYS C 389 16.15 47.02 -32.94
CA CYS C 389 16.20 48.45 -33.21
C CYS C 389 17.43 48.75 -34.07
N PHE C 390 17.23 49.58 -35.09
CA PHE C 390 18.14 49.62 -36.23
C PHE C 390 19.40 50.44 -36.00
N LEU C 391 19.45 51.25 -34.93
CA LEU C 391 20.66 51.93 -34.53
C LEU C 391 21.06 51.55 -33.10
N CYS C 392 20.74 50.32 -32.72
CA CYS C 392 20.89 49.84 -31.35
C CYS C 392 21.97 48.78 -31.18
N LYS C 393 22.03 47.82 -32.11
CA LYS C 393 22.82 46.59 -31.95
C LYS C 393 22.35 45.83 -30.70
N LYS C 394 21.02 45.67 -30.60
CA LYS C 394 20.40 44.99 -29.49
C LYS C 394 18.95 44.59 -29.77
N CYS C 395 18.70 43.31 -30.00
CA CYS C 395 17.34 42.81 -29.98
C CYS C 395 16.81 42.81 -28.56
N VAL C 396 15.59 43.27 -28.38
CA VAL C 396 15.01 43.45 -27.06
C VAL C 396 13.62 42.81 -27.02
N LYS C 397 13.13 42.64 -25.79
CA LYS C 397 11.77 42.18 -25.57
C LYS C 397 10.79 43.11 -26.28
N PRO C 398 9.62 42.59 -26.68
CA PRO C 398 8.72 43.35 -27.57
C PRO C 398 8.41 44.78 -27.13
N SER C 399 8.30 45.04 -25.82
CA SER C 399 7.84 46.35 -25.34
C SER C 399 9.02 47.24 -24.93
N TRP C 400 10.06 47.33 -25.76
CA TRP C 400 11.20 48.19 -25.51
C TRP C 400 11.34 49.17 -26.68
N ILE C 401 11.43 50.46 -26.36
CA ILE C 401 11.45 51.50 -27.39
C ILE C 401 12.76 52.25 -27.36
N HIS C 402 12.95 53.11 -28.34
CA HIS C 402 14.09 54.00 -28.37
C HIS C 402 13.79 55.26 -27.58
N CYS C 403 14.84 55.90 -27.10
CA CYS C 403 14.65 57.10 -26.29
C CYS C 403 15.74 58.12 -26.59
N SER C 404 15.39 59.39 -26.46
CA SER C 404 16.37 60.46 -26.60
C SER C 404 17.41 60.36 -25.49
N ILE C 405 18.65 60.72 -25.83
CA ILE C 405 19.74 60.89 -24.87
C ILE C 405 20.29 59.55 -24.37
N CYS C 406 19.40 58.58 -24.14
CA CYS C 406 19.84 57.28 -23.67
C CYS C 406 20.74 56.58 -24.67
N ASN C 407 20.39 56.66 -25.96
CA ASN C 407 21.04 55.88 -27.03
C ASN C 407 20.94 54.39 -26.77
N HIS C 408 19.99 53.97 -25.94
CA HIS C 408 19.81 52.56 -25.60
C HIS C 408 18.33 52.30 -25.34
N CYS C 409 17.84 51.17 -25.85
CA CYS C 409 16.44 50.80 -25.69
C CYS C 409 16.16 50.30 -24.28
N ALA C 410 15.00 50.66 -23.76
CA ALA C 410 14.59 50.23 -22.42
C ALA C 410 13.07 50.23 -22.35
N VAL C 411 12.55 50.09 -21.14
CA VAL C 411 11.11 50.13 -20.89
C VAL C 411 10.69 51.59 -20.76
N PRO C 412 9.59 52.01 -21.41
CA PRO C 412 9.40 53.46 -21.65
C PRO C 412 9.25 54.32 -20.41
N ASP C 413 8.75 53.79 -19.29
CA ASP C 413 8.57 54.61 -18.09
C ASP C 413 9.88 55.05 -17.47
N HIS C 414 11.00 54.52 -17.95
CA HIS C 414 12.33 54.72 -17.35
C HIS C 414 12.58 56.18 -16.97
N SER C 415 13.14 56.38 -15.78
CA SER C 415 13.66 57.68 -15.37
C SER C 415 14.80 58.06 -16.30
N CYS C 416 14.56 59.00 -17.21
CA CYS C 416 15.43 59.20 -18.36
C CYS C 416 15.76 60.67 -18.55
N GLU C 417 16.95 60.90 -19.11
CA GLU C 417 17.46 62.24 -19.36
C GLU C 417 18.76 62.18 -20.15
N GLY C 418 19.33 63.35 -20.45
CA GLY C 418 20.63 63.41 -21.07
C GLY C 418 21.72 63.05 -20.09
N PRO C 419 22.89 62.68 -20.60
CA PRO C 419 24.05 62.52 -19.70
C PRO C 419 24.38 63.83 -19.02
N LYS C 420 23.87 64.01 -17.81
CA LYS C 420 24.04 65.25 -17.06
C LYS C 420 23.71 65.05 -15.59
N MET D 3 -9.34 -13.89 44.88
CA MET D 3 -9.06 -14.80 45.98
C MET D 3 -8.38 -16.07 45.49
N GLU D 4 -7.77 -16.81 46.41
CA GLU D 4 -7.11 -18.06 46.12
C GLU D 4 -7.78 -19.19 46.89
N VAL D 5 -8.20 -20.22 46.18
CA VAL D 5 -8.93 -21.35 46.76
C VAL D 5 -7.98 -22.53 46.88
N VAL D 6 -8.04 -23.21 48.02
CA VAL D 6 -7.20 -24.38 48.29
C VAL D 6 -7.98 -25.64 47.96
N LEU D 7 -7.32 -26.59 47.31
CA LEU D 7 -7.89 -27.90 47.04
C LEU D 7 -6.87 -28.98 47.31
N PRO D 8 -6.63 -29.31 48.57
CA PRO D 8 -5.86 -30.52 48.89
C PRO D 8 -6.69 -31.76 48.64
N LEU D 9 -6.02 -32.79 48.20
CA LEU D 9 -6.68 -33.94 47.65
C LEU D 9 -6.01 -35.22 48.13
N ASP D 10 -6.83 -36.25 48.38
CA ASP D 10 -6.39 -37.55 48.89
C ASP D 10 -6.58 -38.57 47.80
N PRO D 11 -5.52 -39.16 47.25
CA PRO D 11 -5.71 -40.20 46.23
C PRO D 11 -6.42 -41.42 46.75
N ALA D 12 -6.22 -41.78 48.02
CA ALA D 12 -6.83 -42.98 48.61
C ALA D 12 -8.34 -42.89 48.70
N VAL D 13 -8.92 -41.70 48.56
CA VAL D 13 -10.37 -41.56 48.56
C VAL D 13 -10.89 -41.92 47.17
N PRO D 14 -11.75 -42.93 47.06
CA PRO D 14 -12.28 -43.31 45.74
C PRO D 14 -13.59 -42.62 45.42
N ALA D 15 -13.75 -42.25 44.16
CA ALA D 15 -14.99 -41.62 43.72
C ALA D 15 -16.15 -42.63 43.80
N PRO D 16 -17.34 -42.17 44.16
CA PRO D 16 -18.49 -43.09 44.19
C PRO D 16 -18.79 -43.63 42.80
N LEU D 17 -19.40 -44.82 42.77
CA LEU D 17 -19.69 -45.50 41.51
C LEU D 17 -21.04 -45.02 40.95
N CYS D 18 -21.04 -44.63 39.67
CA CYS D 18 -22.27 -44.33 38.96
C CYS D 18 -22.54 -45.43 37.95
N PRO D 19 -23.75 -45.50 37.37
CA PRO D 19 -24.06 -46.57 36.42
C PRO D 19 -23.07 -46.69 35.27
N HIS D 20 -22.09 -45.78 35.19
CA HIS D 20 -21.24 -45.65 34.02
C HIS D 20 -19.77 -45.79 34.35
N GLY D 21 -19.42 -46.22 35.57
CA GLY D 21 -18.05 -46.20 36.02
C GLY D 21 -17.85 -45.17 37.13
N PRO D 22 -16.60 -44.93 37.53
CA PRO D 22 -16.37 -43.98 38.62
C PRO D 22 -16.82 -42.57 38.26
N THR D 23 -17.36 -41.87 39.25
CA THR D 23 -17.83 -40.51 39.04
C THR D 23 -16.65 -39.56 38.90
N LEU D 24 -16.95 -38.33 38.46
CA LEU D 24 -15.95 -37.27 38.46
C LEU D 24 -16.18 -36.37 39.67
N LEU D 25 -15.09 -36.09 40.39
CA LEU D 25 -15.09 -35.11 41.46
C LEU D 25 -15.01 -33.70 40.87
N PHE D 26 -15.88 -32.81 41.35
CA PHE D 26 -15.95 -31.43 40.91
C PHE D 26 -15.87 -30.50 42.10
N VAL D 27 -15.23 -29.35 41.87
CA VAL D 27 -15.43 -28.14 42.65
C VAL D 27 -15.89 -27.06 41.68
N LYS D 28 -17.12 -26.58 41.88
CA LYS D 28 -17.74 -25.61 40.97
C LYS D 28 -17.85 -24.27 41.68
N VAL D 29 -17.36 -23.23 41.02
CA VAL D 29 -17.27 -21.89 41.60
C VAL D 29 -18.46 -21.06 41.13
N THR D 30 -19.12 -20.41 42.07
CA THR D 30 -20.25 -19.53 41.78
C THR D 30 -19.74 -18.11 41.50
N GLN D 31 -20.66 -17.22 41.10
CA GLN D 31 -20.27 -15.86 40.73
C GLN D 31 -19.69 -15.09 41.92
N GLY D 32 -20.13 -15.41 43.14
CA GLY D 32 -19.66 -14.70 44.31
C GLY D 32 -18.18 -14.87 44.58
N ALA D 33 -17.61 -16.03 44.21
CA ALA D 33 -16.18 -16.38 44.31
C ALA D 33 -15.73 -16.58 45.75
N ALA D 34 -16.58 -17.19 46.58
CA ALA D 34 -16.21 -17.49 47.95
C ALA D 34 -17.00 -18.69 48.47
N ALA D 35 -17.13 -19.74 47.65
CA ALA D 35 -17.87 -20.93 48.02
C ALA D 35 -17.15 -22.16 47.48
N THR D 36 -17.13 -23.23 48.29
CA THR D 36 -16.43 -24.46 47.91
C THR D 36 -17.05 -25.64 48.62
N ARG D 37 -17.74 -26.49 47.87
CA ARG D 37 -18.20 -27.78 48.36
C ARG D 37 -17.98 -28.80 47.26
N ARG D 38 -17.30 -29.89 47.60
CA ARG D 38 -16.94 -30.89 46.60
C ARG D 38 -18.12 -31.81 46.34
N PHE D 39 -18.35 -32.12 45.06
CA PHE D 39 -19.45 -33.01 44.71
C PHE D 39 -19.04 -33.92 43.57
N TYR D 40 -19.74 -35.04 43.46
CA TYR D 40 -19.53 -36.00 42.39
C TYR D 40 -20.69 -35.96 41.41
N ALA D 41 -20.34 -35.80 40.13
CA ALA D 41 -21.28 -35.83 39.02
C ALA D 41 -20.90 -36.97 38.08
N CYS D 42 -21.83 -37.30 37.19
CA CYS D 42 -21.60 -38.41 36.27
C CYS D 42 -20.46 -38.08 35.32
N SER D 43 -19.77 -39.12 34.86
CA SER D 43 -18.54 -38.94 34.10
C SER D 43 -18.82 -38.57 32.64
N ALA D 44 -19.85 -39.17 32.03
CA ALA D 44 -20.07 -39.07 30.60
C ALA D 44 -21.51 -38.71 30.29
N CYS D 45 -22.10 -37.81 31.08
CA CYS D 45 -23.47 -37.37 30.85
C CYS D 45 -23.57 -35.92 31.32
N ARG D 46 -23.71 -34.99 30.38
CA ARG D 46 -23.66 -33.57 30.72
C ARG D 46 -24.83 -33.18 31.62
N ASP D 47 -26.06 -33.30 31.12
CA ASP D 47 -27.22 -33.02 31.94
C ASP D 47 -27.58 -34.24 32.77
N ARG D 48 -28.35 -33.99 33.83
CA ARG D 48 -28.73 -35.04 34.78
C ARG D 48 -29.87 -35.92 34.28
N LYS D 49 -30.44 -35.63 33.12
CA LYS D 49 -31.65 -36.31 32.68
C LYS D 49 -31.45 -37.80 32.44
N ASP D 50 -30.21 -38.24 32.22
CA ASP D 50 -29.92 -39.63 31.91
C ASP D 50 -29.15 -40.35 33.01
N CYS D 51 -28.13 -39.72 33.58
CA CYS D 51 -27.45 -40.24 34.77
C CYS D 51 -27.68 -39.22 35.87
N ASN D 52 -28.82 -39.34 36.55
CA ASN D 52 -29.14 -38.51 37.71
C ASN D 52 -28.27 -38.98 38.87
N PHE D 53 -27.03 -38.51 38.89
CA PHE D 53 -26.11 -38.78 39.98
C PHE D 53 -25.58 -37.46 40.51
N PHE D 54 -25.85 -37.18 41.78
CA PHE D 54 -25.25 -36.06 42.47
C PHE D 54 -24.96 -36.49 43.90
N GLN D 55 -23.72 -36.28 44.34
CA GLN D 55 -23.43 -36.51 45.76
C GLN D 55 -22.38 -35.54 46.25
N TRP D 56 -22.75 -34.66 47.17
CA TRP D 56 -21.76 -33.86 47.86
C TRP D 56 -20.78 -34.79 48.58
N GLU D 57 -19.49 -34.54 48.40
CA GLU D 57 -18.49 -35.47 48.94
C GLU D 57 -18.63 -35.63 50.44
N ASP D 58 -18.94 -34.56 51.15
CA ASP D 58 -19.08 -34.64 52.60
C ASP D 58 -20.22 -35.58 53.00
N GLU D 59 -21.21 -35.75 52.14
CA GLU D 59 -22.36 -36.59 52.46
C GLU D 59 -21.96 -38.05 52.50
N LYS D 60 -22.55 -38.79 53.44
CA LYS D 60 -22.26 -40.20 53.65
C LYS D 60 -23.50 -41.03 53.30
N LEU D 61 -23.32 -42.04 52.45
CA LEU D 61 -24.43 -42.91 52.07
C LEU D 61 -24.59 -44.01 53.11
N SER D 62 -25.80 -44.11 53.67
CA SER D 62 -26.08 -45.16 54.64
C SER D 62 -26.10 -46.52 53.96
N GLY D 63 -26.26 -47.57 54.77
CA GLY D 63 -26.30 -48.92 54.23
C GLY D 63 -27.43 -49.11 53.23
N ALA D 64 -28.63 -48.68 53.60
CA ALA D 64 -29.78 -48.81 52.71
C ALA D 64 -29.65 -47.92 51.49
N ARG D 65 -29.22 -46.66 51.69
CA ARG D 65 -29.02 -45.75 50.57
C ARG D 65 -27.97 -46.28 49.61
N LEU D 66 -26.82 -46.72 50.14
CA LEU D 66 -25.76 -47.24 49.28
C LEU D 66 -26.20 -48.53 48.59
N ALA D 67 -26.97 -49.37 49.27
CA ALA D 67 -27.46 -50.60 48.65
C ALA D 67 -28.38 -50.29 47.48
N ALA D 68 -29.26 -49.29 47.65
CA ALA D 68 -30.14 -48.89 46.56
C ALA D 68 -29.35 -48.31 45.39
N ARG D 69 -28.30 -47.53 45.70
CA ARG D 69 -27.45 -47.00 44.64
C ARG D 69 -26.78 -48.11 43.84
N GLU D 70 -26.23 -49.11 44.55
CA GLU D 70 -25.57 -50.22 43.86
C GLU D 70 -26.57 -51.03 43.04
N ALA D 71 -27.78 -51.21 43.57
CA ALA D 71 -28.81 -51.92 42.82
C ALA D 71 -29.16 -51.19 41.53
N HIS D 72 -29.35 -49.87 41.63
CA HIS D 72 -29.67 -49.09 40.44
C HIS D 72 -28.51 -49.12 39.44
N ASN D 73 -27.27 -49.12 39.93
CA ASN D 73 -26.13 -49.15 39.02
C ASN D 73 -26.03 -50.49 38.29
N ARG D 74 -26.33 -51.58 38.97
CA ARG D 74 -26.37 -52.87 38.28
C ARG D 74 -27.51 -52.92 37.27
N ARG D 75 -28.66 -52.33 37.62
CA ARG D 75 -29.83 -52.41 36.75
C ARG D 75 -29.59 -51.75 35.40
N CYS D 76 -28.81 -50.68 35.37
CA CYS D 76 -28.60 -49.93 34.13
C CYS D 76 -27.58 -50.55 33.20
N GLN D 77 -27.05 -51.72 33.54
CA GLN D 77 -26.04 -52.36 32.69
C GLN D 77 -26.69 -53.04 31.49
N PRO D 78 -25.95 -53.19 30.39
CA PRO D 78 -26.56 -53.71 29.17
C PRO D 78 -27.18 -55.09 29.40
N PRO D 79 -28.27 -55.39 28.70
CA PRO D 79 -29.04 -56.60 29.03
C PRO D 79 -28.36 -57.90 28.60
N LEU D 80 -27.38 -57.84 27.71
CA LEU D 80 -26.62 -59.01 27.29
C LEU D 80 -25.19 -58.84 27.80
N SER D 81 -24.71 -59.83 28.55
CA SER D 81 -23.31 -59.81 28.94
C SER D 81 -22.41 -59.91 27.71
N ARG D 82 -21.14 -59.59 27.89
CA ARG D 82 -20.18 -59.65 26.80
C ARG D 82 -20.05 -61.06 26.26
N THR D 83 -19.95 -62.04 27.16
CA THR D 83 -19.82 -63.44 26.76
C THR D 83 -21.06 -63.91 26.01
N GLN D 84 -22.24 -63.50 26.46
CA GLN D 84 -23.47 -63.83 25.75
C GLN D 84 -23.43 -63.26 24.33
N CYS D 85 -22.89 -62.06 24.17
CA CYS D 85 -22.80 -61.46 22.84
C CYS D 85 -21.88 -62.26 21.94
N VAL D 86 -20.72 -62.69 22.45
CA VAL D 86 -19.81 -63.50 21.63
C VAL D 86 -20.49 -64.80 21.20
N GLU D 87 -21.12 -65.49 22.16
CA GLU D 87 -21.74 -66.76 21.83
C GLU D 87 -22.91 -66.58 20.86
N ARG D 88 -23.66 -65.48 21.01
CA ARG D 88 -24.76 -65.21 20.10
C ARG D 88 -24.28 -64.88 18.70
N TYR D 89 -23.23 -64.07 18.58
CA TYR D 89 -22.67 -63.78 17.27
C TYR D 89 -22.20 -65.05 16.57
N LEU D 90 -21.52 -65.92 17.33
CA LEU D 90 -21.08 -67.19 16.77
C LEU D 90 -22.26 -68.02 16.29
N LYS D 91 -23.32 -68.10 17.10
CA LYS D 91 -24.50 -68.85 16.67
C LYS D 91 -25.31 -68.12 15.59
N PHE D 92 -25.05 -66.83 15.39
CA PHE D 92 -25.83 -66.02 14.46
C PHE D 92 -25.30 -66.19 13.04
N ILE D 93 -23.99 -66.06 12.87
CA ILE D 93 -23.41 -66.23 11.55
C ILE D 93 -23.70 -67.64 11.02
N GLU D 94 -23.92 -68.61 11.91
CA GLU D 94 -24.23 -69.97 11.49
C GLU D 94 -25.54 -70.04 10.70
N LEU D 95 -26.51 -69.20 11.06
CA LEU D 95 -27.84 -69.30 10.49
C LEU D 95 -27.82 -68.98 8.99
N PRO D 96 -28.79 -69.50 8.23
CA PRO D 96 -28.92 -69.09 6.84
C PRO D 96 -29.30 -67.62 6.74
N LEU D 97 -29.19 -67.08 5.52
CA LEU D 97 -29.59 -65.70 5.29
C LEU D 97 -31.07 -65.51 5.62
N THR D 98 -31.90 -66.52 5.34
CA THR D 98 -33.32 -66.42 5.60
C THR D 98 -33.62 -66.28 7.08
N GLN D 99 -32.77 -66.83 7.95
CA GLN D 99 -33.04 -66.89 9.38
C GLN D 99 -32.30 -65.80 10.17
N ARG D 100 -31.63 -64.87 9.50
CA ARG D 100 -30.98 -63.76 10.18
C ARG D 100 -31.97 -62.61 10.25
N LYS D 101 -32.50 -62.33 11.43
CA LYS D 101 -33.35 -61.17 11.64
C LYS D 101 -32.71 -60.26 12.69
N PHE D 102 -32.83 -58.97 12.46
CA PHE D 102 -32.27 -57.95 13.33
C PHE D 102 -33.38 -56.99 13.71
N CYS D 103 -33.65 -56.88 15.01
CA CYS D 103 -34.72 -56.01 15.48
C CYS D 103 -34.18 -54.59 15.60
N GLN D 104 -34.75 -53.70 14.80
CA GLN D 104 -34.43 -52.28 14.69
C GLN D 104 -35.10 -51.42 15.75
N THR D 105 -36.28 -51.81 16.27
CA THR D 105 -36.83 -51.11 17.42
C THR D 105 -36.04 -51.40 18.69
N CYS D 106 -35.35 -52.55 18.74
CA CYS D 106 -34.55 -52.93 19.89
C CYS D 106 -33.05 -52.84 19.66
N GLN D 107 -32.63 -52.73 18.40
CA GLN D 107 -31.20 -52.72 18.03
C GLN D 107 -30.50 -53.96 18.56
N GLN D 108 -31.18 -55.10 18.48
CA GLN D 108 -30.58 -56.37 18.88
C GLN D 108 -30.62 -57.33 17.69
N LEU D 109 -29.55 -58.08 17.51
CA LEU D 109 -29.65 -59.20 16.60
C LEU D 109 -30.49 -60.29 17.24
N LEU D 110 -31.18 -61.04 16.39
CA LEU D 110 -32.17 -62.02 16.84
C LEU D 110 -31.69 -63.42 16.52
N LEU D 111 -31.68 -64.23 17.50
CA LEU D 111 -31.62 -65.66 17.25
C LEU D 111 -33.02 -66.19 16.97
N PRO D 112 -33.17 -67.23 16.16
CA PRO D 112 -34.52 -67.61 15.70
C PRO D 112 -35.48 -67.99 16.81
N ASP D 113 -34.99 -68.26 18.01
CA ASP D 113 -35.90 -68.44 19.14
C ASP D 113 -36.56 -67.13 19.55
N ASP D 114 -35.88 -66.00 19.32
CA ASP D 114 -36.32 -64.72 19.87
C ASP D 114 -37.53 -64.14 19.14
N TRP D 115 -37.80 -64.58 17.90
CA TRP D 115 -38.63 -63.80 16.99
C TRP D 115 -39.99 -63.46 17.58
N GLY D 116 -40.58 -64.39 18.34
CA GLY D 116 -41.90 -64.13 18.88
C GLY D 116 -41.97 -62.85 19.70
N GLN D 117 -40.95 -62.64 20.54
CA GLN D 117 -40.92 -61.45 21.39
C GLN D 117 -40.74 -60.16 20.60
N HIS D 118 -40.32 -60.23 19.34
CA HIS D 118 -40.19 -59.06 18.49
C HIS D 118 -41.15 -59.10 17.30
N SER D 119 -42.24 -59.86 17.41
CA SER D 119 -43.13 -60.05 16.26
C SER D 119 -43.76 -58.73 15.83
N GLU D 120 -44.37 -58.01 16.76
CA GLU D 120 -44.98 -56.72 16.45
C GLU D 120 -43.98 -55.57 16.46
N HIS D 121 -42.68 -55.88 16.45
CA HIS D 121 -41.66 -54.86 16.33
C HIS D 121 -41.35 -54.63 14.85
N GLN D 122 -40.34 -53.81 14.58
CA GLN D 122 -39.91 -53.49 13.22
C GLN D 122 -38.61 -54.24 12.99
N VAL D 123 -38.70 -55.37 12.31
CA VAL D 123 -37.59 -56.29 12.14
C VAL D 123 -37.07 -56.25 10.72
N LEU D 124 -35.74 -56.26 10.59
CA LEU D 124 -35.06 -56.33 9.30
C LEU D 124 -34.60 -57.75 9.05
N GLY D 125 -34.95 -58.29 7.89
CA GLY D 125 -34.68 -59.68 7.57
C GLY D 125 -33.57 -59.80 6.53
N ASN D 126 -33.09 -61.03 6.41
CA ASN D 126 -31.99 -61.38 5.50
C ASN D 126 -30.77 -60.48 5.74
N VAL D 127 -30.29 -60.51 6.98
CA VAL D 127 -29.08 -59.79 7.34
C VAL D 127 -27.89 -60.56 6.80
N SER D 128 -27.25 -60.02 5.76
CA SER D 128 -26.09 -60.68 5.19
C SER D 128 -24.86 -60.47 6.06
N ILE D 129 -23.80 -61.23 5.76
CA ILE D 129 -22.56 -61.09 6.52
C ILE D 129 -21.88 -59.76 6.19
N THR D 130 -22.01 -59.31 4.94
CA THR D 130 -21.50 -57.99 4.58
C THR D 130 -22.08 -56.91 5.47
N GLN D 131 -23.35 -57.05 5.84
CA GLN D 131 -23.97 -56.11 6.77
C GLN D 131 -23.34 -56.23 8.15
N LEU D 132 -23.17 -57.46 8.65
CA LEU D 132 -22.65 -57.68 9.99
C LEU D 132 -21.25 -57.09 10.17
N ARG D 133 -20.50 -56.91 9.10
CA ARG D 133 -19.16 -56.32 9.19
C ARG D 133 -19.19 -54.81 9.12
N ARG D 134 -20.35 -54.21 8.81
CA ARG D 134 -20.55 -52.77 8.85
C ARG D 134 -21.68 -52.44 9.82
N PRO D 135 -21.47 -52.68 11.13
CA PRO D 135 -22.56 -52.42 12.08
C PRO D 135 -22.96 -50.96 12.17
N SER D 136 -22.03 -50.05 11.86
CA SER D 136 -22.34 -48.62 11.89
C SER D 136 -23.34 -48.22 10.81
N GLN D 137 -23.57 -49.08 9.81
CA GLN D 137 -24.61 -48.85 8.81
C GLN D 137 -25.84 -49.70 9.06
N LEU D 138 -25.86 -50.49 10.13
CA LEU D 138 -27.01 -51.28 10.54
C LEU D 138 -27.73 -50.69 11.75
N LEU D 139 -26.99 -50.21 12.74
CA LEU D 139 -27.57 -49.54 13.88
C LEU D 139 -27.81 -48.08 13.55
N TYR D 140 -28.96 -47.55 13.97
CA TYR D 140 -29.18 -46.12 13.81
C TYR D 140 -28.25 -45.36 14.76
N PRO D 141 -27.75 -44.20 14.36
CA PRO D 141 -26.78 -43.49 15.20
C PRO D 141 -27.47 -42.82 16.39
N LEU D 142 -26.80 -42.88 17.54
CA LEU D 142 -27.27 -42.24 18.76
C LEU D 142 -26.84 -40.78 18.73
N GLU D 143 -27.68 -39.94 18.12
CA GLU D 143 -27.29 -38.57 17.81
C GLU D 143 -27.43 -37.60 18.98
N ASN D 144 -27.84 -38.06 20.14
CA ASN D 144 -28.04 -37.16 21.27
C ASN D 144 -26.72 -36.52 21.67
N ALA D 145 -26.63 -35.19 21.52
CA ALA D 145 -25.39 -34.49 21.78
C ALA D 145 -25.00 -34.51 23.26
N ALA D 146 -25.94 -34.85 24.15
CA ALA D 146 -25.63 -34.85 25.58
C ALA D 146 -24.93 -36.13 26.01
N THR D 147 -25.30 -37.27 25.44
CA THR D 147 -24.84 -38.56 25.94
C THR D 147 -23.90 -39.26 24.98
N ASN D 148 -24.35 -39.57 23.77
CA ASN D 148 -23.53 -40.31 22.82
C ASN D 148 -22.91 -39.43 21.74
N ALA D 149 -23.71 -38.54 21.15
CA ALA D 149 -23.26 -37.66 20.07
C ALA D 149 -22.62 -38.47 18.95
N GLN D 150 -23.31 -39.52 18.53
CA GLN D 150 -22.79 -40.46 17.54
C GLN D 150 -22.91 -39.83 16.15
N TYR D 151 -21.86 -39.10 15.76
CA TYR D 151 -21.75 -38.54 14.43
C TYR D 151 -20.74 -39.36 13.64
N LEU D 152 -21.16 -39.84 12.47
CA LEU D 152 -20.44 -40.89 11.76
C LEU D 152 -19.73 -40.34 10.54
N PHE D 153 -18.53 -40.86 10.29
CA PHE D 153 -17.73 -40.41 9.16
C PHE D 153 -18.42 -40.72 7.84
N ALA D 154 -18.32 -39.78 6.89
CA ALA D 154 -18.72 -40.08 5.53
C ALA D 154 -17.71 -41.05 4.92
N ASP D 155 -18.17 -41.83 3.93
CA ASP D 155 -17.33 -42.87 3.36
C ASP D 155 -16.03 -42.32 2.80
N ARG D 156 -16.09 -41.15 2.15
CA ARG D 156 -14.91 -40.55 1.56
C ARG D 156 -13.85 -40.28 2.61
N SER D 157 -14.23 -39.61 3.70
CA SER D 157 -13.27 -39.24 4.74
C SER D 157 -12.76 -40.47 5.49
N CYS D 158 -13.65 -41.41 5.80
CA CYS D 158 -13.25 -42.62 6.51
C CYS D 158 -12.26 -43.45 5.68
N GLN D 159 -12.54 -43.59 4.38
CA GLN D 159 -11.63 -44.29 3.50
C GLN D 159 -10.28 -43.60 3.43
N PHE D 160 -10.30 -42.26 3.34
CA PHE D 160 -9.03 -41.52 3.38
C PHE D 160 -8.28 -41.79 4.67
N LEU D 161 -8.99 -41.92 5.79
CA LEU D 161 -8.33 -42.19 7.07
C LEU D 161 -7.60 -43.53 7.04
N VAL D 162 -8.29 -44.59 6.60
CA VAL D 162 -7.62 -45.90 6.59
C VAL D 162 -6.47 -45.90 5.59
N ASP D 163 -6.60 -45.19 4.46
CA ASP D 163 -5.53 -45.15 3.48
C ASP D 163 -4.32 -44.39 4.01
N LEU D 164 -4.56 -43.26 4.69
CA LEU D 164 -3.47 -42.51 5.31
C LEU D 164 -2.78 -43.33 6.38
N LEU D 165 -3.55 -44.10 7.16
CA LEU D 165 -2.95 -44.94 8.19
C LEU D 165 -2.07 -46.02 7.58
N SER D 166 -2.54 -46.64 6.50
CA SER D 166 -1.71 -47.61 5.79
C SER D 166 -0.42 -46.95 5.28
N ALA D 167 -0.56 -45.81 4.59
CA ALA D 167 0.60 -45.16 3.98
C ALA D 167 1.62 -44.75 5.03
N LEU D 168 1.16 -44.30 6.20
CA LEU D 168 2.09 -43.96 7.27
C LEU D 168 2.76 -45.19 7.87
N GLY D 169 2.23 -46.38 7.62
CA GLY D 169 2.86 -47.61 8.04
C GLY D 169 2.50 -48.04 9.45
N PHE D 170 1.21 -48.18 9.72
CA PHE D 170 0.72 -48.61 11.02
C PHE D 170 0.07 -49.99 10.90
N ARG D 171 0.38 -50.87 11.85
CA ARG D 171 -0.20 -52.20 11.86
C ARG D 171 -1.45 -52.27 12.75
N ARG D 172 -1.47 -51.52 13.85
CA ARG D 172 -2.61 -51.58 14.75
C ARG D 172 -3.13 -50.17 14.99
N VAL D 173 -4.46 -50.06 15.06
CA VAL D 173 -5.13 -48.79 15.30
C VAL D 173 -6.02 -48.96 16.52
N LEU D 174 -5.74 -48.22 17.58
CA LEU D 174 -6.57 -48.21 18.78
C LEU D 174 -7.72 -47.24 18.55
N CYS D 175 -8.90 -47.76 18.24
CA CYS D 175 -10.06 -46.95 17.89
C CYS D 175 -10.86 -46.68 19.16
N VAL D 176 -10.61 -45.54 19.80
CA VAL D 176 -11.39 -45.11 20.96
C VAL D 176 -12.49 -44.18 20.44
N GLY D 177 -13.70 -44.70 20.33
CA GLY D 177 -14.82 -43.89 19.92
C GLY D 177 -14.92 -43.62 18.44
N THR D 178 -14.51 -44.56 17.60
CA THR D 178 -14.62 -44.43 16.14
C THR D 178 -15.11 -45.76 15.56
N PRO D 179 -16.40 -46.07 15.74
CA PRO D 179 -16.91 -47.35 15.24
C PRO D 179 -16.72 -47.53 13.73
N ARG D 180 -16.98 -46.47 12.96
CA ARG D 180 -16.94 -46.58 11.51
C ARG D 180 -15.52 -46.84 11.01
N LEU D 181 -14.56 -46.05 11.51
CA LEU D 181 -13.16 -46.26 11.14
C LEU D 181 -12.71 -47.67 11.49
N HIS D 182 -13.19 -48.19 12.62
CA HIS D 182 -12.85 -49.55 13.03
C HIS D 182 -13.32 -50.57 11.99
N GLU D 183 -14.61 -50.55 11.67
CA GLU D 183 -15.13 -51.53 10.72
C GLU D 183 -14.46 -51.39 9.34
N LEU D 184 -14.14 -50.16 8.93
CA LEU D 184 -13.53 -50.00 7.62
C LEU D 184 -12.07 -50.44 7.62
N ILE D 185 -11.34 -50.24 8.72
CA ILE D 185 -10.01 -50.81 8.84
C ILE D 185 -10.08 -52.33 8.69
N LYS D 186 -11.05 -52.95 9.33
CA LYS D 186 -11.20 -54.40 9.20
C LYS D 186 -11.47 -54.81 7.75
N LEU D 187 -12.40 -54.12 7.08
CA LEU D 187 -12.73 -54.50 5.71
C LEU D 187 -11.55 -54.27 4.76
N THR D 188 -10.73 -53.25 5.01
CA THR D 188 -9.58 -53.01 4.14
C THR D 188 -8.48 -54.05 4.37
N ALA D 189 -8.26 -54.42 5.63
CA ALA D 189 -7.28 -55.47 5.91
C ALA D 189 -7.74 -56.82 5.35
N SER D 190 -9.05 -57.08 5.38
CA SER D 190 -9.60 -58.33 4.89
C SER D 190 -9.85 -58.33 3.39
N GLY D 191 -9.65 -57.19 2.72
CA GLY D 191 -9.90 -57.10 1.30
C GLY D 191 -8.85 -57.78 0.46
N ASP D 192 -8.77 -57.36 -0.80
CA ASP D 192 -7.80 -57.93 -1.72
C ASP D 192 -6.35 -57.65 -1.31
N LYS D 193 -6.15 -56.68 -0.42
CA LYS D 193 -4.82 -56.31 0.03
C LYS D 193 -4.46 -57.10 1.28
N LYS D 194 -3.33 -57.79 1.24
CA LYS D 194 -2.85 -58.52 2.42
C LYS D 194 -2.26 -57.57 3.46
N SER D 195 -2.55 -56.28 3.33
CA SER D 195 -2.13 -55.29 4.30
C SER D 195 -2.74 -55.60 5.66
N ASN D 196 -1.88 -55.82 6.66
CA ASN D 196 -2.33 -56.21 7.99
C ASN D 196 -2.56 -54.97 8.84
N ILE D 197 -3.82 -54.64 9.08
CA ILE D 197 -4.19 -53.57 9.99
C ILE D 197 -5.15 -54.17 11.02
N LYS D 198 -4.68 -54.33 12.25
CA LYS D 198 -5.54 -54.72 13.35
C LYS D 198 -6.22 -53.49 13.93
N SER D 199 -7.38 -53.70 14.53
CA SER D 199 -8.15 -52.59 15.09
C SER D 199 -8.87 -53.06 16.35
N LEU D 200 -8.91 -52.17 17.34
CA LEU D 200 -9.58 -52.43 18.60
C LEU D 200 -10.49 -51.24 18.87
N LEU D 201 -11.79 -51.49 19.01
CA LEU D 201 -12.79 -50.43 19.19
C LEU D 201 -13.09 -50.26 20.68
N LEU D 202 -12.63 -49.16 21.28
CA LEU D 202 -13.05 -48.75 22.61
C LEU D 202 -14.22 -47.79 22.45
N ASP D 203 -15.41 -48.20 22.88
CA ASP D 203 -16.53 -47.26 22.76
C ASP D 203 -17.57 -47.58 23.82
N ILE D 204 -18.34 -46.55 24.21
CA ILE D 204 -19.36 -46.73 25.25
C ILE D 204 -20.66 -47.28 24.71
N ASP D 205 -20.82 -47.35 23.39
CA ASP D 205 -22.03 -47.91 22.80
C ASP D 205 -21.93 -49.43 22.87
N PHE D 206 -22.56 -50.01 23.90
CA PHE D 206 -22.53 -51.46 24.08
C PHE D 206 -23.20 -52.21 22.93
N ARG D 207 -23.97 -51.51 22.09
CA ARG D 207 -24.63 -52.15 20.97
C ARG D 207 -23.63 -52.83 20.04
N TYR D 208 -22.41 -52.30 19.93
CA TYR D 208 -21.40 -52.90 19.07
C TYR D 208 -20.83 -54.19 19.63
N SER D 209 -21.07 -54.49 20.91
CA SER D 209 -20.50 -55.69 21.51
C SER D 209 -21.05 -56.96 20.86
N GLN D 210 -22.28 -56.92 20.36
CA GLN D 210 -22.87 -58.09 19.72
C GLN D 210 -22.44 -58.26 18.27
N PHE D 211 -21.45 -57.50 17.81
CA PHE D 211 -20.88 -57.64 16.47
C PHE D 211 -19.42 -58.03 16.48
N TYR D 212 -18.65 -57.63 17.49
CA TYR D 212 -17.22 -57.87 17.55
C TYR D 212 -16.91 -58.76 18.75
N MET D 213 -15.98 -59.70 18.55
CA MET D 213 -15.56 -60.55 19.64
C MET D 213 -14.60 -59.79 20.55
N GLU D 214 -14.27 -60.42 21.69
CA GLU D 214 -13.57 -59.74 22.77
C GLU D 214 -12.18 -59.25 22.37
N ASP D 215 -11.65 -59.68 21.23
CA ASP D 215 -10.34 -59.22 20.79
C ASP D 215 -10.38 -57.87 20.09
N SER D 216 -11.55 -57.44 19.62
CA SER D 216 -11.66 -56.26 18.79
C SER D 216 -12.53 -55.14 19.37
N PHE D 217 -13.35 -55.43 20.38
CA PHE D 217 -14.19 -54.40 20.97
C PHE D 217 -14.08 -54.42 22.49
N CYS D 218 -14.13 -53.24 23.08
CA CYS D 218 -14.19 -53.08 24.53
C CYS D 218 -15.22 -52.01 24.86
N HIS D 219 -16.19 -52.40 25.68
CA HIS D 219 -17.09 -51.46 26.33
C HIS D 219 -16.30 -50.58 27.29
N TYR D 220 -16.04 -49.35 26.88
CA TYR D 220 -15.09 -48.48 27.55
C TYR D 220 -15.71 -47.11 27.74
N ASN D 221 -15.45 -46.50 28.89
CA ASN D 221 -15.87 -45.13 29.14
C ASN D 221 -14.65 -44.23 29.06
N MET D 222 -14.81 -43.09 28.38
CA MET D 222 -13.70 -42.29 27.89
C MET D 222 -13.36 -41.12 28.80
N PHE D 223 -14.25 -40.74 29.71
CA PHE D 223 -14.00 -39.64 30.62
C PHE D 223 -13.46 -40.09 31.97
N ASN D 224 -13.38 -41.40 32.21
CA ASN D 224 -12.90 -41.92 33.48
C ASN D 224 -12.02 -43.16 33.33
N HIS D 225 -11.75 -43.62 32.10
CA HIS D 225 -10.85 -44.74 31.86
C HIS D 225 -11.37 -46.03 32.50
N HIS D 226 -12.66 -46.29 32.31
CA HIS D 226 -13.34 -47.41 32.94
C HIS D 226 -13.62 -48.49 31.91
N PHE D 227 -13.25 -49.72 32.23
CA PHE D 227 -13.56 -50.89 31.41
C PHE D 227 -14.75 -51.60 32.04
N PHE D 228 -15.88 -51.61 31.34
CA PHE D 228 -17.12 -52.12 31.89
C PHE D 228 -17.07 -53.62 32.14
N ASP D 229 -16.21 -54.35 31.43
CA ASP D 229 -16.14 -55.80 31.55
C ASP D 229 -15.04 -56.29 32.48
N GLY D 230 -14.22 -55.39 33.01
CA GLY D 230 -13.28 -55.75 34.05
C GLY D 230 -11.84 -55.80 33.56
N LYS D 231 -11.03 -56.56 34.30
CA LYS D 231 -9.60 -56.62 34.03
C LYS D 231 -9.32 -57.28 32.68
N THR D 232 -10.16 -58.23 32.27
CA THR D 232 -9.91 -58.91 31.00
C THR D 232 -9.94 -57.95 29.82
N ALA D 233 -10.92 -57.03 29.82
CA ALA D 233 -10.97 -56.02 28.76
C ALA D 233 -9.77 -55.08 28.85
N LEU D 234 -9.39 -54.68 30.06
CA LEU D 234 -8.23 -53.80 30.24
C LEU D 234 -6.96 -54.47 29.73
N GLU D 235 -6.82 -55.77 29.97
CA GLU D 235 -5.64 -56.50 29.52
C GLU D 235 -5.66 -56.75 28.02
N VAL D 236 -6.84 -56.92 27.43
CA VAL D 236 -6.95 -56.90 25.97
C VAL D 236 -6.38 -55.60 25.43
N CYS D 237 -6.82 -54.47 26.01
CA CYS D 237 -6.30 -53.17 25.60
C CYS D 237 -4.80 -53.06 25.83
N ARG D 238 -4.32 -53.56 26.98
CA ARG D 238 -2.91 -53.45 27.32
C ARG D 238 -2.04 -54.27 26.36
N ALA D 239 -2.45 -55.49 26.05
CA ALA D 239 -1.71 -56.30 25.09
C ALA D 239 -1.73 -55.66 23.72
N PHE D 240 -2.88 -55.13 23.31
CA PHE D 240 -2.98 -54.48 22.01
C PHE D 240 -2.05 -53.28 21.91
N LEU D 241 -1.89 -52.54 23.01
CA LEU D 241 -0.97 -51.41 23.01
C LEU D 241 0.49 -51.86 23.10
N GLN D 242 0.76 -52.93 23.83
CA GLN D 242 2.14 -53.35 24.09
C GLN D 242 2.77 -54.04 22.89
N GLU D 243 1.95 -54.76 22.10
CA GLU D 243 2.44 -55.60 20.99
C GLU D 243 3.58 -54.96 20.20
N ASP D 244 4.55 -55.80 19.84
CA ASP D 244 5.69 -55.41 19.00
C ASP D 244 6.52 -54.29 19.64
N LYS D 245 6.58 -54.28 20.98
CA LYS D 245 7.26 -53.23 21.73
C LYS D 245 6.72 -51.85 21.36
N GLY D 246 5.39 -51.77 21.20
CA GLY D 246 4.74 -50.51 20.91
C GLY D 246 4.96 -49.97 19.51
N GLU D 247 5.65 -50.71 18.65
CA GLU D 247 5.84 -50.27 17.28
C GLU D 247 4.59 -50.51 16.46
N GLY D 248 4.34 -49.59 15.52
CA GLY D 248 3.28 -49.76 14.55
C GLY D 248 1.88 -49.63 15.10
N ILE D 249 1.68 -48.77 16.10
CA ILE D 249 0.34 -48.51 16.63
C ILE D 249 0.09 -47.02 16.63
N ILE D 250 -1.17 -46.64 16.43
CA ILE D 250 -1.61 -45.25 16.46
C ILE D 250 -3.02 -45.20 17.05
N MET D 251 -3.24 -44.28 17.98
CA MET D 251 -4.55 -44.11 18.59
C MET D 251 -5.31 -43.04 17.82
N VAL D 252 -6.55 -43.34 17.44
CA VAL D 252 -7.40 -42.42 16.70
C VAL D 252 -8.68 -42.23 17.49
N THR D 253 -8.99 -40.97 17.82
CA THR D 253 -10.17 -40.65 18.61
C THR D 253 -11.05 -39.66 17.86
N ASP D 254 -12.35 -39.69 18.17
CA ASP D 254 -13.30 -38.67 17.75
C ASP D 254 -14.29 -38.48 18.88
N PRO D 255 -13.85 -37.91 20.00
CA PRO D 255 -14.66 -37.90 21.21
C PRO D 255 -15.73 -36.81 21.16
N PRO D 256 -16.79 -36.93 21.95
CA PRO D 256 -17.88 -35.95 21.91
C PRO D 256 -17.40 -34.58 22.40
N PHE D 257 -17.45 -33.61 21.49
CA PHE D 257 -17.03 -32.24 21.82
C PHE D 257 -18.01 -31.58 22.77
N GLY D 258 -19.28 -31.98 22.75
CA GLY D 258 -20.26 -31.44 23.67
C GLY D 258 -20.14 -32.05 25.04
N GLY D 259 -19.51 -31.33 25.97
CA GLY D 259 -19.22 -31.82 27.29
C GLY D 259 -17.84 -31.39 27.72
N LEU D 260 -17.32 -32.04 28.75
CA LEU D 260 -16.00 -31.70 29.25
C LEU D 260 -14.91 -32.17 28.29
N VAL D 261 -13.76 -31.51 28.35
CA VAL D 261 -12.64 -31.82 27.45
C VAL D 261 -11.34 -32.07 28.19
N GLU D 262 -11.16 -31.62 29.43
CA GLU D 262 -9.98 -31.94 30.23
C GLU D 262 -9.97 -33.41 30.68
N PRO D 263 -11.09 -33.98 31.16
CA PRO D 263 -11.11 -35.43 31.42
C PRO D 263 -10.69 -36.27 30.23
N LEU D 264 -11.03 -35.82 29.02
CA LEU D 264 -10.54 -36.48 27.81
C LEU D 264 -9.03 -36.60 27.81
N ALA D 265 -8.33 -35.49 28.06
CA ALA D 265 -6.87 -35.51 28.05
C ALA D 265 -6.33 -36.41 29.15
N ILE D 266 -6.95 -36.38 30.33
CA ILE D 266 -6.45 -37.21 31.43
C ILE D 266 -6.55 -38.69 31.07
N THR D 267 -7.69 -39.10 30.50
CA THR D 267 -7.87 -40.49 30.09
C THR D 267 -6.88 -40.87 28.98
N PHE D 268 -6.73 -39.98 27.99
CA PHE D 268 -5.77 -40.23 26.91
C PHE D 268 -4.37 -40.47 27.46
N LYS D 269 -3.97 -39.66 28.45
CA LYS D 269 -2.65 -39.83 29.03
C LYS D 269 -2.56 -41.11 29.85
N LYS D 270 -3.66 -41.59 30.42
CA LYS D 270 -3.63 -42.93 31.02
C LYS D 270 -3.32 -44.00 29.98
N LEU D 271 -3.92 -43.89 28.79
CA LEU D 271 -3.62 -44.84 27.73
C LEU D 271 -2.15 -44.75 27.32
N ILE D 272 -1.63 -43.52 27.16
CA ILE D 272 -0.21 -43.36 26.88
C ILE D 272 0.64 -43.93 28.01
N ALA D 273 0.12 -43.89 29.24
CA ALA D 273 0.88 -44.38 30.39
C ALA D 273 1.02 -45.89 30.34
N MET D 274 -0.01 -46.59 29.87
CA MET D 274 0.17 -48.04 29.70
C MET D 274 0.94 -48.37 28.43
N TRP D 275 0.96 -47.48 27.43
CA TRP D 275 1.77 -47.74 26.24
C TRP D 275 3.27 -47.61 26.52
N LYS D 276 3.66 -46.90 27.58
CA LYS D 276 5.07 -46.64 27.85
C LYS D 276 5.70 -47.63 28.83
N GLU D 277 4.93 -48.59 29.35
CA GLU D 277 5.48 -49.55 30.29
C GLU D 277 6.51 -50.45 29.61
N GLY D 278 7.59 -50.75 30.33
CA GLY D 278 8.60 -51.66 29.86
C GLY D 278 9.57 -51.11 28.84
N GLN D 279 9.22 -50.01 28.17
CA GLN D 279 10.11 -49.42 27.18
C GLN D 279 11.35 -48.85 27.87
N SER D 280 12.53 -49.20 27.35
CA SER D 280 13.79 -48.86 28.00
C SER D 280 14.05 -47.36 27.88
N GLN D 281 15.24 -46.94 28.32
CA GLN D 281 15.62 -45.52 28.25
C GLN D 281 15.67 -45.01 26.83
N ASP D 282 15.85 -45.89 25.84
CA ASP D 282 15.89 -45.47 24.45
C ASP D 282 14.53 -45.01 23.94
N ASP D 283 13.45 -45.42 24.61
CA ASP D 283 12.09 -45.13 24.14
C ASP D 283 11.35 -44.15 25.04
N SER D 284 12.07 -43.37 25.85
CA SER D 284 11.45 -42.32 26.64
C SER D 284 11.30 -41.01 25.86
N HIS D 285 12.01 -40.87 24.73
CA HIS D 285 11.90 -39.67 23.92
C HIS D 285 10.73 -39.73 22.95
N LYS D 286 10.19 -40.91 22.68
CA LYS D 286 9.15 -41.09 21.68
C LYS D 286 7.78 -41.18 22.35
N GLU D 287 6.81 -40.48 21.78
CA GLU D 287 5.43 -40.52 22.25
C GLU D 287 4.60 -41.42 21.33
N LEU D 288 3.46 -41.85 21.84
CA LEU D 288 2.55 -42.66 21.04
C LEU D 288 1.89 -41.81 19.96
N PRO D 289 1.97 -42.21 18.69
CA PRO D 289 1.29 -41.45 17.63
C PRO D 289 -0.22 -41.42 17.86
N ILE D 290 -0.81 -40.23 17.73
CA ILE D 290 -2.20 -40.02 18.07
C ILE D 290 -2.90 -39.20 16.98
N PHE D 291 -4.11 -39.62 16.61
CA PHE D 291 -5.06 -38.80 15.86
C PHE D 291 -6.17 -38.40 16.81
N TRP D 292 -6.23 -37.12 17.19
CA TRP D 292 -7.35 -36.57 17.94
C TRP D 292 -8.18 -35.78 16.93
N ILE D 293 -9.32 -36.34 16.53
CA ILE D 293 -10.23 -35.66 15.61
C ILE D 293 -11.19 -34.81 16.43
N PHE D 294 -11.29 -33.53 16.08
CA PHE D 294 -12.04 -32.60 16.90
C PHE D 294 -12.33 -31.34 16.10
N PRO D 295 -13.40 -30.61 16.41
CA PRO D 295 -13.66 -29.36 15.70
C PRO D 295 -12.54 -28.35 15.93
N TYR D 296 -12.25 -27.55 14.90
CA TYR D 296 -11.00 -26.81 14.86
C TYR D 296 -10.86 -25.86 16.05
N PHE D 297 -11.94 -25.18 16.45
CA PHE D 297 -11.82 -24.15 17.46
C PHE D 297 -11.50 -24.69 18.86
N PHE D 298 -11.05 -25.94 19.00
CA PHE D 298 -10.56 -26.47 20.26
C PHE D 298 -9.04 -26.52 20.30
N GLU D 299 -8.37 -26.09 19.23
CA GLU D 299 -6.91 -26.14 19.16
C GLU D 299 -6.27 -25.61 20.44
N SER D 300 -6.63 -24.38 20.83
CA SER D 300 -6.09 -23.77 22.04
C SER D 300 -6.12 -24.73 23.23
N ARG D 301 -7.27 -25.37 23.46
CA ARG D 301 -7.38 -26.28 24.59
C ARG D 301 -6.58 -27.55 24.36
N ILE D 302 -6.67 -28.12 23.15
CA ILE D 302 -6.00 -29.40 22.87
C ILE D 302 -4.51 -29.25 23.07
N CYS D 303 -3.89 -28.29 22.36
CA CYS D 303 -2.46 -28.07 22.47
C CYS D 303 -2.02 -27.66 23.87
N GLN D 304 -2.95 -27.25 24.74
CA GLN D 304 -2.57 -26.99 26.12
C GLN D 304 -2.25 -28.29 26.85
N PHE D 305 -3.06 -29.33 26.62
CA PHE D 305 -2.79 -30.62 27.25
C PHE D 305 -1.71 -31.40 26.51
N PHE D 306 -1.59 -31.19 25.20
CA PHE D 306 -0.64 -31.93 24.37
C PHE D 306 0.15 -30.91 23.55
N PRO D 307 1.28 -30.42 24.08
CA PRO D 307 2.05 -29.39 23.37
C PRO D 307 2.55 -29.85 22.01
N SER D 308 2.72 -31.15 21.79
CA SER D 308 3.27 -31.67 20.55
C SER D 308 2.25 -31.70 19.41
N PHE D 309 0.99 -31.31 19.67
CA PHE D 309 -0.07 -31.47 18.69
C PHE D 309 -0.11 -30.30 17.73
N GLN D 310 -0.43 -30.60 16.46
CA GLN D 310 -0.67 -29.59 15.45
C GLN D 310 -1.89 -30.01 14.64
N MET D 311 -2.49 -29.03 13.96
CA MET D 311 -3.78 -29.19 13.31
C MET D 311 -3.60 -29.30 11.80
N LEU D 312 -3.87 -30.47 11.25
CA LEU D 312 -3.87 -30.62 9.80
C LEU D 312 -5.08 -29.92 9.19
N ASP D 313 -4.96 -29.59 7.91
CA ASP D 313 -5.99 -28.83 7.21
C ASP D 313 -7.06 -29.73 6.58
N TYR D 314 -7.07 -31.02 6.89
CA TYR D 314 -8.06 -31.91 6.30
C TYR D 314 -9.43 -31.66 6.94
N GLN D 315 -10.44 -31.45 6.09
CA GLN D 315 -11.82 -31.32 6.54
C GLN D 315 -12.42 -32.73 6.57
N VAL D 316 -12.56 -33.30 7.76
CA VAL D 316 -13.22 -34.60 7.88
C VAL D 316 -14.72 -34.41 7.76
N ASP D 317 -15.33 -35.17 6.86
CA ASP D 317 -16.72 -34.99 6.49
C ASP D 317 -17.59 -36.06 7.17
N TYR D 318 -18.73 -35.63 7.69
CA TYR D 318 -19.61 -36.50 8.47
C TYR D 318 -20.91 -36.76 7.72
N ASP D 319 -21.42 -37.99 7.85
CA ASP D 319 -22.76 -38.29 7.34
C ASP D 319 -23.82 -37.48 8.07
N ASN D 320 -23.60 -37.21 9.35
CA ASN D 320 -24.49 -36.41 10.16
C ASN D 320 -23.67 -35.76 11.27
N HIS D 321 -23.95 -34.50 11.56
CA HIS D 321 -23.18 -33.79 12.57
C HIS D 321 -23.96 -32.58 13.02
N ALA D 322 -23.91 -32.29 14.33
CA ALA D 322 -24.65 -31.18 14.89
C ALA D 322 -24.03 -29.82 14.57
N LEU D 323 -22.81 -29.78 14.03
CA LEU D 323 -22.09 -28.53 13.83
C LEU D 323 -22.06 -28.05 12.39
N TYR D 324 -22.64 -28.79 11.46
CA TYR D 324 -22.69 -28.37 10.07
C TYR D 324 -23.57 -29.34 9.30
N LYS D 325 -24.29 -28.81 8.32
CA LYS D 325 -25.20 -29.60 7.49
C LYS D 325 -25.16 -29.05 6.07
N HIS D 326 -24.87 -29.92 5.11
CA HIS D 326 -24.90 -29.54 3.70
C HIS D 326 -26.24 -28.95 3.32
N GLY D 327 -26.23 -27.69 2.88
CA GLY D 327 -27.45 -27.01 2.52
C GLY D 327 -27.95 -27.36 1.13
N LYS D 328 -29.16 -26.90 0.83
CA LYS D 328 -29.73 -27.15 -0.49
C LYS D 328 -28.96 -26.42 -1.58
N THR D 329 -28.45 -25.21 -1.28
CA THR D 329 -27.68 -24.46 -2.26
C THR D 329 -26.41 -25.21 -2.64
N GLY D 330 -25.65 -25.65 -1.63
CA GLY D 330 -24.43 -26.40 -1.89
C GLY D 330 -23.92 -26.99 -0.60
N ARG D 331 -22.85 -27.77 -0.73
CA ARG D 331 -22.24 -28.39 0.43
C ARG D 331 -21.63 -27.32 1.34
N LYS D 332 -22.07 -27.30 2.59
CA LYS D 332 -21.43 -26.44 3.58
C LYS D 332 -20.08 -27.02 3.99
N GLN D 333 -19.27 -26.19 4.63
CA GLN D 333 -17.98 -26.64 5.10
C GLN D 333 -18.11 -27.42 6.40
N SER D 334 -17.05 -28.16 6.74
CA SER D 334 -17.01 -28.94 7.97
C SER D 334 -16.02 -28.34 8.95
N PRO D 335 -16.39 -28.23 10.23
CA PRO D 335 -15.50 -27.60 11.21
C PRO D 335 -14.44 -28.54 11.78
N VAL D 336 -14.54 -29.84 11.55
CA VAL D 336 -13.76 -30.82 12.29
C VAL D 336 -12.43 -31.06 11.58
N ARG D 337 -11.34 -31.05 12.35
CA ARG D 337 -9.98 -31.25 11.87
C ARG D 337 -9.35 -32.43 12.59
N ILE D 338 -8.13 -32.75 12.15
CA ILE D 338 -7.29 -33.77 12.77
C ILE D 338 -6.15 -33.07 13.51
N PHE D 339 -5.93 -33.46 14.77
CA PHE D 339 -4.82 -32.98 15.57
C PHE D 339 -3.89 -34.15 15.82
N THR D 340 -2.61 -33.98 15.52
CA THR D 340 -1.69 -35.10 15.64
C THR D 340 -0.38 -34.67 16.25
N ASN D 341 0.37 -35.66 16.73
CA ASN D 341 1.77 -35.49 17.07
C ASN D 341 2.69 -35.94 15.95
N ILE D 342 2.12 -36.40 14.83
CA ILE D 342 2.87 -36.77 13.64
C ILE D 342 3.28 -35.50 12.91
N PRO D 343 4.51 -35.41 12.41
CA PRO D 343 4.91 -34.23 11.62
C PRO D 343 3.96 -34.01 10.45
N PRO D 344 3.35 -32.82 10.37
CA PRO D 344 2.34 -32.59 9.33
C PRO D 344 2.88 -32.62 7.92
N ASN D 345 4.19 -32.52 7.72
CA ASN D 345 4.74 -32.68 6.37
C ASN D 345 4.69 -34.13 5.91
N LYS D 346 4.76 -35.07 6.86
CA LYS D 346 4.69 -36.49 6.55
C LYS D 346 3.30 -36.94 6.11
N ILE D 347 2.30 -36.07 6.12
CA ILE D 347 0.93 -36.44 5.85
C ILE D 347 0.50 -35.79 4.55
N ILE D 348 0.20 -36.62 3.55
CA ILE D 348 -0.16 -36.15 2.21
C ILE D 348 -1.67 -36.21 2.07
N LEU D 349 -2.28 -35.06 1.76
CA LEU D 349 -3.71 -34.92 1.64
C LEU D 349 -4.15 -35.10 0.18
N PRO D 350 -5.34 -35.68 -0.04
CA PRO D 350 -5.72 -36.05 -1.41
C PRO D 350 -5.83 -34.87 -2.35
N THR D 351 -4.90 -34.78 -3.31
CA THR D 351 -4.91 -33.69 -4.28
C THR D 351 -6.09 -33.76 -5.22
N GLU D 352 -6.86 -34.85 -5.22
CA GLU D 352 -7.97 -35.00 -6.15
C GLU D 352 -9.17 -34.17 -5.71
N GLU D 353 -9.41 -34.05 -4.41
CA GLU D 353 -10.57 -33.35 -3.89
C GLU D 353 -10.25 -31.95 -3.37
N GLY D 354 -9.19 -31.32 -3.89
CA GLY D 354 -8.96 -29.91 -3.65
C GLY D 354 -7.98 -29.57 -2.54
N TYR D 355 -6.89 -30.33 -2.44
CA TYR D 355 -5.83 -30.03 -1.49
C TYR D 355 -4.51 -29.86 -2.23
N ARG D 356 -3.80 -28.79 -1.93
CA ARG D 356 -2.50 -28.54 -2.54
C ARG D 356 -1.47 -28.30 -1.46
N PHE D 357 -0.23 -28.71 -1.75
CA PHE D 357 0.86 -28.55 -0.81
C PHE D 357 1.28 -27.08 -0.77
N CYS D 358 1.39 -26.52 0.43
CA CYS D 358 1.83 -25.14 0.61
C CYS D 358 3.33 -25.14 0.88
N SER D 359 4.08 -24.41 0.08
CA SER D 359 5.52 -24.36 0.26
C SER D 359 5.94 -23.57 1.50
N PRO D 360 5.40 -22.36 1.76
CA PRO D 360 5.86 -21.61 2.95
C PRO D 360 5.71 -22.36 4.25
N CYS D 361 4.52 -22.87 4.56
CA CYS D 361 4.34 -23.79 5.68
C CYS D 361 4.23 -25.19 5.10
N GLN D 362 5.30 -25.97 5.26
CA GLN D 362 5.45 -27.23 4.53
C GLN D 362 4.45 -28.26 5.04
N ARG D 363 3.22 -28.13 4.56
CA ARG D 363 2.18 -29.14 4.75
C ARG D 363 1.09 -28.87 3.73
N TYR D 364 0.16 -29.82 3.59
CA TYR D 364 -0.89 -29.68 2.61
C TYR D 364 -2.02 -28.84 3.20
N VAL D 365 -2.64 -28.01 2.36
CA VAL D 365 -3.70 -27.12 2.77
C VAL D 365 -4.83 -27.16 1.75
N SER D 366 -5.96 -26.55 2.10
CA SER D 366 -7.13 -26.55 1.25
C SER D 366 -6.96 -25.59 0.09
N LEU D 367 -7.67 -25.88 -1.01
CA LEU D 367 -7.58 -25.03 -2.19
C LEU D 367 -8.06 -23.62 -1.90
N GLU D 368 -9.20 -23.50 -1.23
CA GLU D 368 -9.79 -22.20 -0.88
C GLU D 368 -9.06 -21.48 0.26
N ASN D 369 -7.85 -21.90 0.65
CA ASN D 369 -7.18 -21.36 1.83
C ASN D 369 -6.05 -20.42 1.39
N GLN D 370 -6.03 -19.22 1.98
CA GLN D 370 -5.00 -18.23 1.69
C GLN D 370 -3.90 -18.31 2.75
N HIS D 371 -2.65 -18.31 2.30
CA HIS D 371 -1.52 -18.38 3.21
C HIS D 371 -1.25 -16.98 3.79
N CYS D 372 -1.29 -16.86 5.11
CA CYS D 372 -0.97 -15.61 5.79
C CYS D 372 0.54 -15.55 6.02
N GLU D 373 1.18 -14.54 5.46
CA GLU D 373 2.63 -14.41 5.53
C GLU D 373 3.13 -13.88 6.87
N LEU D 374 2.26 -13.36 7.73
CA LEU D 374 2.69 -12.63 8.91
C LEU D 374 2.61 -13.42 10.20
N CYS D 375 1.81 -14.48 10.24
CA CYS D 375 1.91 -15.48 11.29
C CYS D 375 2.34 -16.84 10.73
N ASN D 376 2.80 -16.88 9.48
CA ASN D 376 3.52 -18.02 8.91
C ASN D 376 2.68 -19.29 8.96
N SER D 377 1.49 -19.21 8.35
CA SER D 377 0.56 -20.32 8.36
C SER D 377 -0.62 -20.02 7.45
N CYS D 378 -1.06 -21.03 6.69
CA CYS D 378 -2.34 -20.98 6.00
C CYS D 378 -3.44 -20.97 7.05
N THR D 379 -4.09 -19.83 7.23
CA THR D 379 -4.77 -19.51 8.48
C THR D 379 -6.29 -19.50 8.40
N SER D 380 -6.88 -19.62 7.22
CA SER D 380 -8.32 -19.45 7.06
C SER D 380 -9.03 -20.75 7.44
N LYS D 381 -9.27 -20.90 8.75
CA LYS D 381 -9.93 -22.08 9.34
C LYS D 381 -11.43 -22.15 9.04
N ASP D 382 -11.98 -21.31 8.16
CA ASP D 382 -13.40 -21.35 7.85
C ASP D 382 -13.55 -21.42 6.34
N GLY D 383 -14.79 -21.34 5.83
CA GLY D 383 -15.01 -21.29 4.39
C GLY D 383 -14.67 -19.97 3.75
N ARG D 384 -14.24 -18.98 4.52
CA ARG D 384 -13.93 -17.65 4.02
C ARG D 384 -12.46 -17.33 4.30
N LYS D 385 -11.99 -16.27 3.65
CA LYS D 385 -10.62 -15.81 3.84
C LYS D 385 -10.55 -14.95 5.09
N TRP D 386 -9.62 -15.28 5.98
CA TRP D 386 -9.50 -14.59 7.25
C TRP D 386 -8.57 -13.38 7.11
N ASN D 387 -8.60 -12.51 8.12
CA ASN D 387 -7.81 -11.30 8.09
C ASN D 387 -6.82 -11.27 9.25
N HIS D 388 -5.64 -10.73 9.02
CA HIS D 388 -4.60 -10.65 10.04
C HIS D 388 -4.65 -9.31 10.76
N CYS D 389 -4.56 -9.37 12.09
CA CYS D 389 -4.41 -8.18 12.92
C CYS D 389 -2.99 -8.16 13.48
N PHE D 390 -2.28 -7.06 13.20
CA PHE D 390 -0.91 -6.79 13.64
C PHE D 390 -0.84 -6.32 15.09
N LEU D 391 -1.96 -6.19 15.78
CA LEU D 391 -1.96 -5.81 17.19
C LEU D 391 -2.15 -7.01 18.10
N CYS D 392 -3.05 -7.91 17.75
CA CYS D 392 -3.17 -9.21 18.40
C CYS D 392 -2.20 -10.23 17.82
N LYS D 393 -1.46 -9.86 16.76
CA LYS D 393 -0.45 -10.73 16.17
C LYS D 393 -1.03 -12.05 15.69
N LYS D 394 -2.28 -12.02 15.21
CA LYS D 394 -2.95 -13.27 14.85
C LYS D 394 -3.99 -12.98 13.79
N CYS D 395 -4.58 -14.04 13.25
CA CYS D 395 -5.65 -13.90 12.27
C CYS D 395 -7.01 -14.17 12.91
N VAL D 396 -8.02 -13.45 12.45
CA VAL D 396 -9.37 -13.53 12.98
C VAL D 396 -10.35 -13.68 11.81
N LYS D 397 -11.56 -14.12 12.17
CA LYS D 397 -12.63 -14.24 11.21
C LYS D 397 -12.88 -12.90 10.54
N PRO D 398 -13.16 -12.87 9.23
CA PRO D 398 -13.33 -11.58 8.53
C PRO D 398 -14.51 -10.76 9.02
N SER D 399 -15.29 -11.33 9.93
CA SER D 399 -16.44 -10.65 10.51
C SER D 399 -16.10 -9.88 11.78
N TRP D 400 -14.83 -9.82 12.14
CA TRP D 400 -14.41 -9.25 13.41
C TRP D 400 -13.80 -7.87 13.22
N ILE D 401 -13.64 -7.16 14.34
CA ILE D 401 -13.06 -5.83 14.36
C ILE D 401 -12.14 -5.73 15.58
N HIS D 402 -11.09 -4.93 15.45
CA HIS D 402 -10.19 -4.63 16.55
C HIS D 402 -10.77 -3.44 17.31
N CYS D 403 -11.17 -3.67 18.56
CA CYS D 403 -11.88 -2.67 19.34
C CYS D 403 -10.91 -1.72 20.03
N SER D 404 -11.45 -0.59 20.48
CA SER D 404 -10.69 0.38 21.26
C SER D 404 -10.86 0.09 22.75
N ILE D 405 -9.80 0.41 23.51
CA ILE D 405 -9.69 0.10 24.95
C ILE D 405 -9.58 -1.40 25.14
N CYS D 406 -10.43 -2.17 24.46
CA CYS D 406 -10.29 -3.62 24.44
C CYS D 406 -8.88 -4.02 24.01
N ASN D 407 -8.38 -3.42 22.93
CA ASN D 407 -7.04 -3.68 22.42
C ASN D 407 -6.84 -5.15 22.05
N HIS D 408 -7.93 -5.84 21.71
CA HIS D 408 -7.83 -7.12 21.03
C HIS D 408 -9.11 -7.36 20.23
N CYS D 409 -8.99 -8.14 19.16
CA CYS D 409 -10.08 -8.32 18.21
C CYS D 409 -11.25 -9.06 18.86
N ALA D 410 -12.45 -8.78 18.34
CA ALA D 410 -13.65 -9.48 18.75
C ALA D 410 -14.75 -9.18 17.74
N VAL D 411 -15.88 -9.84 17.91
CA VAL D 411 -17.06 -9.64 17.07
C VAL D 411 -17.69 -8.31 17.45
N PRO D 412 -18.34 -7.60 16.52
CA PRO D 412 -19.18 -6.47 16.92
C PRO D 412 -20.33 -6.93 17.80
N ASP D 413 -20.77 -6.04 18.69
CA ASP D 413 -21.72 -6.36 19.74
C ASP D 413 -21.11 -7.37 20.72
N HIS D 414 -19.98 -6.96 21.31
CA HIS D 414 -19.31 -7.72 22.36
C HIS D 414 -19.29 -6.93 23.66
N SER D 415 -18.45 -7.33 24.61
CA SER D 415 -18.41 -6.69 25.92
C SER D 415 -17.03 -6.10 26.18
N CYS D 416 -16.97 -4.79 26.37
CA CYS D 416 -15.70 -4.08 26.39
C CYS D 416 -15.14 -3.93 27.80
N GLU D 417 -14.05 -3.17 27.92
CA GLU D 417 -13.38 -2.85 29.18
C GLU D 417 -12.38 -1.74 28.88
N GLY D 418 -11.63 -1.34 29.90
CA GLY D 418 -10.68 -0.25 29.73
C GLY D 418 -9.25 -0.61 30.10
N VAL E 6 -17.54 1.53 34.58
CA VAL E 6 -18.10 0.68 33.55
C VAL E 6 -19.51 1.14 33.17
N LEU E 7 -20.25 1.67 34.14
CA LEU E 7 -21.63 2.08 33.95
C LEU E 7 -21.83 3.51 34.44
N PRO E 8 -22.04 4.48 33.55
CA PRO E 8 -22.13 5.89 33.97
C PRO E 8 -23.53 6.48 33.94
N LEU E 9 -23.89 7.22 34.98
CA LEU E 9 -25.17 7.93 35.00
C LEU E 9 -25.20 8.96 36.13
N ASP E 10 -25.38 10.24 35.78
CA ASP E 10 -25.50 11.31 36.77
C ASP E 10 -26.58 12.30 36.35
N PRO E 11 -27.58 12.55 37.20
CA PRO E 11 -28.71 13.40 36.77
C PRO E 11 -28.42 14.88 36.77
N ALA E 12 -27.83 15.39 37.86
CA ALA E 12 -27.68 16.83 37.99
C ALA E 12 -26.48 17.23 38.83
N VAL E 13 -25.50 16.34 38.99
CA VAL E 13 -24.31 16.60 39.79
C VAL E 13 -23.32 17.39 38.94
N PRO E 14 -22.51 18.31 39.52
CA PRO E 14 -21.56 19.04 38.68
C PRO E 14 -20.28 18.26 38.42
N ALA E 15 -20.17 17.67 37.24
CA ALA E 15 -19.00 16.90 36.90
C ALA E 15 -17.77 17.81 36.76
N PRO E 16 -16.59 17.32 37.13
CA PRO E 16 -15.37 18.10 36.90
C PRO E 16 -15.14 18.33 35.42
N LEU E 17 -14.31 19.33 35.12
CA LEU E 17 -14.17 19.85 33.77
C LEU E 17 -12.84 19.40 33.16
N CYS E 18 -12.92 18.59 32.13
CA CYS E 18 -11.81 18.25 31.25
C CYS E 18 -11.81 19.19 30.04
N PRO E 19 -10.75 19.17 29.22
CA PRO E 19 -10.67 20.12 28.10
C PRO E 19 -11.93 20.23 27.25
N HIS E 20 -12.75 19.18 27.15
CA HIS E 20 -13.99 19.22 26.35
C HIS E 20 -15.16 18.80 27.24
N GLY E 21 -15.64 19.74 28.05
CA GLY E 21 -16.87 19.60 28.79
C GLY E 21 -16.74 18.83 30.08
N PRO E 22 -17.86 18.58 30.74
CA PRO E 22 -17.84 17.75 31.96
C PRO E 22 -17.40 16.33 31.65
N THR E 23 -16.77 15.70 32.63
CA THR E 23 -16.35 14.31 32.50
C THR E 23 -17.46 13.37 32.97
N LEU E 24 -17.34 12.11 32.60
CA LEU E 24 -18.29 11.11 33.06
C LEU E 24 -17.70 10.31 34.20
N LEU E 25 -18.57 9.82 35.07
CA LEU E 25 -18.18 9.01 36.21
C LEU E 25 -18.21 7.55 35.81
N PHE E 26 -17.17 6.80 36.18
CA PHE E 26 -17.05 5.39 35.85
C PHE E 26 -16.78 4.59 37.11
N VAL E 27 -17.38 3.41 37.18
CA VAL E 27 -17.22 2.49 38.30
C VAL E 27 -16.70 1.17 37.75
N LYS E 28 -15.73 0.58 38.45
CA LYS E 28 -15.18 -0.70 38.03
C LYS E 28 -15.63 -1.81 38.97
N THR E 36 -12.48 -0.90 45.13
CA THR E 36 -13.84 -0.47 45.40
C THR E 36 -13.96 1.04 45.25
N ARG E 37 -13.30 1.58 44.22
CA ARG E 37 -13.28 3.02 43.98
C ARG E 37 -13.86 3.34 42.60
N ARG E 38 -14.52 4.49 42.52
CA ARG E 38 -15.06 5.00 41.26
C ARG E 38 -14.45 6.37 40.99
N PHE E 39 -14.26 6.69 39.71
CA PHE E 39 -13.55 7.91 39.35
C PHE E 39 -14.08 8.49 38.04
N TYR E 40 -13.75 9.75 37.80
CA TYR E 40 -14.14 10.47 36.61
C TYR E 40 -13.08 10.32 35.53
N ALA E 41 -13.54 9.99 34.32
CA ALA E 41 -12.72 9.95 33.12
C ALA E 41 -13.38 10.81 32.04
N CYS E 42 -12.59 11.10 31.01
CA CYS E 42 -13.01 11.98 29.93
C CYS E 42 -14.26 11.45 29.24
N SER E 43 -14.94 12.35 28.51
CA SER E 43 -16.23 12.05 27.89
C SER E 43 -16.17 11.91 26.37
N ALA E 44 -15.14 12.46 25.72
CA ALA E 44 -15.03 12.41 24.27
C ALA E 44 -13.73 11.77 23.80
N CYS E 45 -13.11 10.95 24.65
CA CYS E 45 -11.90 10.23 24.27
C CYS E 45 -11.90 8.91 25.03
N ARG E 46 -12.11 7.81 24.30
CA ARG E 46 -12.28 6.51 24.94
C ARG E 46 -11.05 6.12 25.74
N ASP E 47 -9.87 6.32 25.17
CA ASP E 47 -8.61 5.97 25.82
C ASP E 47 -8.01 7.20 26.49
N ARG E 48 -6.90 6.99 27.19
CA ARG E 48 -6.21 8.05 27.92
C ARG E 48 -4.94 8.52 27.23
N LYS E 49 -4.84 8.32 25.91
CA LYS E 49 -3.66 8.74 25.17
C LYS E 49 -3.76 10.19 24.69
N ASP E 50 -4.97 10.74 24.58
CA ASP E 50 -5.17 12.11 24.13
C ASP E 50 -5.64 13.02 25.25
N CYS E 51 -6.79 12.73 25.85
CA CYS E 51 -7.32 13.50 26.97
C CYS E 51 -7.25 12.61 28.21
N ASN E 52 -6.10 12.65 28.88
CA ASN E 52 -5.86 11.84 30.08
C ASN E 52 -6.27 12.66 31.30
N PHE E 53 -7.55 12.59 31.66
CA PHE E 53 -8.07 13.25 32.84
C PHE E 53 -8.64 12.20 33.78
N PHE E 54 -8.21 12.23 35.03
CA PHE E 54 -8.63 11.25 36.02
C PHE E 54 -8.87 11.95 37.34
N GLN E 55 -9.99 11.67 37.98
CA GLN E 55 -10.23 12.24 39.30
C GLN E 55 -11.19 11.36 40.09
N TRP E 56 -10.73 10.79 41.20
CA TRP E 56 -11.61 9.93 41.98
C TRP E 56 -12.78 10.72 42.56
N GLU E 57 -13.89 10.03 42.78
CA GLU E 57 -14.96 10.58 43.60
C GLU E 57 -14.42 11.04 44.94
N ASP E 58 -13.62 10.19 45.57
CA ASP E 58 -12.98 10.53 46.84
C ASP E 58 -12.08 11.75 46.71
N GLU E 59 -11.46 11.93 45.54
CA GLU E 59 -10.42 12.93 45.35
C GLU E 59 -10.95 14.32 45.66
N LYS E 60 -10.40 14.95 46.69
CA LYS E 60 -10.64 16.34 47.00
C LYS E 60 -9.62 17.17 46.24
N LEU E 61 -10.09 17.94 45.25
CA LEU E 61 -9.20 18.77 44.45
C LEU E 61 -8.50 19.79 45.34
N SER E 62 -7.19 19.61 45.54
CA SER E 62 -6.41 20.59 46.26
C SER E 62 -6.60 21.97 45.65
N GLY E 63 -6.61 23.00 46.51
CA GLY E 63 -6.84 24.35 46.01
C GLY E 63 -5.93 24.73 44.87
N ALA E 64 -4.69 24.22 44.87
CA ALA E 64 -3.78 24.47 43.77
C ALA E 64 -4.18 23.69 42.52
N ARG E 65 -4.85 22.55 42.69
CA ARG E 65 -5.28 21.77 41.54
C ARG E 65 -6.33 22.52 40.73
N LEU E 66 -7.15 23.35 41.37
CA LEU E 66 -8.14 24.13 40.63
C LEU E 66 -7.47 25.16 39.74
N ALA E 67 -6.51 25.92 40.28
CA ALA E 67 -5.80 26.90 39.47
C ALA E 67 -4.96 26.24 38.39
N ALA E 68 -4.34 25.09 38.71
CA ALA E 68 -3.52 24.39 37.72
C ALA E 68 -4.41 23.85 36.60
N ARG E 69 -5.55 23.25 36.95
CA ARG E 69 -6.45 22.70 35.95
C ARG E 69 -7.06 23.79 35.10
N GLU E 70 -7.43 24.93 35.71
CA GLU E 70 -7.93 26.04 34.92
C GLU E 70 -6.88 26.56 33.95
N ALA E 71 -5.64 26.70 34.43
CA ALA E 71 -4.55 27.18 33.59
C ALA E 71 -4.32 26.26 32.40
N HIS E 72 -4.34 24.95 32.63
CA HIS E 72 -4.07 24.02 31.55
C HIS E 72 -5.29 23.87 30.63
N ASN E 73 -6.50 23.88 31.20
CA ASN E 73 -7.72 23.73 30.42
C ASN E 73 -7.97 24.92 29.51
N ARG E 74 -7.54 26.11 29.92
CA ARG E 74 -7.63 27.26 29.01
C ARG E 74 -6.72 27.08 27.81
N ARG E 75 -5.52 26.52 28.03
CA ARG E 75 -4.56 26.35 26.94
C ARG E 75 -4.97 25.27 25.95
N CYS E 76 -5.89 24.38 26.32
CA CYS E 76 -6.27 23.27 25.47
C CYS E 76 -7.44 23.61 24.54
N GLN E 77 -7.95 24.83 24.58
CA GLN E 77 -9.07 25.23 23.75
C GLN E 77 -8.59 25.58 22.34
N PRO E 78 -9.50 25.62 21.36
CA PRO E 78 -9.11 25.89 19.97
C PRO E 78 -8.39 27.22 19.83
N PRO E 79 -7.56 27.37 18.78
CA PRO E 79 -6.78 28.61 18.64
C PRO E 79 -7.63 29.84 18.39
N LEU E 80 -8.52 29.78 17.40
CA LEU E 80 -9.36 30.92 17.05
C LEU E 80 -10.69 30.80 17.79
N SER E 81 -11.04 31.83 18.55
CA SER E 81 -12.31 31.85 19.27
C SER E 81 -13.47 31.90 18.28
N ARG E 82 -14.68 31.72 18.81
CA ARG E 82 -15.86 31.71 17.95
C ARG E 82 -16.08 33.07 17.29
N THR E 83 -15.78 34.15 18.02
CA THR E 83 -15.92 35.49 17.47
C THR E 83 -14.93 35.72 16.34
N GLN E 84 -13.66 35.39 16.59
CA GLN E 84 -12.63 35.47 15.56
C GLN E 84 -13.03 34.71 14.31
N CYS E 85 -13.80 33.63 14.46
CA CYS E 85 -14.14 32.78 13.32
C CYS E 85 -15.05 33.51 12.34
N VAL E 86 -16.18 34.06 12.83
CA VAL E 86 -17.09 34.78 11.93
C VAL E 86 -16.40 36.01 11.37
N GLU E 87 -15.67 36.75 12.21
CA GLU E 87 -15.04 37.97 11.72
C GLU E 87 -13.93 37.66 10.70
N ARG E 88 -13.35 36.46 10.74
CA ARG E 88 -12.37 36.07 9.75
C ARG E 88 -13.04 35.57 8.47
N TYR E 89 -14.12 34.79 8.60
CA TYR E 89 -14.81 34.28 7.42
C TYR E 89 -15.32 35.42 6.54
N LEU E 90 -15.87 36.46 7.15
CA LEU E 90 -16.40 37.57 6.35
C LEU E 90 -15.29 38.27 5.58
N LYS E 91 -14.24 38.69 6.28
CA LYS E 91 -13.09 39.30 5.62
C LYS E 91 -12.51 38.38 4.55
N PHE E 92 -12.54 37.07 4.78
CA PHE E 92 -12.01 36.11 3.82
C PHE E 92 -12.80 36.15 2.52
N ILE E 93 -14.13 35.99 2.61
CA ILE E 93 -14.95 36.04 1.40
C ILE E 93 -14.93 37.42 0.75
N GLU E 94 -14.46 38.45 1.46
CA GLU E 94 -14.26 39.75 0.83
C GLU E 94 -13.01 39.78 -0.05
N LEU E 95 -12.01 38.94 0.26
CA LEU E 95 -10.75 38.95 -0.46
C LEU E 95 -10.92 38.43 -1.89
N PRO E 96 -10.00 38.78 -2.79
CA PRO E 96 -10.05 38.23 -4.15
C PRO E 96 -9.73 36.74 -4.15
N LEU E 97 -10.06 36.09 -5.26
CA LEU E 97 -9.74 34.67 -5.40
C LEU E 97 -8.24 34.43 -5.32
N THR E 98 -7.45 35.32 -5.91
CA THR E 98 -6.00 35.16 -5.96
C THR E 98 -5.34 35.21 -4.59
N GLN E 99 -6.06 35.64 -3.55
CA GLN E 99 -5.46 35.83 -2.24
C GLN E 99 -6.15 35.05 -1.14
N ARG E 100 -7.08 34.15 -1.49
CA ARG E 100 -7.72 33.28 -0.51
C ARG E 100 -6.82 32.06 -0.31
N LYS E 101 -6.09 32.04 0.80
CA LYS E 101 -5.18 30.95 1.11
C LYS E 101 -5.70 30.15 2.30
N PHE E 102 -5.44 28.85 2.27
CA PHE E 102 -5.90 27.92 3.30
C PHE E 102 -4.77 26.97 3.64
N CYS E 103 -4.26 27.06 4.86
CA CYS E 103 -3.19 26.17 5.28
C CYS E 103 -3.73 24.79 5.56
N GLN E 104 -3.11 23.78 4.93
CA GLN E 104 -3.54 22.40 5.05
C GLN E 104 -2.97 21.74 6.30
N THR E 105 -1.72 22.04 6.63
CA THR E 105 -1.10 21.44 7.81
C THR E 105 -1.71 21.99 9.09
N CYS E 106 -2.12 23.25 9.09
CA CYS E 106 -2.84 23.82 10.23
C CYS E 106 -4.34 23.66 10.12
N GLN E 107 -4.85 23.39 8.92
CA GLN E 107 -6.28 23.32 8.65
C GLN E 107 -6.96 24.63 9.08
N GLN E 108 -6.53 25.73 8.45
CA GLN E 108 -7.01 27.05 8.83
C GLN E 108 -7.14 27.96 7.63
N LEU E 109 -8.21 28.73 7.60
CA LEU E 109 -8.34 29.81 6.63
C LEU E 109 -7.36 30.93 6.99
N LEU E 110 -6.74 31.53 5.98
CA LEU E 110 -5.65 32.47 6.22
C LEU E 110 -5.98 33.83 5.61
N LEU E 111 -5.90 34.86 6.43
CA LEU E 111 -5.92 36.23 5.93
C LEU E 111 -4.51 36.62 5.48
N PRO E 112 -4.40 37.63 4.61
CA PRO E 112 -3.08 37.96 4.04
C PRO E 112 -2.01 38.30 5.07
N ASP E 113 -2.40 38.77 6.26
CA ASP E 113 -1.39 39.09 7.27
C ASP E 113 -0.65 37.83 7.74
N ASP E 114 -1.38 36.73 7.89
CA ASP E 114 -0.84 35.51 8.50
C ASP E 114 0.04 34.70 7.58
N TRP E 115 0.23 35.13 6.32
CA TRP E 115 0.96 34.31 5.36
C TRP E 115 2.39 34.02 5.80
N GLY E 116 2.96 34.83 6.68
CA GLY E 116 4.34 34.61 7.09
C GLY E 116 4.50 33.45 8.05
N GLN E 117 3.54 33.28 8.96
CA GLN E 117 3.63 32.22 9.96
C GLN E 117 3.47 30.84 9.36
N HIS E 118 2.94 30.74 8.14
CA HIS E 118 2.73 29.46 7.46
C HIS E 118 3.57 29.37 6.19
N SER E 119 4.70 30.08 6.18
CA SER E 119 5.56 30.07 4.99
C SER E 119 6.23 28.72 4.78
N GLU E 120 6.46 27.97 5.85
CA GLU E 120 7.04 26.64 5.77
C GLU E 120 6.00 25.53 5.96
N HIS E 121 4.76 25.80 5.55
CA HIS E 121 3.66 24.86 5.66
C HIS E 121 3.11 24.57 4.26
N GLN E 122 2.10 23.71 4.21
CA GLN E 122 1.42 23.36 2.96
C GLN E 122 0.16 24.21 2.86
N VAL E 123 0.23 25.28 2.07
CA VAL E 123 -0.89 26.21 1.90
C VAL E 123 -1.52 25.98 0.54
N LEU E 124 -2.84 26.07 0.48
CA LEU E 124 -3.60 25.91 -0.76
C LEU E 124 -4.20 27.26 -1.15
N GLY E 125 -3.96 27.67 -2.40
CA GLY E 125 -4.38 28.97 -2.87
C GLY E 125 -5.66 28.93 -3.70
N ASN E 126 -6.14 30.13 -4.03
CA ASN E 126 -7.35 30.31 -4.84
C ASN E 126 -8.53 29.53 -4.26
N VAL E 127 -8.69 29.62 -2.95
CA VAL E 127 -9.78 28.93 -2.27
C VAL E 127 -11.11 29.50 -2.74
N SER E 128 -11.72 28.85 -3.72
CA SER E 128 -12.99 29.32 -4.26
C SER E 128 -14.09 29.21 -3.21
N ILE E 129 -15.17 29.97 -3.44
CA ILE E 129 -16.36 29.83 -2.60
C ILE E 129 -16.95 28.44 -2.75
N THR E 130 -16.75 27.82 -3.91
CA THR E 130 -17.20 26.44 -4.11
C THR E 130 -16.61 25.52 -3.06
N GLN E 131 -15.34 25.74 -2.72
CA GLN E 131 -14.70 24.96 -1.67
C GLN E 131 -15.13 25.43 -0.29
N LEU E 132 -15.32 26.74 -0.12
CA LEU E 132 -15.76 27.26 1.18
C LEU E 132 -17.12 26.73 1.55
N ARG E 133 -18.00 26.55 0.57
CA ARG E 133 -19.34 26.02 0.82
C ARG E 133 -19.34 24.50 1.02
N ARG E 134 -18.18 23.85 0.94
CA ARG E 134 -18.08 22.40 1.13
C ARG E 134 -16.85 22.12 1.99
N PRO E 135 -16.94 22.40 3.30
CA PRO E 135 -15.78 22.21 4.17
C PRO E 135 -15.43 20.76 4.44
N SER E 136 -16.37 19.83 4.29
CA SER E 136 -16.09 18.42 4.53
C SER E 136 -15.26 17.78 3.42
N GLN E 137 -15.15 18.44 2.26
CA GLN E 137 -14.30 17.97 1.17
C GLN E 137 -12.96 18.69 1.15
N LEU E 138 -12.72 19.60 2.09
CA LEU E 138 -11.46 20.35 2.19
C LEU E 138 -10.64 19.95 3.39
N LEU E 139 -11.28 19.67 4.52
CA LEU E 139 -10.59 19.23 5.73
C LEU E 139 -10.45 17.72 5.71
N TYR E 140 -9.25 17.23 6.02
CA TYR E 140 -9.05 15.79 6.07
C TYR E 140 -9.86 15.20 7.22
N PRO E 141 -10.54 14.07 7.01
CA PRO E 141 -11.33 13.47 8.09
C PRO E 141 -10.45 13.04 9.25
N LEU E 142 -10.98 13.21 10.47
CA LEU E 142 -10.32 12.76 11.69
C LEU E 142 -10.78 11.33 11.95
N GLU E 143 -9.98 10.36 11.51
CA GLU E 143 -10.40 8.97 11.38
C GLU E 143 -10.23 8.16 12.67
N ASN E 144 -9.58 8.71 13.70
CA ASN E 144 -9.34 7.95 14.91
C ASN E 144 -10.66 7.49 15.52
N ALA E 145 -10.84 6.17 15.60
CA ALA E 145 -12.09 5.61 16.11
C ALA E 145 -12.32 5.95 17.57
N ALA E 146 -11.30 6.40 18.29
CA ALA E 146 -11.49 6.79 19.69
C ALA E 146 -12.04 8.21 19.79
N THR E 147 -11.30 9.18 19.28
CA THR E 147 -11.67 10.59 19.49
C THR E 147 -12.83 11.01 18.60
N ASN E 148 -12.60 11.12 17.29
CA ASN E 148 -13.54 11.78 16.39
C ASN E 148 -14.36 10.79 15.56
N ALA E 149 -13.74 9.74 15.03
CA ALA E 149 -14.41 8.75 14.20
C ALA E 149 -15.15 9.42 13.03
N GLN E 150 -14.48 10.37 12.39
CA GLN E 150 -15.08 11.13 11.29
C GLN E 150 -15.21 10.23 10.07
N TYR E 151 -16.41 9.69 9.87
CA TYR E 151 -16.71 8.81 8.73
C TYR E 151 -17.77 9.52 7.89
N LEU E 152 -17.31 10.25 6.88
CA LEU E 152 -18.19 11.08 6.08
C LEU E 152 -19.03 10.24 5.13
N PHE E 153 -20.19 10.78 4.77
CA PHE E 153 -21.17 10.03 4.00
C PHE E 153 -20.74 9.86 2.56
N ALA E 154 -21.11 8.73 1.97
CA ALA E 154 -20.92 8.55 0.54
C ALA E 154 -21.80 9.53 -0.22
N ASP E 155 -21.29 9.99 -1.36
CA ASP E 155 -22.02 11.00 -2.14
C ASP E 155 -23.41 10.51 -2.53
N ARG E 156 -23.51 9.26 -2.96
CA ARG E 156 -24.79 8.68 -3.34
C ARG E 156 -25.75 8.66 -2.15
N SER E 157 -25.28 8.19 -1.00
CA SER E 157 -26.15 8.04 0.16
C SER E 157 -26.51 9.39 0.76
N CYS E 158 -25.53 10.29 0.87
CA CYS E 158 -25.83 11.63 1.37
C CYS E 158 -26.80 12.36 0.46
N GLN E 159 -26.74 12.09 -0.85
CA GLN E 159 -27.74 12.65 -1.76
C GLN E 159 -29.12 12.06 -1.50
N PHE E 160 -29.18 10.77 -1.15
CA PHE E 160 -30.47 10.16 -0.85
C PHE E 160 -31.10 10.72 0.43
N LEU E 161 -30.28 11.06 1.42
CA LEU E 161 -30.80 11.48 2.72
C LEU E 161 -31.63 12.76 2.60
N VAL E 162 -31.11 13.77 1.89
CA VAL E 162 -31.85 15.02 1.76
C VAL E 162 -33.13 14.82 0.97
N ASP E 163 -33.12 13.88 0.02
CA ASP E 163 -34.33 13.61 -0.74
C ASP E 163 -35.41 13.02 0.16
N LEU E 164 -34.99 12.13 1.07
CA LEU E 164 -35.94 11.64 2.08
C LEU E 164 -36.48 12.79 2.92
N LEU E 165 -35.59 13.66 3.41
CA LEU E 165 -36.04 14.74 4.28
C LEU E 165 -36.97 15.71 3.56
N SER E 166 -36.72 15.97 2.27
CA SER E 166 -37.57 16.88 1.53
C SER E 166 -38.94 16.27 1.29
N ALA E 167 -38.98 15.04 0.78
CA ALA E 167 -40.26 14.40 0.50
C ALA E 167 -41.06 14.12 1.76
N LEU E 168 -40.42 14.08 2.93
CA LEU E 168 -41.13 13.79 4.16
C LEU E 168 -41.88 15.00 4.69
N GLY E 169 -41.37 16.20 4.46
CA GLY E 169 -42.05 17.41 4.92
C GLY E 169 -41.36 18.06 6.10
N PHE E 170 -40.07 18.33 5.96
CA PHE E 170 -39.28 18.94 7.02
C PHE E 170 -38.57 20.17 6.48
N ARG E 171 -38.55 21.24 7.29
CA ARG E 171 -37.92 22.48 6.90
C ARG E 171 -36.66 22.81 7.69
N ARG E 172 -36.49 22.24 8.88
CA ARG E 172 -35.30 22.43 9.67
C ARG E 172 -34.74 21.09 10.10
N VAL E 173 -33.43 20.92 10.00
CA VAL E 173 -32.76 19.69 10.39
C VAL E 173 -31.62 20.04 11.34
N LEU E 174 -31.72 19.55 12.58
CA LEU E 174 -30.64 19.71 13.54
C LEU E 174 -29.62 18.62 13.31
N CYS E 175 -28.57 18.93 12.54
CA CYS E 175 -27.50 17.98 12.28
C CYS E 175 -26.54 17.99 13.46
N VAL E 176 -26.53 16.92 14.24
CA VAL E 176 -25.65 16.79 15.39
C VAL E 176 -24.59 15.76 15.04
N GLY E 177 -23.39 16.24 14.71
CA GLY E 177 -22.30 15.38 14.28
C GLY E 177 -22.48 14.85 12.87
N THR E 178 -22.99 15.67 11.96
CA THR E 178 -23.30 15.24 10.60
C THR E 178 -22.89 16.32 9.61
N PRO E 179 -21.59 16.61 9.51
CA PRO E 179 -21.16 17.77 8.72
C PRO E 179 -21.47 17.69 7.24
N ARG E 180 -21.24 16.53 6.62
CA ARG E 180 -21.46 16.40 5.18
C ARG E 180 -22.93 16.61 4.83
N LEU E 181 -23.82 16.03 5.62
CA LEU E 181 -25.25 16.23 5.42
C LEU E 181 -25.63 17.70 5.62
N HIS E 182 -25.04 18.35 6.61
CA HIS E 182 -25.30 19.76 6.88
C HIS E 182 -24.98 20.63 5.68
N GLU E 183 -23.78 20.46 5.11
CA GLU E 183 -23.38 21.28 3.97
C GLU E 183 -24.18 20.93 2.73
N LEU E 184 -24.48 19.64 2.51
CA LEU E 184 -25.29 19.28 1.36
C LEU E 184 -26.71 19.84 1.51
N ILE E 185 -27.19 20.00 2.74
CA ILE E 185 -28.48 20.63 2.96
C ILE E 185 -28.44 22.09 2.54
N LYS E 186 -27.40 22.83 2.98
CA LYS E 186 -27.32 24.23 2.55
C LYS E 186 -27.30 24.36 1.03
N LEU E 187 -26.52 23.52 0.36
CA LEU E 187 -26.42 23.60 -1.10
C LEU E 187 -27.76 23.27 -1.76
N THR E 188 -28.35 22.13 -1.40
CA THR E 188 -29.62 21.71 -1.99
C THR E 188 -30.80 22.58 -1.55
N ALA E 189 -30.63 23.40 -0.52
CA ALA E 189 -31.65 24.37 -0.16
C ALA E 189 -31.53 25.65 -0.97
N SER E 190 -30.31 26.02 -1.37
CA SER E 190 -30.14 27.15 -2.27
C SER E 190 -30.49 26.79 -3.71
N GLY E 191 -30.44 25.51 -4.06
CA GLY E 191 -30.77 25.10 -5.42
C GLY E 191 -32.19 25.43 -5.82
N ASP E 192 -33.15 25.20 -4.93
CA ASP E 192 -34.56 25.43 -5.23
C ASP E 192 -35.19 26.24 -4.10
N LYS E 193 -35.93 27.29 -4.46
CA LYS E 193 -36.70 28.06 -3.49
C LYS E 193 -38.09 27.49 -3.26
N LYS E 194 -38.53 26.55 -4.10
CA LYS E 194 -39.79 25.88 -3.87
C LYS E 194 -39.76 25.10 -2.56
N SER E 195 -38.62 24.49 -2.26
CA SER E 195 -38.41 23.76 -1.01
C SER E 195 -37.15 24.29 -0.35
N ASN E 196 -37.28 24.81 0.87
CA ASN E 196 -36.16 25.41 1.60
C ASN E 196 -35.99 24.69 2.92
N ILE E 197 -34.74 24.37 3.25
CA ILE E 197 -34.42 23.69 4.50
C ILE E 197 -33.27 24.40 5.20
N LYS E 198 -33.50 24.76 6.46
CA LYS E 198 -32.48 25.29 7.36
C LYS E 198 -31.82 24.14 8.12
N SER E 199 -30.54 24.32 8.47
CA SER E 199 -29.83 23.27 9.18
C SER E 199 -28.83 23.88 10.16
N LEU E 200 -28.77 23.29 11.35
CA LEU E 200 -27.84 23.69 12.39
C LEU E 200 -26.92 22.50 12.71
N LEU E 201 -25.61 22.73 12.63
CA LEU E 201 -24.62 21.67 12.83
C LEU E 201 -24.04 21.77 14.23
N LEU E 202 -24.25 20.74 15.03
CA LEU E 202 -23.64 20.62 16.35
C LEU E 202 -22.51 19.61 16.25
N ASP E 203 -21.28 20.04 16.55
CA ASP E 203 -20.18 19.09 16.42
C ASP E 203 -19.00 19.55 17.27
N ILE E 204 -18.09 18.61 17.55
CA ILE E 204 -16.90 18.88 18.35
C ILE E 204 -15.72 19.30 17.49
N ASP E 205 -15.77 19.10 16.18
CA ASP E 205 -14.66 19.42 15.28
C ASP E 205 -14.62 20.93 15.10
N PHE E 206 -13.79 21.59 15.91
CA PHE E 206 -13.73 23.05 15.90
C PHE E 206 -13.28 23.61 14.56
N ARG E 207 -12.66 22.79 13.71
CA ARG E 207 -12.24 23.26 12.39
C ARG E 207 -13.41 23.76 11.57
N TYR E 208 -14.61 23.27 11.84
CA TYR E 208 -15.79 23.70 11.09
C TYR E 208 -16.31 25.07 11.53
N SER E 209 -15.80 25.61 12.64
CA SER E 209 -16.28 26.90 13.13
C SER E 209 -15.90 28.05 12.21
N GLN E 210 -14.84 27.90 11.42
CA GLN E 210 -14.38 28.99 10.56
C GLN E 210 -15.05 29.00 9.19
N PHE E 211 -15.76 27.93 8.82
CA PHE E 211 -16.48 27.88 7.56
C PHE E 211 -17.97 28.18 7.71
N TYR E 212 -18.46 28.36 8.93
CA TYR E 212 -19.87 28.58 9.17
C TYR E 212 -20.08 29.76 10.10
N MET E 213 -21.16 30.50 9.83
CA MET E 213 -21.51 31.65 10.66
C MET E 213 -21.94 31.17 12.05
N GLU E 214 -22.27 32.12 12.92
CA GLU E 214 -22.70 31.79 14.27
C GLU E 214 -24.08 31.16 14.30
N ASP E 215 -24.78 31.10 13.16
CA ASP E 215 -26.16 30.60 13.13
C ASP E 215 -26.24 29.09 12.95
N SER E 216 -25.49 28.54 12.00
CA SER E 216 -25.64 27.15 11.60
C SER E 216 -24.64 26.20 12.25
N PHE E 217 -23.80 26.69 13.18
CA PHE E 217 -22.79 25.85 13.77
C PHE E 217 -22.64 26.13 15.26
N CYS E 218 -22.48 25.07 16.04
CA CYS E 218 -22.13 25.17 17.45
C CYS E 218 -21.10 24.10 17.79
N HIS E 219 -19.96 24.56 18.31
CA HIS E 219 -18.92 23.72 18.88
C HIS E 219 -19.51 23.00 20.09
N TYR E 220 -19.91 21.74 19.90
CA TYR E 220 -20.76 21.04 20.85
C TYR E 220 -20.22 19.63 21.10
N ASN E 221 -20.35 19.16 22.34
CA ASN E 221 -19.93 17.82 22.71
C ASN E 221 -21.16 16.95 22.86
N MET E 222 -21.25 15.91 22.02
CA MET E 222 -22.42 15.04 21.95
C MET E 222 -22.62 14.22 23.22
N PHE E 223 -21.59 14.08 24.05
CA PHE E 223 -21.66 13.17 25.19
C PHE E 223 -22.21 13.86 26.44
N ASN E 224 -21.61 14.97 26.85
CA ASN E 224 -21.96 15.63 28.10
C ASN E 224 -22.87 16.84 27.91
N HIS E 225 -23.36 17.07 26.69
CA HIS E 225 -24.23 18.21 26.39
C HIS E 225 -23.58 19.53 26.78
N HIS E 226 -22.38 19.75 26.25
CA HIS E 226 -21.57 20.92 26.56
C HIS E 226 -21.40 21.76 25.29
N PHE E 227 -21.82 23.03 25.37
CA PHE E 227 -21.59 23.98 24.29
C PHE E 227 -20.30 24.75 24.61
N PHE E 228 -19.27 24.54 23.78
CA PHE E 228 -17.95 25.11 24.04
C PHE E 228 -17.92 26.63 23.99
N ASP E 229 -19.02 27.27 23.60
CA ASP E 229 -19.04 28.72 23.46
C ASP E 229 -19.87 29.42 24.53
N GLY E 230 -20.73 28.70 25.25
CA GLY E 230 -21.48 29.28 26.33
C GLY E 230 -22.98 29.25 26.15
N LYS E 231 -23.69 30.17 26.81
CA LYS E 231 -25.14 30.20 26.74
C LYS E 231 -25.64 30.72 25.40
N THR E 232 -24.86 31.59 24.74
CA THR E 232 -25.27 32.13 23.45
C THR E 232 -25.44 31.03 22.42
N ALA E 233 -24.40 30.19 22.26
CA ALA E 233 -24.47 29.06 21.35
C ALA E 233 -25.58 28.11 21.73
N LEU E 234 -25.85 27.95 23.04
CA LEU E 234 -26.90 27.06 23.49
C LEU E 234 -28.27 27.59 23.07
N GLU E 235 -28.50 28.89 23.24
CA GLU E 235 -29.78 29.48 22.87
C GLU E 235 -30.00 29.43 21.37
N VAL E 236 -28.92 29.43 20.58
CA VAL E 236 -29.08 29.21 19.14
C VAL E 236 -29.83 27.91 18.87
N CYS E 237 -29.37 26.82 19.50
CA CYS E 237 -30.05 25.53 19.34
C CYS E 237 -31.46 25.56 19.92
N ARG E 238 -31.63 26.25 21.05
CA ARG E 238 -32.96 26.37 21.65
C ARG E 238 -33.96 26.99 20.66
N ALA E 239 -33.59 28.12 20.06
CA ALA E 239 -34.49 28.78 19.12
C ALA E 239 -34.65 27.97 17.83
N PHE E 240 -33.59 27.29 17.39
CA PHE E 240 -33.70 26.45 16.20
C PHE E 240 -34.69 25.31 16.42
N LEU E 241 -34.76 24.78 17.64
CA LEU E 241 -35.74 23.73 17.92
C LEU E 241 -37.15 24.31 18.04
N GLN E 242 -37.31 25.40 18.80
CA GLN E 242 -38.64 25.94 19.06
C GLN E 242 -39.17 26.82 17.92
N GLU E 243 -38.43 26.96 16.83
CA GLU E 243 -38.93 27.67 15.66
C GLU E 243 -40.10 26.93 15.04
N ASP E 244 -41.13 27.69 14.65
CA ASP E 244 -42.32 27.15 13.97
C ASP E 244 -43.04 26.11 14.83
N LYS E 245 -42.99 26.27 16.15
CA LYS E 245 -43.67 25.40 17.11
C LYS E 245 -43.24 23.94 16.96
N GLY E 246 -41.98 23.72 16.61
CA GLY E 246 -41.45 22.37 16.53
C GLY E 246 -41.97 21.54 15.38
N GLU E 247 -42.59 22.17 14.39
CA GLU E 247 -43.08 21.46 13.21
C GLU E 247 -42.07 21.54 12.09
N GLY E 248 -41.87 20.41 11.42
CA GLY E 248 -40.93 20.34 10.32
C GLY E 248 -39.48 20.24 10.73
N ILE E 249 -39.20 19.81 11.96
CA ILE E 249 -37.84 19.66 12.45
C ILE E 249 -37.56 18.18 12.68
N ILE E 250 -36.40 17.73 12.21
CA ILE E 250 -35.97 16.34 12.38
C ILE E 250 -34.49 16.34 12.73
N MET E 251 -34.15 15.67 13.83
CA MET E 251 -32.77 15.57 14.27
C MET E 251 -32.13 14.34 13.65
N VAL E 252 -30.97 14.54 13.00
CA VAL E 252 -30.22 13.47 12.37
C VAL E 252 -28.89 13.34 13.09
N THR E 253 -28.57 12.13 13.54
CA THR E 253 -27.36 11.87 14.32
C THR E 253 -26.59 10.71 13.71
N ASP E 254 -25.27 10.82 13.73
CA ASP E 254 -24.37 9.75 13.31
C ASP E 254 -23.18 9.74 14.26
N PRO E 255 -23.39 9.28 15.50
CA PRO E 255 -22.35 9.38 16.52
C PRO E 255 -21.28 8.33 16.34
N PRO E 256 -20.10 8.52 16.93
CA PRO E 256 -19.07 7.47 16.87
C PRO E 256 -19.54 6.19 17.53
N PHE E 257 -19.55 5.11 16.75
CA PHE E 257 -19.92 3.82 17.31
C PHE E 257 -18.93 3.36 18.37
N GLY E 258 -17.67 3.77 18.25
CA GLY E 258 -16.72 3.57 19.31
C GLY E 258 -17.00 4.53 20.45
N GLY E 259 -16.88 4.02 21.67
CA GLY E 259 -17.16 4.83 22.83
C GLY E 259 -18.26 4.28 23.71
N LEU E 260 -19.25 5.11 23.98
CA LEU E 260 -20.37 4.74 24.83
C LEU E 260 -21.68 4.92 24.07
N VAL E 261 -22.76 4.43 24.66
CA VAL E 261 -24.09 4.56 24.07
C VAL E 261 -25.15 5.01 25.06
N GLU E 262 -24.97 4.80 26.38
CA GLU E 262 -25.95 5.28 27.34
C GLU E 262 -25.86 6.80 27.54
N PRO E 263 -24.69 7.40 27.81
CA PRO E 263 -24.65 8.88 27.87
C PRO E 263 -25.13 9.54 26.60
N LEU E 264 -25.09 8.85 25.46
CA LEU E 264 -25.64 9.41 24.22
C LEU E 264 -27.13 9.61 24.34
N ALA E 265 -27.86 8.58 24.77
CA ALA E 265 -29.29 8.73 24.96
C ALA E 265 -29.59 9.78 26.02
N ILE E 266 -28.72 9.91 27.03
CA ILE E 266 -28.88 10.96 28.03
C ILE E 266 -28.89 12.34 27.36
N THR E 267 -27.87 12.62 26.55
CA THR E 267 -27.77 13.92 25.87
C THR E 267 -28.93 14.12 24.88
N PHE E 268 -29.24 13.10 24.10
CA PHE E 268 -30.30 13.22 23.11
C PHE E 268 -31.65 13.50 23.77
N LYS E 269 -31.87 12.92 24.96
CA LYS E 269 -33.08 13.25 25.70
C LYS E 269 -33.06 14.68 26.20
N LYS E 270 -31.89 15.22 26.53
CA LYS E 270 -31.84 16.65 26.84
C LYS E 270 -32.29 17.50 25.65
N LEU E 271 -31.80 17.19 24.44
CA LEU E 271 -32.23 17.95 23.27
C LEU E 271 -33.74 17.79 23.03
N ILE E 272 -34.26 16.58 23.14
CA ILE E 272 -35.69 16.37 22.92
C ILE E 272 -36.51 17.04 24.01
N ALA E 273 -35.92 17.22 25.20
CA ALA E 273 -36.62 17.94 26.26
C ALA E 273 -36.71 19.41 25.94
N MET E 274 -35.64 19.99 25.39
CA MET E 274 -35.74 21.35 24.88
C MET E 274 -36.82 21.45 23.81
N TRP E 275 -36.95 20.42 22.98
CA TRP E 275 -38.03 20.43 21.98
C TRP E 275 -39.41 20.32 22.61
N LYS E 276 -39.52 19.72 23.80
CA LYS E 276 -40.82 19.55 24.42
C LYS E 276 -41.42 20.85 24.97
N GLU E 277 -40.62 21.90 25.12
CA GLU E 277 -41.16 23.15 25.64
C GLU E 277 -41.90 23.92 24.55
N GLY E 278 -42.80 24.80 24.99
CA GLY E 278 -43.67 25.50 24.08
C GLY E 278 -44.84 24.68 23.59
N GLN E 279 -45.17 23.59 24.29
CA GLN E 279 -46.25 22.69 23.90
C GLN E 279 -47.03 22.29 25.14
N SER E 280 -48.35 22.15 24.99
CA SER E 280 -49.20 21.88 26.14
C SER E 280 -50.21 20.78 25.87
N GLN E 281 -51.00 20.92 24.82
CA GLN E 281 -52.17 20.07 24.64
C GLN E 281 -51.93 18.87 23.74
N ASP E 282 -51.23 19.06 22.62
CA ASP E 282 -51.18 18.05 21.57
C ASP E 282 -49.86 17.29 21.47
N ASP E 283 -48.75 17.86 21.93
CA ASP E 283 -47.47 17.21 21.75
C ASP E 283 -47.21 16.09 22.75
N SER E 284 -48.11 15.85 23.70
CA SER E 284 -47.91 14.77 24.66
C SER E 284 -47.99 13.41 23.98
N HIS E 285 -48.79 13.29 22.92
CA HIS E 285 -48.82 12.06 22.12
C HIS E 285 -47.81 12.07 20.99
N LYS E 286 -47.37 13.25 20.56
CA LYS E 286 -46.37 13.35 19.50
C LYS E 286 -44.99 13.03 20.07
N GLU E 287 -44.01 12.99 19.18
CA GLU E 287 -42.62 12.72 19.56
C GLU E 287 -41.72 13.26 18.46
N LEU E 288 -40.64 13.92 18.87
CA LEU E 288 -39.74 14.57 17.93
C LEU E 288 -39.22 13.57 16.91
N PRO E 289 -39.54 13.74 15.62
CA PRO E 289 -39.03 12.81 14.60
C PRO E 289 -37.52 12.93 14.46
N ILE E 290 -36.79 11.88 14.80
CA ILE E 290 -35.33 11.91 14.72
C ILE E 290 -34.81 10.68 14.00
N PHE E 291 -33.71 10.86 13.28
CA PHE E 291 -32.99 9.79 12.60
C PHE E 291 -31.72 9.50 13.39
N TRP E 292 -31.60 8.28 13.93
CA TRP E 292 -30.37 7.84 14.56
C TRP E 292 -29.68 6.88 13.62
N ILE E 293 -28.66 7.35 12.93
CA ILE E 293 -27.87 6.51 12.05
C ILE E 293 -26.81 5.80 12.89
N PHE E 294 -26.74 4.48 12.76
CA PHE E 294 -25.91 3.66 13.64
C PHE E 294 -25.84 2.25 13.05
N PRO E 295 -24.80 1.50 13.38
CA PRO E 295 -24.72 0.12 12.92
C PRO E 295 -25.82 -0.74 13.52
N TYR E 296 -26.15 -1.83 12.81
CA TYR E 296 -27.39 -2.54 13.09
C TYR E 296 -27.34 -3.28 14.42
N PHE E 297 -26.18 -3.82 14.80
CA PHE E 297 -26.12 -4.69 15.98
C PHE E 297 -26.39 -3.94 17.28
N PHE E 298 -26.35 -2.61 17.27
CA PHE E 298 -26.70 -1.81 18.43
C PHE E 298 -28.21 -1.60 18.56
N GLU E 299 -29.01 -2.27 17.72
CA GLU E 299 -30.46 -2.11 17.75
C GLU E 299 -31.03 -2.50 19.11
N SER E 300 -30.47 -3.54 19.72
CA SER E 300 -30.93 -3.94 21.06
C SER E 300 -30.59 -2.88 22.10
N ARG E 301 -29.48 -2.15 21.90
CA ARG E 301 -29.09 -1.12 22.85
C ARG E 301 -29.78 0.22 22.59
N ILE E 302 -30.08 0.52 21.34
CA ILE E 302 -30.82 1.75 21.03
C ILE E 302 -32.26 1.63 21.50
N CYS E 303 -32.94 0.54 21.11
CA CYS E 303 -34.35 0.37 21.45
C CYS E 303 -34.57 0.22 22.96
N GLN E 304 -33.53 -0.07 23.73
CA GLN E 304 -33.68 -0.09 25.18
C GLN E 304 -33.95 1.30 25.73
N PHE E 305 -33.38 2.33 25.11
CA PHE E 305 -33.59 3.71 25.54
C PHE E 305 -34.68 4.42 24.75
N PHE E 306 -34.83 4.11 23.46
CA PHE E 306 -35.84 4.69 22.59
C PHE E 306 -36.73 3.55 22.09
N PRO E 307 -37.67 3.08 22.91
CA PRO E 307 -38.47 1.91 22.51
C PRO E 307 -39.36 2.16 21.30
N SER E 308 -39.67 3.42 21.00
CA SER E 308 -40.50 3.74 19.84
C SER E 308 -39.74 3.63 18.52
N PHE E 309 -38.45 3.33 18.56
CA PHE E 309 -37.66 3.26 17.34
C PHE E 309 -37.86 1.93 16.62
N GLN E 310 -37.67 1.97 15.30
CA GLN E 310 -37.58 0.79 14.46
C GLN E 310 -36.34 0.92 13.59
N MET E 311 -35.99 -0.17 12.91
CA MET E 311 -34.80 -0.21 12.07
C MET E 311 -35.22 -0.32 10.61
N LEU E 312 -34.65 0.54 9.77
CA LEU E 312 -34.86 0.46 8.33
C LEU E 312 -33.88 -0.52 7.71
N ASP E 313 -34.13 -0.86 6.45
CA ASP E 313 -33.24 -1.74 5.68
C ASP E 313 -32.34 -0.98 4.73
N TYR E 314 -32.34 0.34 4.77
CA TYR E 314 -31.44 1.10 3.91
C TYR E 314 -30.03 1.07 4.49
N GLN E 315 -29.06 0.72 3.65
CA GLN E 315 -27.66 0.60 4.04
C GLN E 315 -26.96 1.90 3.67
N VAL E 316 -26.79 2.77 4.66
CA VAL E 316 -26.12 4.06 4.44
C VAL E 316 -24.65 3.78 4.14
N ASP E 317 -24.26 3.98 2.88
CA ASP E 317 -22.88 3.75 2.49
C ASP E 317 -22.02 4.95 2.89
N TYR E 318 -20.72 4.69 3.03
CA TYR E 318 -19.76 5.69 3.47
C TYR E 318 -18.61 5.76 2.49
N ASP E 319 -17.86 6.87 2.54
CA ASP E 319 -16.61 6.98 1.81
C ASP E 319 -15.46 6.37 2.60
N ASN E 320 -15.40 6.66 3.90
CA ASN E 320 -14.41 6.12 4.80
C ASN E 320 -15.11 5.57 6.05
N HIS E 321 -14.71 4.38 6.48
CA HIS E 321 -15.32 3.77 7.66
C HIS E 321 -14.38 2.69 8.18
N ALA E 322 -14.01 2.79 9.46
CA ALA E 322 -13.14 1.78 10.06
C ALA E 322 -13.87 0.46 10.28
N LEU E 323 -15.21 0.47 10.25
CA LEU E 323 -15.96 -0.76 10.51
C LEU E 323 -15.94 -1.68 9.31
N TYR E 324 -16.26 -1.15 8.12
CA TYR E 324 -16.30 -1.95 6.91
C TYR E 324 -15.66 -1.18 5.76
N LYS E 325 -14.82 -1.86 4.99
CA LYS E 325 -14.09 -1.24 3.89
C LYS E 325 -14.31 -2.05 2.62
N HIS E 326 -14.61 -1.36 1.53
CA HIS E 326 -14.87 -1.98 0.23
C HIS E 326 -13.67 -2.72 -0.33
N GLY E 327 -13.84 -3.35 -1.49
CA GLY E 327 -12.77 -4.07 -2.15
C GLY E 327 -13.14 -4.50 -3.56
N ARG E 331 -19.30 -4.63 -4.26
CA ARG E 331 -20.39 -4.73 -3.31
C ARG E 331 -19.94 -4.31 -1.92
N LYS E 332 -19.52 -5.31 -1.12
CA LYS E 332 -19.00 -5.08 0.23
C LYS E 332 -20.01 -4.31 1.09
N GLN E 333 -21.13 -4.98 1.37
CA GLN E 333 -22.27 -4.33 2.03
C GLN E 333 -21.86 -3.67 3.35
N SER E 334 -22.45 -2.48 3.62
CA SER E 334 -22.11 -1.67 4.78
C SER E 334 -23.03 -1.99 5.97
N PRO E 335 -22.50 -1.94 7.19
CA PRO E 335 -23.24 -2.39 8.37
C PRO E 335 -24.08 -1.34 9.08
N VAL E 336 -24.12 -0.10 8.59
CA VAL E 336 -24.83 0.98 9.25
C VAL E 336 -26.20 1.16 8.60
N ARG E 337 -27.19 1.52 9.41
CA ARG E 337 -28.51 1.84 8.88
C ARG E 337 -29.13 2.93 9.76
N ILE E 338 -30.44 3.10 9.66
CA ILE E 338 -31.16 4.23 10.25
C ILE E 338 -32.20 3.70 11.21
N PHE E 339 -32.25 4.26 12.42
CA PHE E 339 -33.23 3.93 13.44
C PHE E 339 -34.12 5.15 13.63
N THR E 340 -35.42 4.99 13.37
CA THR E 340 -36.34 6.12 13.34
C THR E 340 -37.50 5.87 14.31
N ASN E 341 -38.03 6.96 14.86
CA ASN E 341 -39.27 6.91 15.62
C ASN E 341 -40.50 7.14 14.74
N ILE E 342 -40.31 7.54 13.49
CA ILE E 342 -41.42 7.76 12.57
C ILE E 342 -41.90 6.41 12.05
N PRO E 343 -43.15 6.28 11.65
CA PRO E 343 -43.61 5.03 11.03
C PRO E 343 -42.85 4.74 9.76
N PRO E 344 -42.24 3.56 9.63
CA PRO E 344 -41.40 3.29 8.46
C PRO E 344 -42.18 3.10 7.17
N ASN E 345 -43.51 2.97 7.22
CA ASN E 345 -44.27 2.73 6.00
C ASN E 345 -44.22 3.91 5.05
N LYS E 346 -44.08 5.13 5.58
CA LYS E 346 -44.02 6.31 4.71
C LYS E 346 -42.66 6.42 4.02
N ILE E 347 -41.61 5.89 4.63
CA ILE E 347 -40.27 6.00 4.06
C ILE E 347 -40.19 5.13 2.80
N ILE E 348 -39.69 5.72 1.72
CA ILE E 348 -39.49 5.00 0.46
C ILE E 348 -38.00 4.80 0.26
N LEU E 349 -37.60 3.55 0.08
CA LEU E 349 -36.20 3.27 -0.19
C LEU E 349 -35.96 3.22 -1.69
N PRO E 350 -34.75 3.56 -2.14
CA PRO E 350 -34.50 3.66 -3.59
C PRO E 350 -34.61 2.31 -4.30
N THR E 351 -35.69 2.14 -5.06
CA THR E 351 -35.89 0.91 -5.82
C THR E 351 -34.85 0.73 -6.92
N GLU E 352 -34.17 1.80 -7.32
CA GLU E 352 -33.14 1.70 -8.35
C GLU E 352 -31.90 0.98 -7.85
N GLU E 353 -31.68 0.95 -6.52
CA GLU E 353 -30.52 0.30 -5.93
C GLU E 353 -30.83 -1.11 -5.43
N GLY E 354 -31.95 -1.68 -5.84
CA GLY E 354 -32.31 -3.03 -5.44
C GLY E 354 -33.04 -3.10 -4.12
N TYR E 355 -34.25 -2.56 -4.07
CA TYR E 355 -35.09 -2.62 -2.88
C TYR E 355 -36.50 -2.99 -3.30
N ARG E 356 -37.24 -3.63 -2.38
CA ARG E 356 -38.62 -4.00 -2.64
C ARG E 356 -39.47 -3.57 -1.44
N PHE E 357 -40.78 -3.57 -1.63
CA PHE E 357 -41.71 -3.17 -0.59
C PHE E 357 -42.46 -4.40 -0.12
N CYS E 358 -42.29 -4.76 1.15
CA CYS E 358 -42.95 -5.94 1.68
C CYS E 358 -44.40 -5.60 2.02
N SER E 359 -45.30 -6.53 1.71
CA SER E 359 -46.70 -6.35 2.05
C SER E 359 -47.00 -6.79 3.48
N PRO E 360 -46.49 -7.95 3.97
CA PRO E 360 -46.75 -8.32 5.36
C PRO E 360 -46.32 -7.24 6.35
N CYS E 361 -45.04 -6.90 6.34
CA CYS E 361 -44.56 -5.74 7.08
C CYS E 361 -44.53 -4.58 6.11
N GLN E 362 -45.31 -3.53 6.41
CA GLN E 362 -45.52 -2.42 5.48
C GLN E 362 -44.31 -1.49 5.43
N ARG E 363 -43.16 -2.04 5.02
CA ARG E 363 -41.96 -1.23 4.91
C ARG E 363 -41.12 -1.69 3.74
N TYR E 364 -40.13 -0.88 3.41
CA TYR E 364 -39.18 -1.20 2.35
C TYR E 364 -38.08 -2.11 2.88
N VAL E 365 -37.88 -3.23 2.18
CA VAL E 365 -36.92 -4.25 2.56
C VAL E 365 -35.84 -4.36 1.49
N SER E 366 -34.70 -4.92 1.90
CA SER E 366 -33.59 -5.14 1.00
C SER E 366 -33.92 -6.24 -0.01
N LEU E 367 -33.01 -6.43 -0.97
CA LEU E 367 -33.23 -7.42 -2.02
C LEU E 367 -33.04 -8.85 -1.51
N GLU E 368 -32.07 -9.07 -0.62
CA GLU E 368 -31.73 -10.40 -0.13
C GLU E 368 -32.43 -10.75 1.18
N ASN E 369 -33.47 -10.02 1.55
CA ASN E 369 -34.21 -10.27 2.78
C ASN E 369 -35.40 -11.15 2.46
N GLN E 370 -35.46 -12.32 3.08
CA GLN E 370 -36.56 -13.26 2.92
C GLN E 370 -37.53 -13.13 4.09
N HIS E 371 -38.82 -13.14 3.79
CA HIS E 371 -39.85 -12.96 4.82
C HIS E 371 -40.24 -14.32 5.37
N CYS E 372 -39.73 -14.64 6.55
CA CYS E 372 -40.10 -15.87 7.25
C CYS E 372 -41.46 -15.66 7.91
N GLU E 373 -42.50 -16.30 7.35
CA GLU E 373 -43.85 -16.11 7.84
C GLU E 373 -44.09 -16.74 9.21
N LEU E 374 -43.15 -17.52 9.72
CA LEU E 374 -43.34 -18.15 11.02
C LEU E 374 -43.24 -17.13 12.15
N CYS E 375 -42.11 -16.41 12.22
CA CYS E 375 -41.96 -15.34 13.20
C CYS E 375 -42.58 -14.03 12.73
N ASN E 376 -43.15 -14.00 11.52
CA ASN E 376 -43.99 -12.90 11.03
C ASN E 376 -43.20 -11.61 10.85
N SER E 377 -41.95 -11.72 10.38
CA SER E 377 -41.13 -10.56 10.08
C SER E 377 -39.84 -10.97 9.35
N CYS E 378 -39.57 -10.34 8.21
CA CYS E 378 -38.29 -10.53 7.54
C CYS E 378 -37.20 -9.79 8.32
N THR E 379 -36.20 -10.53 8.77
CA THR E 379 -35.22 -10.03 9.71
C THR E 379 -33.79 -10.36 9.28
N SER E 380 -33.48 -10.16 8.00
CA SER E 380 -32.12 -10.36 7.49
C SER E 380 -31.36 -9.07 7.68
N LYS E 381 -30.71 -8.93 8.84
CA LYS E 381 -30.00 -7.71 9.17
C LYS E 381 -28.79 -7.50 8.25
N ASP E 382 -28.12 -8.59 7.88
CA ASP E 382 -26.98 -8.52 6.98
C ASP E 382 -27.45 -8.86 5.56
N GLY E 383 -26.50 -9.17 4.68
CA GLY E 383 -26.83 -9.53 3.31
C GLY E 383 -27.26 -10.98 3.17
N ARG E 384 -26.60 -11.86 3.92
CA ARG E 384 -26.94 -13.29 3.87
C ARG E 384 -28.33 -13.52 4.44
N LYS E 385 -28.99 -14.56 3.91
CA LYS E 385 -30.34 -14.89 4.34
C LYS E 385 -30.32 -15.58 5.69
N TRP E 386 -31.26 -15.19 6.55
CA TRP E 386 -31.34 -15.72 7.91
C TRP E 386 -32.16 -17.00 7.93
N ASN E 387 -31.64 -18.02 8.61
CA ASN E 387 -32.35 -19.28 8.73
C ASN E 387 -33.22 -19.26 9.98
N HIS E 388 -34.29 -20.05 9.97
CA HIS E 388 -35.21 -20.09 11.09
C HIS E 388 -35.08 -21.42 11.83
N CYS E 389 -35.12 -21.35 13.16
CA CYS E 389 -35.09 -22.54 14.03
C CYS E 389 -36.42 -22.64 14.74
N PHE E 390 -37.11 -23.77 14.53
CA PHE E 390 -38.47 -23.92 15.06
C PHE E 390 -38.51 -24.03 16.57
N LEU E 391 -37.42 -24.44 17.21
CA LEU E 391 -37.41 -24.57 18.66
C LEU E 391 -37.21 -23.24 19.38
N CYS E 392 -36.59 -22.26 18.71
CA CYS E 392 -36.41 -20.93 19.28
C CYS E 392 -37.50 -19.95 18.85
N LYS E 393 -38.30 -20.30 17.84
CA LYS E 393 -39.36 -19.43 17.33
C LYS E 393 -38.81 -18.07 16.89
N LYS E 394 -37.56 -18.04 16.45
CA LYS E 394 -36.92 -16.81 16.00
C LYS E 394 -35.92 -17.14 14.91
N CYS E 395 -35.90 -16.31 13.87
CA CYS E 395 -34.85 -16.43 12.88
C CYS E 395 -33.51 -16.04 13.47
N VAL E 396 -32.44 -16.61 12.92
CA VAL E 396 -31.09 -16.38 13.38
C VAL E 396 -30.18 -16.27 12.16
N LYS E 397 -29.02 -15.66 12.38
CA LYS E 397 -28.03 -15.51 11.33
C LYS E 397 -27.64 -16.89 10.79
N PRO E 398 -27.32 -16.98 9.49
CA PRO E 398 -27.07 -18.30 8.88
C PRO E 398 -25.88 -19.05 9.46
N SER E 399 -24.96 -18.35 10.12
CA SER E 399 -23.81 -19.00 10.75
C SER E 399 -24.12 -19.54 12.13
N TRP E 400 -25.37 -19.51 12.56
CA TRP E 400 -25.77 -20.00 13.88
C TRP E 400 -26.39 -21.39 13.78
N ILE E 401 -26.23 -22.16 14.86
CA ILE E 401 -26.75 -23.52 14.94
C ILE E 401 -27.30 -23.75 16.34
N HIS E 402 -28.36 -24.55 16.42
CA HIS E 402 -28.96 -24.88 17.71
C HIS E 402 -27.98 -25.65 18.59
N CYS E 403 -27.91 -25.29 19.86
CA CYS E 403 -26.96 -25.88 20.79
C CYS E 403 -27.71 -26.71 21.83
N SER E 404 -27.40 -28.00 21.89
CA SER E 404 -27.95 -28.86 22.93
C SER E 404 -27.57 -28.34 24.32
N ILE E 405 -28.52 -28.45 25.25
CA ILE E 405 -28.45 -27.94 26.62
C ILE E 405 -28.68 -26.43 26.64
N CYS E 406 -27.91 -25.69 25.83
CA CYS E 406 -28.20 -24.27 25.65
C CYS E 406 -29.63 -24.08 25.15
N ASN E 407 -29.96 -24.76 24.05
CA ASN E 407 -31.30 -24.70 23.43
C ASN E 407 -31.62 -23.30 22.90
N HIS E 408 -30.59 -22.52 22.59
CA HIS E 408 -30.76 -21.22 21.96
C HIS E 408 -29.61 -21.02 20.98
N CYS E 409 -29.95 -20.87 19.70
CA CYS E 409 -28.96 -20.89 18.62
C CYS E 409 -27.84 -19.88 18.87
N ALA E 410 -26.62 -20.29 18.54
CA ALA E 410 -25.44 -19.46 18.71
C ALA E 410 -24.34 -19.97 17.79
N VAL E 411 -23.30 -19.16 17.63
CA VAL E 411 -22.10 -19.60 16.92
C VAL E 411 -21.43 -20.70 17.72
N PRO E 412 -20.94 -21.78 17.09
CA PRO E 412 -20.40 -22.90 17.87
C PRO E 412 -19.20 -22.56 18.73
N ASP E 413 -18.45 -21.51 18.41
CA ASP E 413 -17.33 -21.08 19.26
C ASP E 413 -17.81 -20.60 20.62
N HIS E 414 -19.13 -20.58 20.83
CA HIS E 414 -19.71 -19.99 22.02
C HIS E 414 -19.43 -20.84 23.26
N SER E 415 -19.31 -20.15 24.40
CA SER E 415 -19.25 -20.83 25.69
C SER E 415 -20.59 -21.48 25.98
N CYS E 416 -20.56 -22.77 26.33
CA CYS E 416 -21.77 -23.59 26.30
C CYS E 416 -22.51 -23.63 27.63
N GLU E 417 -22.03 -24.48 28.55
CA GLU E 417 -22.71 -24.86 29.80
C GLU E 417 -24.03 -24.15 30.07
N VAL F 6 33.61 9.45 -77.67
CA VAL F 6 34.70 9.75 -76.75
C VAL F 6 35.18 11.19 -76.92
N LEU F 7 35.17 11.68 -78.16
CA LEU F 7 35.71 12.99 -78.49
C LEU F 7 34.72 13.78 -79.34
N PRO F 8 33.88 14.62 -78.73
CA PRO F 8 33.03 15.52 -79.52
C PRO F 8 33.70 16.84 -79.85
N LEU F 9 33.43 17.32 -81.07
CA LEU F 9 33.90 18.64 -81.50
C LEU F 9 33.07 19.04 -82.71
N ASP F 10 32.39 20.18 -82.63
CA ASP F 10 31.56 20.66 -83.72
C ASP F 10 31.45 22.18 -83.71
N ALA F 15 23.94 18.15 -85.90
CA ALA F 15 23.55 19.20 -84.94
C ALA F 15 22.06 19.12 -84.60
N PRO F 16 21.64 18.03 -83.95
CA PRO F 16 20.20 17.87 -83.67
C PRO F 16 19.70 18.66 -82.48
N LEU F 17 18.58 18.22 -81.90
CA LEU F 17 17.88 18.96 -80.86
C LEU F 17 17.60 18.04 -79.67
N CYS F 18 18.18 18.38 -78.50
CA CYS F 18 17.90 17.62 -77.27
C CYS F 18 17.19 18.53 -76.27
N PRO F 19 16.43 17.95 -75.32
CA PRO F 19 15.53 18.75 -74.48
C PRO F 19 16.13 19.99 -73.82
N HIS F 20 17.44 20.04 -73.56
CA HIS F 20 18.06 21.25 -73.03
C HIS F 20 19.21 21.68 -73.95
N GLY F 21 18.84 22.32 -75.05
CA GLY F 21 19.79 22.98 -75.92
C GLY F 21 20.20 22.16 -77.12
N PRO F 22 21.10 22.71 -77.94
CA PRO F 22 21.73 21.89 -78.99
C PRO F 22 22.57 20.79 -78.39
N THR F 23 22.91 19.81 -79.22
CA THR F 23 23.76 18.71 -78.79
C THR F 23 25.18 18.93 -79.30
N LEU F 24 26.08 18.06 -78.86
CA LEU F 24 27.45 18.01 -79.34
C LEU F 24 27.68 16.64 -79.98
N LEU F 25 28.38 16.63 -81.11
CA LEU F 25 28.49 15.45 -81.95
C LEU F 25 29.76 14.67 -81.65
N PHE F 26 29.61 13.36 -81.42
CA PHE F 26 30.75 12.48 -81.20
C PHE F 26 31.48 12.21 -82.52
N VAL F 27 32.47 11.32 -82.48
CA VAL F 27 33.15 10.85 -83.69
C VAL F 27 33.25 9.33 -83.68
N THR F 36 32.85 2.43 -88.20
CA THR F 36 33.22 3.65 -87.49
C THR F 36 32.41 4.84 -87.99
N ARG F 37 31.52 5.35 -87.14
CA ARG F 37 30.66 6.47 -87.47
C ARG F 37 30.69 7.47 -86.32
N ARG F 38 29.93 8.56 -86.46
CA ARG F 38 29.82 9.57 -85.42
C ARG F 38 28.37 9.86 -85.10
N PHE F 39 28.10 10.13 -83.82
CA PHE F 39 26.75 10.29 -83.30
C PHE F 39 26.67 11.54 -82.45
N TYR F 40 25.44 11.86 -82.03
CA TYR F 40 25.16 13.02 -81.20
C TYR F 40 24.41 12.59 -79.96
N ALA F 41 24.83 13.10 -78.80
CA ALA F 41 24.20 12.78 -77.53
C ALA F 41 23.99 14.06 -76.75
N CYS F 42 23.58 13.93 -75.50
CA CYS F 42 23.23 15.07 -74.68
C CYS F 42 24.47 15.89 -74.31
N SER F 43 24.22 17.12 -73.84
CA SER F 43 25.28 18.05 -73.48
C SER F 43 25.34 18.38 -72.00
N ALA F 44 24.24 18.24 -71.27
CA ALA F 44 24.20 18.56 -69.84
C ALA F 44 23.80 17.36 -69.00
N CYS F 45 23.94 16.15 -69.53
CA CYS F 45 23.66 14.92 -68.79
C CYS F 45 24.70 13.89 -69.17
N ARG F 46 25.51 13.46 -68.20
CA ARG F 46 26.63 12.58 -68.50
C ARG F 46 26.17 11.23 -69.00
N ASP F 47 25.19 10.63 -68.34
CA ASP F 47 24.70 9.30 -68.70
C ASP F 47 23.31 9.38 -69.32
N ARG F 48 22.92 8.27 -69.95
CA ARG F 48 21.67 8.20 -70.69
C ARG F 48 20.45 7.98 -69.81
N LYS F 49 20.64 7.77 -68.50
CA LYS F 49 19.50 7.60 -67.60
C LYS F 49 18.71 8.89 -67.41
N ASP F 50 19.34 10.04 -67.60
CA ASP F 50 18.67 11.33 -67.44
C ASP F 50 18.06 11.81 -68.77
N CYS F 51 18.91 12.07 -69.76
CA CYS F 51 18.50 12.60 -71.05
C CYS F 51 18.96 11.62 -72.13
N ASN F 52 18.03 10.78 -72.60
CA ASN F 52 18.35 9.68 -73.51
C ASN F 52 18.09 10.11 -74.95
N PHE F 53 19.02 10.93 -75.47
CA PHE F 53 18.94 11.42 -76.84
C PHE F 53 20.18 10.97 -77.59
N PHE F 54 19.99 10.15 -78.63
CA PHE F 54 21.07 9.65 -79.45
C PHE F 54 20.71 9.82 -80.91
N GLN F 55 21.66 10.31 -81.70
CA GLN F 55 21.43 10.53 -83.14
C GLN F 55 22.77 10.49 -83.85
N TRP F 56 22.91 9.59 -84.83
CA TRP F 56 24.12 9.54 -85.62
C TRP F 56 24.21 10.77 -86.53
N GLU F 57 25.40 10.97 -87.11
CA GLU F 57 25.57 12.11 -88.00
C GLU F 57 24.68 11.98 -89.23
N ASP F 58 24.47 10.76 -89.72
CA ASP F 58 23.60 10.50 -90.86
C ASP F 58 22.15 10.26 -90.46
N GLU F 59 21.80 10.50 -89.20
CA GLU F 59 20.42 10.30 -88.77
C GLU F 59 19.49 11.26 -89.48
N LYS F 60 18.31 10.75 -89.85
CA LYS F 60 17.35 11.54 -90.60
C LYS F 60 16.33 12.25 -89.70
N LEU F 61 15.91 11.58 -88.62
CA LEU F 61 14.86 12.10 -87.73
C LEU F 61 13.61 12.45 -88.53
N SER F 62 13.24 11.55 -89.45
CA SER F 62 12.17 11.80 -90.39
C SER F 62 10.83 11.30 -89.87
N GLY F 63 9.75 11.91 -90.35
CA GLY F 63 8.41 11.48 -90.01
C GLY F 63 8.03 11.71 -88.56
N ALA F 64 7.71 10.61 -87.86
CA ALA F 64 7.32 10.69 -86.47
C ALA F 64 8.51 10.78 -85.51
N ARG F 65 9.73 10.56 -86.00
CA ARG F 65 10.91 10.71 -85.15
C ARG F 65 11.02 12.11 -84.57
N LEU F 66 10.57 13.12 -85.33
CA LEU F 66 10.43 14.46 -84.78
C LEU F 66 9.31 14.51 -83.76
N ALA F 67 8.15 13.93 -84.11
CA ALA F 67 7.00 13.96 -83.22
C ALA F 67 7.33 13.32 -81.87
N ALA F 68 8.16 12.27 -81.87
CA ALA F 68 8.60 11.69 -80.61
C ALA F 68 9.50 12.66 -79.85
N ARG F 69 10.47 13.26 -80.55
CA ARG F 69 11.38 14.21 -79.91
C ARG F 69 10.64 15.50 -79.54
N GLU F 70 9.97 16.12 -80.52
CA GLU F 70 9.26 17.37 -80.30
C GLU F 70 8.37 17.28 -79.07
N ALA F 71 7.48 16.29 -79.06
CA ALA F 71 6.62 16.04 -77.90
C ALA F 71 7.44 16.05 -76.60
N HIS F 72 8.46 15.21 -76.53
CA HIS F 72 9.32 15.20 -75.34
C HIS F 72 9.98 16.56 -75.15
N ASN F 73 10.55 17.12 -76.23
CA ASN F 73 11.17 18.43 -76.12
C ASN F 73 10.16 19.49 -75.68
N ARG F 74 8.88 19.28 -76.00
CA ARG F 74 7.85 20.21 -75.58
C ARG F 74 7.30 19.88 -74.20
N ARG F 75 7.43 18.63 -73.74
CA ARG F 75 6.92 18.21 -72.45
C ARG F 75 7.95 18.30 -71.33
N CYS F 76 9.24 18.43 -71.67
CA CYS F 76 10.32 18.61 -70.71
C CYS F 76 10.59 20.06 -70.37
N GLN F 77 10.01 20.99 -71.12
CA GLN F 77 10.18 22.39 -70.81
C GLN F 77 9.53 22.72 -69.47
N PRO F 78 10.11 23.64 -68.71
CA PRO F 78 9.56 24.02 -67.40
C PRO F 78 8.09 24.39 -67.50
N PRO F 79 7.32 24.19 -66.43
CA PRO F 79 5.89 24.54 -66.51
C PRO F 79 5.66 26.03 -66.73
N LEU F 80 6.42 26.88 -66.06
CA LEU F 80 6.28 28.32 -66.21
C LEU F 80 7.34 28.85 -67.18
N SER F 81 6.92 29.75 -68.06
CA SER F 81 7.85 30.42 -68.97
C SER F 81 8.59 31.53 -68.23
N ARG F 82 9.58 32.11 -68.91
CA ARG F 82 10.34 33.21 -68.31
C ARG F 82 9.46 34.44 -68.10
N THR F 83 8.46 34.65 -68.96
CA THR F 83 7.56 35.78 -68.81
C THR F 83 6.61 35.57 -67.64
N GLN F 84 6.02 34.38 -67.57
CA GLN F 84 5.13 34.03 -66.48
C GLN F 84 5.84 34.15 -65.14
N CYS F 85 7.15 33.85 -65.11
CA CYS F 85 7.88 33.88 -63.84
C CYS F 85 7.96 35.30 -63.28
N VAL F 86 8.34 36.28 -64.11
CA VAL F 86 8.45 37.65 -63.60
C VAL F 86 7.08 38.19 -63.20
N GLU F 87 6.05 37.91 -64.01
CA GLU F 87 4.71 38.36 -63.63
C GLU F 87 4.32 37.80 -62.26
N ARG F 88 4.54 36.50 -62.05
CA ARG F 88 4.21 35.89 -60.77
C ARG F 88 5.02 36.48 -59.62
N TYR F 89 6.31 36.72 -59.85
CA TYR F 89 7.15 37.20 -58.76
C TYR F 89 6.72 38.58 -58.28
N LEU F 90 6.42 39.48 -59.22
CA LEU F 90 5.92 40.79 -58.84
C LEU F 90 4.60 40.67 -58.07
N LYS F 91 3.63 39.94 -58.66
CA LYS F 91 2.36 39.76 -57.97
C LYS F 91 2.51 39.06 -56.64
N PHE F 92 3.61 38.32 -56.43
CA PHE F 92 3.88 37.62 -55.19
C PHE F 92 4.35 38.58 -54.11
N ILE F 93 5.32 39.43 -54.45
CA ILE F 93 5.80 40.40 -53.46
C ILE F 93 4.72 41.41 -53.11
N GLU F 94 3.69 41.58 -53.95
CA GLU F 94 2.63 42.50 -53.55
C GLU F 94 1.67 41.91 -52.51
N LEU F 95 1.49 40.59 -52.47
CA LEU F 95 0.58 39.99 -51.50
C LEU F 95 1.09 40.19 -50.08
N PRO F 96 0.20 40.05 -49.07
CA PRO F 96 0.67 40.11 -47.68
C PRO F 96 1.49 38.89 -47.29
N LEU F 97 2.01 38.89 -46.05
CA LEU F 97 2.78 37.75 -45.58
C LEU F 97 1.94 36.49 -45.51
N THR F 98 0.70 36.61 -44.99
CA THR F 98 -0.18 35.47 -44.80
C THR F 98 -0.61 34.83 -46.13
N GLN F 99 -0.32 35.46 -47.26
CA GLN F 99 -0.76 34.94 -48.55
C GLN F 99 0.41 34.57 -49.46
N ARG F 100 1.63 34.54 -48.93
CA ARG F 100 2.81 34.12 -49.69
C ARG F 100 3.10 32.67 -49.32
N LYS F 101 2.72 31.75 -50.21
CA LYS F 101 2.92 30.33 -50.01
C LYS F 101 3.91 29.79 -51.04
N PHE F 102 4.81 28.92 -50.60
CA PHE F 102 5.81 28.33 -51.47
C PHE F 102 5.74 26.81 -51.32
N CYS F 103 5.45 26.12 -52.41
CA CYS F 103 5.34 24.66 -52.37
C CYS F 103 6.73 24.05 -52.52
N GLN F 104 7.12 23.24 -51.53
CA GLN F 104 8.45 22.65 -51.48
C GLN F 104 8.58 21.45 -52.40
N THR F 105 7.55 20.60 -52.44
CA THR F 105 7.61 19.39 -53.27
C THR F 105 7.63 19.73 -54.75
N CYS F 106 6.96 20.81 -55.16
CA CYS F 106 7.06 21.30 -56.52
C CYS F 106 8.20 22.29 -56.70
N GLN F 107 8.70 22.87 -55.61
CA GLN F 107 9.71 23.93 -55.65
C GLN F 107 9.22 25.11 -56.49
N GLN F 108 8.03 25.61 -56.13
CA GLN F 108 7.42 26.70 -56.87
C GLN F 108 6.81 27.74 -55.93
N LEU F 109 6.98 29.01 -56.28
CA LEU F 109 6.24 30.07 -55.61
C LEU F 109 4.79 30.03 -56.06
N LEU F 110 3.85 30.01 -55.11
CA LEU F 110 2.45 29.83 -55.40
C LEU F 110 1.72 31.15 -55.30
N LEU F 111 0.94 31.49 -56.32
CA LEU F 111 0.03 32.62 -56.22
C LEU F 111 -1.24 32.18 -55.50
N PRO F 112 -2.05 33.13 -55.04
CA PRO F 112 -3.16 32.77 -54.15
C PRO F 112 -4.17 31.82 -54.78
N ASP F 113 -4.36 31.88 -56.10
CA ASP F 113 -5.32 30.98 -56.75
C ASP F 113 -4.77 29.56 -56.85
N ASP F 114 -3.45 29.40 -56.91
CA ASP F 114 -2.86 28.09 -57.18
C ASP F 114 -2.93 27.13 -56.00
N TRP F 115 -3.32 27.60 -54.81
CA TRP F 115 -3.21 26.78 -53.61
C TRP F 115 -3.97 25.47 -53.71
N GLY F 116 -4.95 25.37 -54.60
CA GLY F 116 -5.75 24.16 -54.69
C GLY F 116 -4.96 22.96 -55.20
N GLN F 117 -4.11 23.18 -56.21
CA GLN F 117 -3.42 22.05 -56.84
C GLN F 117 -2.38 21.44 -55.92
N HIS F 118 -1.85 22.22 -54.97
CA HIS F 118 -0.84 21.74 -54.04
C HIS F 118 -1.43 21.43 -52.67
N SER F 119 -2.70 21.02 -52.64
CA SER F 119 -3.39 20.84 -51.38
C SER F 119 -2.85 19.67 -50.57
N GLU F 120 -2.31 18.66 -51.26
CA GLU F 120 -1.76 17.48 -50.60
C GLU F 120 -0.24 17.44 -50.70
N HIS F 121 0.39 18.59 -50.89
CA HIS F 121 1.82 18.73 -50.97
C HIS F 121 2.33 19.44 -49.72
N GLN F 122 3.66 19.57 -49.63
CA GLN F 122 4.29 20.26 -48.51
C GLN F 122 4.49 21.72 -48.93
N VAL F 123 3.64 22.61 -48.40
CA VAL F 123 3.66 24.02 -48.73
C VAL F 123 4.15 24.80 -47.53
N LEU F 124 4.98 25.81 -47.79
CA LEU F 124 5.58 26.64 -46.74
C LEU F 124 4.89 28.00 -46.72
N GLY F 125 4.41 28.40 -45.54
CA GLY F 125 3.66 29.63 -45.40
C GLY F 125 4.48 30.78 -44.82
N ASN F 126 3.90 31.98 -44.93
CA ASN F 126 4.49 33.21 -44.39
C ASN F 126 5.90 33.44 -44.95
N VAL F 127 6.02 33.36 -46.27
CA VAL F 127 7.31 33.52 -46.92
C VAL F 127 7.69 34.99 -46.87
N SER F 128 8.69 35.31 -46.04
CA SER F 128 9.18 36.67 -45.96
C SER F 128 9.88 37.07 -47.25
N ILE F 129 9.84 38.37 -47.55
CA ILE F 129 10.62 38.88 -48.68
C ILE F 129 12.11 38.63 -48.45
N THR F 130 12.54 38.65 -47.19
CA THR F 130 13.90 38.25 -46.85
C THR F 130 14.22 36.87 -47.40
N GLN F 131 13.24 35.96 -47.38
CA GLN F 131 13.46 34.62 -47.92
C GLN F 131 13.52 34.63 -49.43
N LEU F 132 12.68 35.44 -50.08
CA LEU F 132 12.72 35.54 -51.54
C LEU F 132 14.09 36.01 -52.04
N ARG F 133 14.81 36.75 -51.22
CA ARG F 133 16.13 37.27 -51.58
C ARG F 133 17.25 36.29 -51.27
N ARG F 134 16.92 35.09 -50.81
CA ARG F 134 17.92 34.04 -50.57
C ARG F 134 17.36 32.71 -51.06
N PRO F 135 17.16 32.55 -52.37
CA PRO F 135 16.61 31.29 -52.88
C PRO F 135 17.56 30.10 -52.72
N SER F 136 18.86 30.33 -52.61
CA SER F 136 19.79 29.24 -52.37
C SER F 136 19.64 28.66 -50.96
N GLN F 137 18.94 29.35 -50.07
CA GLN F 137 18.63 28.84 -48.74
C GLN F 137 17.22 28.28 -48.64
N LEU F 138 16.44 28.37 -49.71
CA LEU F 138 15.08 27.85 -49.76
C LEU F 138 14.94 26.63 -50.66
N LEU F 139 15.57 26.64 -51.82
CA LEU F 139 15.52 25.50 -52.73
C LEU F 139 16.51 24.44 -52.28
N TYR F 140 16.07 23.19 -52.24
CA TYR F 140 17.00 22.11 -51.93
C TYR F 140 18.02 21.98 -53.06
N PRO F 141 19.30 21.81 -52.74
CA PRO F 141 20.30 21.66 -53.81
C PRO F 141 20.08 20.39 -54.60
N LEU F 142 20.49 20.43 -55.87
CA LEU F 142 20.39 19.30 -56.78
C LEU F 142 21.78 18.67 -56.88
N GLU F 143 22.03 17.67 -56.04
CA GLU F 143 23.38 17.18 -55.78
C GLU F 143 23.87 16.16 -56.80
N ASN F 144 23.03 15.72 -57.73
CA ASN F 144 23.45 14.70 -58.70
C ASN F 144 24.64 15.22 -59.50
N ALA F 145 25.76 14.48 -59.42
CA ALA F 145 26.98 14.92 -60.10
C ALA F 145 26.84 14.85 -61.62
N ALA F 146 25.98 13.96 -62.11
CA ALA F 146 25.80 13.84 -63.56
C ALA F 146 25.15 15.10 -64.13
N THR F 147 24.09 15.58 -63.48
CA THR F 147 23.28 16.65 -64.05
C THR F 147 23.68 18.03 -63.55
N ASN F 148 23.27 18.38 -62.33
CA ASN F 148 23.43 19.73 -61.83
C ASN F 148 24.65 19.91 -60.93
N ALA F 149 25.00 18.89 -60.14
CA ALA F 149 26.15 18.96 -59.23
C ALA F 149 26.09 20.21 -58.34
N GLN F 150 24.88 20.55 -57.91
CA GLN F 150 24.67 21.76 -57.14
C GLN F 150 25.33 21.66 -55.76
N TYR F 151 26.55 22.14 -55.64
CA TYR F 151 27.29 22.16 -54.39
C TYR F 151 27.44 23.61 -53.96
N LEU F 152 26.60 24.04 -53.02
CA LEU F 152 26.54 25.44 -52.62
C LEU F 152 27.74 25.81 -51.76
N PHE F 153 28.11 27.09 -51.82
CA PHE F 153 29.28 27.58 -51.12
C PHE F 153 29.03 27.64 -49.61
N ALA F 154 30.09 27.46 -48.85
CA ALA F 154 30.01 27.71 -47.42
C ALA F 154 29.88 29.20 -47.16
N ASP F 155 29.14 29.54 -46.10
CA ASP F 155 28.94 30.94 -45.75
C ASP F 155 30.28 31.65 -45.57
N ARG F 156 31.25 30.98 -44.94
CA ARG F 156 32.54 31.61 -44.63
C ARG F 156 33.33 31.93 -45.89
N SER F 157 33.28 31.06 -46.91
CA SER F 157 34.05 31.30 -48.12
C SER F 157 33.30 32.21 -49.09
N CYS F 158 31.99 32.01 -49.23
CA CYS F 158 31.19 32.87 -50.09
C CYS F 158 31.21 34.31 -49.61
N GLN F 159 31.32 34.53 -48.30
CA GLN F 159 31.47 35.88 -47.80
C GLN F 159 32.83 36.46 -48.14
N PHE F 160 33.86 35.62 -48.28
CA PHE F 160 35.18 36.11 -48.64
C PHE F 160 35.27 36.48 -50.12
N LEU F 161 34.56 35.75 -50.98
CA LEU F 161 34.68 35.99 -52.42
C LEU F 161 34.18 37.39 -52.79
N VAL F 162 33.09 37.84 -52.16
CA VAL F 162 32.58 39.18 -52.47
C VAL F 162 33.52 40.25 -51.92
N ASP F 163 34.11 40.02 -50.76
CA ASP F 163 35.08 40.96 -50.22
C ASP F 163 36.26 41.10 -51.17
N LEU F 164 36.70 39.98 -51.76
CA LEU F 164 37.78 40.03 -52.74
C LEU F 164 37.37 40.81 -53.98
N LEU F 165 36.19 40.52 -54.53
CA LEU F 165 35.76 41.23 -55.72
C LEU F 165 35.65 42.73 -55.48
N SER F 166 35.11 43.12 -54.32
CA SER F 166 34.97 44.54 -54.02
C SER F 166 36.32 45.21 -53.87
N ALA F 167 37.24 44.58 -53.13
CA ALA F 167 38.57 45.14 -52.94
C ALA F 167 39.38 45.12 -54.23
N LEU F 168 39.00 44.29 -55.20
CA LEU F 168 39.76 44.16 -56.44
C LEU F 168 39.43 45.26 -57.45
N GLY F 169 38.27 45.91 -57.32
CA GLY F 169 37.90 46.97 -58.23
C GLY F 169 36.94 46.57 -59.32
N PHE F 170 35.86 45.87 -58.96
CA PHE F 170 34.88 45.39 -59.92
C PHE F 170 33.49 45.89 -59.55
N ARG F 171 32.69 46.17 -60.57
CA ARG F 171 31.33 46.65 -60.39
C ARG F 171 30.26 45.73 -60.96
N ARG F 172 30.62 44.80 -61.83
CA ARG F 172 29.69 43.81 -62.35
C ARG F 172 30.34 42.44 -62.28
N VAL F 173 29.56 41.44 -61.88
CA VAL F 173 30.03 40.07 -61.78
C VAL F 173 29.07 39.20 -62.59
N LEU F 174 29.62 38.51 -63.59
CA LEU F 174 28.84 37.57 -64.40
C LEU F 174 28.90 36.23 -63.71
N CYS F 175 27.94 35.98 -62.82
CA CYS F 175 27.87 34.72 -62.08
C CYS F 175 27.25 33.66 -62.98
N VAL F 176 28.09 32.82 -63.56
CA VAL F 176 27.62 31.73 -64.42
C VAL F 176 27.72 30.43 -63.63
N GLY F 177 26.56 29.88 -63.28
CA GLY F 177 26.53 28.71 -62.43
C GLY F 177 27.00 28.96 -61.02
N THR F 178 26.63 30.10 -60.43
CA THR F 178 27.06 30.48 -59.09
C THR F 178 25.90 31.16 -58.36
N PRO F 179 24.86 30.39 -58.01
CA PRO F 179 23.66 31.02 -57.43
C PRO F 179 23.89 31.65 -56.06
N ARG F 180 24.60 30.95 -55.17
CA ARG F 180 24.75 31.45 -53.80
C ARG F 180 25.57 32.73 -53.77
N LEU F 181 26.68 32.75 -54.49
CA LEU F 181 27.46 33.98 -54.62
C LEU F 181 26.64 35.07 -55.29
N HIS F 182 25.82 34.70 -56.27
CA HIS F 182 25.01 35.69 -56.97
C HIS F 182 24.02 36.36 -56.04
N GLU F 183 23.45 35.61 -55.09
CA GLU F 183 22.50 36.23 -54.17
C GLU F 183 23.23 37.00 -53.07
N LEU F 184 24.39 36.50 -52.62
CA LEU F 184 25.14 37.24 -51.62
C LEU F 184 25.70 38.54 -52.17
N ILE F 185 25.92 38.62 -53.49
CA ILE F 185 26.31 39.89 -54.09
C ILE F 185 25.20 40.91 -53.93
N LYS F 186 24.00 40.57 -54.40
CA LYS F 186 22.86 41.47 -54.27
C LYS F 186 22.60 41.87 -52.82
N LEU F 187 22.84 40.96 -51.88
CA LEU F 187 22.60 41.30 -50.48
C LEU F 187 23.70 42.22 -49.93
N THR F 188 24.97 41.94 -50.25
CA THR F 188 26.03 42.85 -49.84
C THR F 188 26.09 44.11 -50.70
N ALA F 189 25.41 44.13 -51.84
CA ALA F 189 25.26 45.32 -52.65
C ALA F 189 24.01 46.11 -52.30
N SER F 190 23.33 45.74 -51.22
CA SER F 190 22.11 46.42 -50.79
C SER F 190 22.08 46.43 -49.26
N GLY F 191 23.12 47.00 -48.66
CA GLY F 191 23.21 47.02 -47.21
C GLY F 191 23.59 48.39 -46.66
N ASP F 192 24.57 48.40 -45.75
CA ASP F 192 24.99 49.66 -45.13
C ASP F 192 25.57 50.63 -46.16
N LYS F 193 26.35 50.12 -47.10
CA LYS F 193 27.10 50.95 -48.02
C LYS F 193 26.26 51.32 -49.25
N LYS F 194 26.88 52.08 -50.16
CA LYS F 194 26.30 52.41 -51.45
C LYS F 194 27.17 51.96 -52.61
N SER F 195 28.37 51.43 -52.34
CA SER F 195 29.09 50.65 -53.35
C SER F 195 28.23 49.44 -53.68
N ASN F 196 27.34 49.59 -54.66
CA ASN F 196 26.29 48.62 -54.95
C ASN F 196 26.59 47.92 -56.26
N ILE F 197 26.82 46.62 -56.20
CA ILE F 197 27.40 45.83 -57.28
C ILE F 197 26.30 45.00 -57.94
N LYS F 198 26.26 45.00 -59.26
CA LYS F 198 25.28 44.23 -60.00
C LYS F 198 25.80 42.82 -60.26
N SER F 199 24.87 41.91 -60.55
CA SER F 199 25.22 40.51 -60.78
C SER F 199 24.19 39.87 -61.69
N LEU F 200 24.63 39.35 -62.82
CA LEU F 200 23.78 38.58 -63.72
C LEU F 200 24.08 37.10 -63.51
N LEU F 201 23.05 36.31 -63.24
CA LEU F 201 23.17 34.90 -62.92
C LEU F 201 22.78 34.08 -64.16
N LEU F 202 23.75 33.39 -64.75
CA LEU F 202 23.50 32.45 -65.83
C LEU F 202 23.44 31.04 -65.25
N ASP F 203 22.32 30.35 -65.41
CA ASP F 203 22.26 29.02 -64.81
C ASP F 203 21.17 28.18 -65.46
N ILE F 204 21.33 26.86 -65.38
CA ILE F 204 20.32 25.96 -65.93
C ILE F 204 19.28 25.60 -64.88
N ASP F 205 19.58 25.82 -63.60
CA ASP F 205 18.65 25.49 -62.53
C ASP F 205 17.45 26.44 -62.65
N PHE F 206 16.53 26.05 -63.53
CA PHE F 206 15.35 26.84 -63.83
C PHE F 206 14.50 27.15 -62.60
N ARG F 207 14.68 26.41 -61.51
CA ARG F 207 14.02 26.76 -60.25
C ARG F 207 14.27 28.22 -59.88
N TYR F 208 15.40 28.76 -60.31
CA TYR F 208 15.77 30.11 -59.92
C TYR F 208 15.05 31.19 -60.72
N SER F 209 14.47 30.83 -61.88
CA SER F 209 13.88 31.85 -62.75
C SER F 209 12.76 32.63 -62.07
N GLN F 210 12.03 31.98 -61.15
CA GLN F 210 10.89 32.62 -60.49
C GLN F 210 11.31 33.55 -59.35
N PHE F 211 12.59 33.62 -59.01
CA PHE F 211 13.05 34.48 -57.93
C PHE F 211 13.75 35.74 -58.42
N TYR F 212 14.29 35.74 -59.63
CA TYR F 212 15.06 36.87 -60.14
C TYR F 212 14.41 37.46 -61.38
N MET F 213 14.54 38.78 -61.50
CA MET F 213 14.01 39.50 -62.65
C MET F 213 14.82 39.16 -63.90
N GLU F 214 14.36 39.68 -65.03
CA GLU F 214 15.04 39.40 -66.30
C GLU F 214 16.43 40.01 -66.37
N ASP F 215 16.69 41.07 -65.60
CA ASP F 215 18.00 41.71 -65.57
C ASP F 215 18.96 41.06 -64.59
N SER F 216 18.52 40.03 -63.87
CA SER F 216 19.37 39.34 -62.91
C SER F 216 19.63 37.88 -63.24
N PHE F 217 18.80 37.26 -64.08
CA PHE F 217 18.90 35.82 -64.31
C PHE F 217 18.66 35.52 -65.79
N CYS F 218 19.41 34.53 -66.30
CA CYS F 218 19.19 33.97 -67.61
C CYS F 218 19.20 32.45 -67.51
N HIS F 219 18.19 31.83 -68.10
CA HIS F 219 18.11 30.39 -68.25
C HIS F 219 19.14 29.97 -69.29
N TYR F 220 20.29 29.53 -68.83
CA TYR F 220 21.46 29.34 -69.67
C TYR F 220 22.05 27.96 -69.46
N ASN F 221 22.70 27.43 -70.50
CA ASN F 221 23.36 26.14 -70.43
C ASN F 221 24.85 26.37 -70.65
N MET F 222 25.66 25.92 -69.69
CA MET F 222 27.09 26.18 -69.68
C MET F 222 27.82 25.45 -70.79
N PHE F 223 27.24 24.40 -71.36
CA PHE F 223 27.94 23.58 -72.34
C PHE F 223 27.75 24.11 -73.76
N ASN F 224 26.50 24.15 -74.24
CA ASN F 224 26.22 24.51 -75.62
C ASN F 224 25.89 25.98 -75.82
N HIS F 225 26.13 26.82 -74.82
CA HIS F 225 25.93 28.27 -74.92
C HIS F 225 24.51 28.59 -75.42
N HIS F 226 23.53 27.91 -74.82
CA HIS F 226 22.14 27.98 -75.27
C HIS F 226 21.33 28.79 -74.26
N PHE F 227 20.84 29.94 -74.70
CA PHE F 227 19.88 30.71 -73.93
C PHE F 227 18.49 30.17 -74.22
N PHE F 228 17.91 29.47 -73.25
CA PHE F 228 16.64 28.78 -73.43
C PHE F 228 15.48 29.72 -73.75
N ASP F 229 15.68 31.04 -73.60
CA ASP F 229 14.58 31.99 -73.71
C ASP F 229 14.58 32.78 -75.02
N GLY F 230 15.70 32.83 -75.73
CA GLY F 230 15.75 33.48 -77.03
C GLY F 230 16.72 34.65 -77.04
N LYS F 231 16.56 35.48 -78.08
CA LYS F 231 17.49 36.58 -78.29
C LYS F 231 17.43 37.62 -77.18
N THR F 232 16.27 37.77 -76.53
CA THR F 232 16.15 38.73 -75.43
C THR F 232 17.09 38.37 -74.29
N ALA F 233 17.03 37.10 -73.85
CA ALA F 233 17.90 36.65 -72.77
C ALA F 233 19.37 36.75 -73.16
N LEU F 234 19.68 36.52 -74.43
CA LEU F 234 21.06 36.64 -74.90
C LEU F 234 21.52 38.10 -74.87
N GLU F 235 20.64 39.02 -75.27
CA GLU F 235 21.01 40.42 -75.34
C GLU F 235 21.19 41.02 -73.95
N VAL F 236 20.44 40.54 -72.95
CA VAL F 236 20.69 41.01 -71.59
C VAL F 236 22.11 40.66 -71.15
N CYS F 237 22.55 39.43 -71.43
CA CYS F 237 23.92 39.03 -71.11
C CYS F 237 24.93 39.86 -71.89
N ARG F 238 24.68 40.10 -73.17
CA ARG F 238 25.60 40.88 -73.98
C ARG F 238 25.73 42.31 -73.45
N ALA F 239 24.60 42.95 -73.16
CA ALA F 239 24.64 44.31 -72.64
C ALA F 239 25.27 44.36 -71.25
N PHE F 240 25.07 43.33 -70.44
CA PHE F 240 25.73 43.29 -69.13
C PHE F 240 27.23 43.16 -69.27
N LEU F 241 27.70 42.46 -70.31
CA LEU F 241 29.14 42.38 -70.53
C LEU F 241 29.70 43.68 -71.10
N GLN F 242 28.99 44.30 -72.04
CA GLN F 242 29.49 45.48 -72.73
C GLN F 242 29.14 46.78 -72.03
N GLU F 243 28.45 46.74 -70.89
CA GLU F 243 28.23 47.94 -70.09
C GLU F 243 29.56 48.52 -69.63
N ASP F 244 29.64 49.85 -69.61
CA ASP F 244 30.84 50.57 -69.22
C ASP F 244 32.03 50.24 -70.13
N LYS F 245 31.73 49.94 -71.40
CA LYS F 245 32.76 49.60 -72.40
C LYS F 245 33.57 48.39 -71.97
N GLY F 246 32.91 47.45 -71.31
CA GLY F 246 33.55 46.24 -70.83
C GLY F 246 34.39 46.41 -69.59
N GLU F 247 34.29 47.55 -68.91
CA GLU F 247 35.11 47.83 -67.73
C GLU F 247 34.39 47.39 -66.46
N GLY F 248 35.18 46.95 -65.49
CA GLY F 248 34.65 46.59 -64.18
C GLY F 248 33.74 45.38 -64.18
N ILE F 249 34.07 44.37 -64.98
CA ILE F 249 33.31 43.13 -65.02
C ILE F 249 34.25 41.96 -64.78
N ILE F 250 33.89 41.08 -63.87
CA ILE F 250 34.63 39.85 -63.61
C ILE F 250 33.65 38.68 -63.69
N MET F 251 34.01 37.66 -64.46
CA MET F 251 33.20 36.46 -64.55
C MET F 251 33.68 35.45 -63.52
N VAL F 252 32.75 34.91 -62.73
CA VAL F 252 33.05 33.90 -61.73
C VAL F 252 32.25 32.65 -62.08
N THR F 253 32.97 31.54 -62.29
CA THR F 253 32.37 30.28 -62.69
C THR F 253 32.70 29.20 -61.67
N ASP F 254 31.80 28.22 -61.54
CA ASP F 254 32.04 27.05 -60.70
C ASP F 254 31.34 25.86 -61.34
N PRO F 255 31.83 25.39 -62.48
CA PRO F 255 31.12 24.38 -63.26
C PRO F 255 31.13 23.03 -62.57
N PRO F 256 30.25 22.11 -62.96
CA PRO F 256 30.32 20.75 -62.42
C PRO F 256 31.61 20.07 -62.86
N PHE F 257 32.41 19.64 -61.89
CA PHE F 257 33.66 18.95 -62.20
C PHE F 257 33.42 17.62 -62.92
N GLY F 258 32.23 17.05 -62.75
CA GLY F 258 31.90 15.85 -63.51
C GLY F 258 31.47 16.18 -64.93
N GLY F 259 31.73 15.24 -65.83
CA GLY F 259 31.39 15.43 -67.23
C GLY F 259 32.57 15.78 -68.10
N LEU F 260 32.48 16.91 -68.81
CA LEU F 260 33.49 17.32 -69.77
C LEU F 260 34.09 18.66 -69.34
N VAL F 261 35.14 19.07 -70.05
CA VAL F 261 35.84 20.31 -69.72
C VAL F 261 36.18 21.09 -71.00
N GLU F 262 36.36 20.38 -72.12
CA GLU F 262 36.65 21.05 -73.38
C GLU F 262 35.49 21.93 -73.87
N PRO F 263 34.25 21.43 -74.01
CA PRO F 263 33.17 22.31 -74.44
C PRO F 263 32.93 23.45 -73.46
N LEU F 264 33.30 23.27 -72.19
CA LEU F 264 33.23 24.36 -71.24
C LEU F 264 34.09 25.54 -71.67
N ALA F 265 35.36 25.27 -71.98
CA ALA F 265 36.24 26.34 -72.44
C ALA F 265 35.75 26.91 -73.77
N ILE F 266 35.12 26.09 -74.61
CA ILE F 266 34.53 26.62 -75.84
C ILE F 266 33.47 27.68 -75.54
N THR F 267 32.53 27.33 -74.66
CA THR F 267 31.47 28.28 -74.29
C THR F 267 32.05 29.50 -73.57
N PHE F 268 33.00 29.28 -72.66
CA PHE F 268 33.59 30.39 -71.93
C PHE F 268 34.31 31.35 -72.88
N LYS F 269 34.93 30.81 -73.93
CA LYS F 269 35.53 31.66 -74.95
C LYS F 269 34.46 32.38 -75.76
N LYS F 270 33.28 31.79 -75.94
CA LYS F 270 32.22 32.54 -76.61
C LYS F 270 31.76 33.73 -75.77
N LEU F 271 31.68 33.54 -74.44
CA LEU F 271 31.36 34.68 -73.57
C LEU F 271 32.46 35.74 -73.62
N ILE F 272 33.72 35.32 -73.50
CA ILE F 272 34.83 36.26 -73.61
C ILE F 272 34.88 36.90 -74.99
N ALA F 273 34.29 36.26 -76.00
CA ALA F 273 34.21 36.85 -77.33
C ALA F 273 33.18 37.96 -77.38
N MET F 274 32.03 37.75 -76.74
CA MET F 274 31.07 38.85 -76.60
C MET F 274 31.69 40.03 -75.86
N TRP F 275 32.54 39.75 -74.87
CA TRP F 275 33.19 40.86 -74.16
C TRP F 275 34.29 41.51 -74.99
N LYS F 276 34.84 40.81 -75.98
CA LYS F 276 35.97 41.31 -76.76
C LYS F 276 35.56 42.23 -77.90
N GLU F 277 34.27 42.51 -78.08
CA GLU F 277 33.80 43.21 -79.27
C GLU F 277 34.37 44.62 -79.34
N GLY F 278 34.67 45.05 -80.56
CA GLY F 278 35.43 46.26 -80.79
C GLY F 278 36.87 45.95 -81.17
N GLN F 279 37.56 46.99 -81.64
CA GLN F 279 38.96 46.85 -82.07
C GLN F 279 39.78 48.02 -81.54
N SER F 280 39.88 48.12 -80.22
CA SER F 280 40.72 49.13 -79.60
C SER F 280 42.18 48.70 -79.63
N GLN F 281 43.07 49.68 -79.76
CA GLN F 281 44.49 49.38 -79.82
C GLN F 281 45.01 48.84 -78.49
N ASP F 282 44.40 49.24 -77.38
CA ASP F 282 44.83 48.79 -76.06
C ASP F 282 44.05 47.58 -75.56
N ASP F 283 42.86 47.32 -76.12
CA ASP F 283 42.06 46.19 -75.66
C ASP F 283 42.49 44.86 -76.29
N SER F 284 43.42 44.88 -77.24
CA SER F 284 43.84 43.65 -77.89
C SER F 284 44.68 42.77 -76.96
N HIS F 285 45.39 43.39 -76.01
CA HIS F 285 46.28 42.64 -75.13
C HIS F 285 45.66 42.26 -73.80
N LYS F 286 44.67 43.01 -73.33
CA LYS F 286 44.04 42.76 -72.04
C LYS F 286 42.77 41.94 -72.23
N GLU F 287 42.60 40.90 -71.43
CA GLU F 287 41.47 40.00 -71.52
C GLU F 287 40.54 40.18 -70.32
N LEU F 288 39.49 39.38 -70.30
CA LEU F 288 38.42 39.52 -69.30
C LEU F 288 38.82 38.83 -68.00
N PRO F 289 38.75 39.53 -66.86
CA PRO F 289 39.06 38.88 -65.58
C PRO F 289 38.07 37.78 -65.25
N ILE F 290 38.59 36.59 -64.99
CA ILE F 290 37.77 35.40 -64.78
C ILE F 290 38.31 34.60 -63.60
N PHE F 291 37.44 34.26 -62.67
CA PHE F 291 37.68 33.25 -61.65
C PHE F 291 37.03 31.95 -62.13
N TRP F 292 37.81 30.88 -62.26
CA TRP F 292 37.30 29.55 -62.55
C TRP F 292 37.53 28.71 -61.31
N ILE F 293 36.47 28.37 -60.60
CA ILE F 293 36.55 27.62 -59.36
C ILE F 293 36.41 26.14 -59.69
N PHE F 294 37.42 25.36 -59.35
CA PHE F 294 37.51 23.99 -59.83
C PHE F 294 38.42 23.21 -58.88
N PRO F 295 38.32 21.88 -58.86
CA PRO F 295 39.29 21.09 -58.10
C PRO F 295 40.69 21.31 -58.63
N TYR F 296 41.68 21.15 -57.74
CA TYR F 296 43.06 21.49 -58.08
C TYR F 296 43.60 20.62 -59.21
N PHE F 297 43.23 19.33 -59.21
CA PHE F 297 43.86 18.39 -60.12
C PHE F 297 43.50 18.61 -61.59
N PHE F 298 42.50 19.45 -61.89
CA PHE F 298 42.18 19.80 -63.27
C PHE F 298 42.98 20.99 -63.78
N GLU F 299 43.94 21.48 -63.00
CA GLU F 299 44.81 22.57 -63.46
C GLU F 299 45.42 22.24 -64.82
N SER F 300 45.92 21.01 -64.96
CA SER F 300 46.52 20.57 -66.21
C SER F 300 45.53 20.72 -67.37
N ARG F 301 44.25 20.42 -67.14
CA ARG F 301 43.25 20.55 -68.19
C ARG F 301 42.79 21.99 -68.37
N ILE F 302 42.90 22.82 -67.34
CA ILE F 302 42.48 24.21 -67.46
C ILE F 302 43.55 25.04 -68.16
N CYS F 303 44.81 24.89 -67.74
CA CYS F 303 45.90 25.62 -68.35
C CYS F 303 46.19 25.18 -69.77
N GLN F 304 45.55 24.10 -70.24
CA GLN F 304 45.68 23.69 -71.64
C GLN F 304 44.81 24.51 -72.57
N PHE F 305 43.77 25.17 -72.04
CA PHE F 305 42.93 26.08 -72.82
C PHE F 305 43.11 27.53 -72.43
N PHE F 306 43.42 27.82 -71.16
CA PHE F 306 43.68 29.17 -70.68
C PHE F 306 45.10 29.20 -70.13
N PRO F 307 46.10 29.39 -71.01
CA PRO F 307 47.49 29.34 -70.56
C PRO F 307 47.89 30.47 -69.63
N SER F 308 47.16 31.59 -69.64
CA SER F 308 47.47 32.70 -68.75
C SER F 308 47.02 32.44 -67.31
N PHE F 309 46.33 31.33 -67.06
CA PHE F 309 45.77 31.07 -65.74
C PHE F 309 46.83 30.56 -64.77
N GLN F 310 46.67 30.92 -63.50
CA GLN F 310 47.43 30.37 -62.40
C GLN F 310 46.47 29.84 -61.35
N MET F 311 47.02 29.12 -60.38
CA MET F 311 46.23 28.53 -59.30
C MET F 311 46.52 29.27 -58.00
N LEU F 312 45.46 29.60 -57.27
CA LEU F 312 45.58 30.14 -55.93
C LEU F 312 45.59 29.01 -54.91
N ASP F 313 46.00 29.33 -53.69
CA ASP F 313 46.06 28.36 -52.62
C ASP F 313 44.89 28.48 -51.66
N TYR F 314 43.90 29.32 -51.97
CA TYR F 314 42.70 29.36 -51.16
C TYR F 314 41.86 28.13 -51.41
N GLN F 315 41.32 27.57 -50.33
CA GLN F 315 40.55 26.34 -50.36
C GLN F 315 39.08 26.70 -50.15
N VAL F 316 38.35 26.87 -51.25
CA VAL F 316 36.95 27.30 -51.19
C VAL F 316 36.13 26.20 -50.54
N ASP F 317 35.58 26.49 -49.36
CA ASP F 317 34.81 25.53 -48.60
C ASP F 317 33.36 25.51 -49.08
N TYR F 318 32.74 24.33 -48.97
CA TYR F 318 31.37 24.14 -49.42
C TYR F 318 30.51 23.60 -48.27
N ASP F 319 29.20 23.77 -48.42
CA ASP F 319 28.26 23.15 -47.48
C ASP F 319 28.08 21.67 -47.80
N ASN F 320 27.83 21.35 -49.06
CA ASN F 320 27.81 19.97 -49.54
C ASN F 320 28.68 19.87 -50.77
N HIS F 321 29.25 18.68 -50.98
CA HIS F 321 30.16 18.46 -52.10
C HIS F 321 30.44 16.97 -52.24
N ALA F 322 30.16 16.39 -53.41
CA ALA F 322 30.38 14.96 -53.58
C ALA F 322 31.86 14.60 -53.62
N LEU F 323 32.73 15.56 -53.92
CA LEU F 323 34.15 15.28 -54.01
C LEU F 323 34.76 15.01 -52.64
N TYR F 324 34.29 15.73 -51.62
CA TYR F 324 34.77 15.54 -50.26
C TYR F 324 33.67 15.98 -49.30
N LYS F 325 33.66 15.41 -48.11
CA LYS F 325 32.76 15.84 -47.05
C LYS F 325 33.55 16.12 -45.78
N HIS F 326 33.04 17.03 -44.97
CA HIS F 326 33.59 17.25 -43.63
C HIS F 326 33.22 16.09 -42.72
N GLY F 327 34.22 15.44 -42.15
CA GLY F 327 33.94 14.41 -41.16
C GLY F 327 33.95 14.93 -39.74
N LYS F 328 34.47 14.13 -38.82
CA LYS F 328 34.64 14.56 -37.43
C LYS F 328 35.73 13.75 -36.77
N ARG F 331 37.43 19.50 -39.23
CA ARG F 331 36.88 18.66 -40.30
C ARG F 331 37.90 18.49 -41.40
N LYS F 332 37.54 17.72 -42.42
CA LYS F 332 38.47 17.44 -43.51
C LYS F 332 38.65 18.68 -44.40
N GLN F 333 39.78 18.72 -45.08
CA GLN F 333 40.15 19.85 -45.91
C GLN F 333 39.61 19.65 -47.33
N SER F 334 39.32 20.77 -48.01
CA SER F 334 38.67 20.84 -49.31
C SER F 334 39.68 20.96 -50.45
N PRO F 335 39.43 20.30 -51.57
CA PRO F 335 40.36 20.32 -52.71
C PRO F 335 40.10 21.38 -53.76
N VAL F 336 39.00 22.11 -53.66
CA VAL F 336 38.62 23.07 -54.70
C VAL F 336 39.36 24.38 -54.45
N ARG F 337 39.81 25.03 -55.53
CA ARG F 337 40.44 26.33 -55.44
C ARG F 337 40.05 27.16 -56.66
N ILE F 338 40.73 28.29 -56.83
CA ILE F 338 40.39 29.28 -57.84
C ILE F 338 41.52 29.36 -58.86
N PHE F 339 41.15 29.42 -60.14
CA PHE F 339 42.08 29.53 -61.26
C PHE F 339 41.78 30.85 -61.96
N THR F 340 42.75 31.77 -61.95
CA THR F 340 42.51 33.12 -62.40
C THR F 340 43.57 33.50 -63.43
N ASN F 341 43.21 34.46 -64.29
CA ASN F 341 44.20 35.15 -65.12
C ASN F 341 44.71 36.42 -64.46
N ILE F 342 44.05 36.88 -63.41
CA ILE F 342 44.54 38.04 -62.64
C ILE F 342 45.84 37.67 -61.95
N PRO F 343 46.85 38.54 -61.95
CA PRO F 343 48.09 38.24 -61.23
C PRO F 343 47.81 37.88 -59.79
N PRO F 344 48.30 36.73 -59.33
CA PRO F 344 47.93 36.25 -57.97
C PRO F 344 48.55 37.04 -56.84
N ASN F 345 49.52 37.93 -57.12
CA ASN F 345 50.14 38.70 -56.04
C ASN F 345 49.17 39.72 -55.47
N LYS F 346 48.25 40.23 -56.27
CA LYS F 346 47.29 41.22 -55.79
C LYS F 346 46.17 40.60 -54.97
N ILE F 347 45.89 39.32 -55.16
CA ILE F 347 44.84 38.64 -54.41
C ILE F 347 45.37 38.30 -53.02
N ILE F 348 44.76 38.89 -51.99
CA ILE F 348 45.16 38.67 -50.61
C ILE F 348 44.27 37.60 -50.00
N LEU F 349 44.90 36.58 -49.39
CA LEU F 349 44.19 35.51 -48.73
C LEU F 349 44.08 35.79 -47.24
N PRO F 350 43.00 35.32 -46.59
CA PRO F 350 42.81 35.64 -45.16
C PRO F 350 43.92 35.08 -44.28
N THR F 351 44.72 35.98 -43.71
CA THR F 351 45.80 35.57 -42.82
C THR F 351 45.28 35.04 -41.49
N GLU F 352 44.07 35.43 -41.09
CA GLU F 352 43.52 34.93 -39.83
C GLU F 352 43.15 33.46 -39.92
N GLU F 353 42.75 32.99 -41.10
CA GLU F 353 42.31 31.62 -41.30
C GLU F 353 43.45 30.68 -41.70
N GLY F 354 44.70 31.07 -41.45
CA GLY F 354 45.82 30.19 -41.72
C GLY F 354 46.36 30.25 -43.13
N TYR F 355 46.92 31.39 -43.50
CA TYR F 355 47.59 31.56 -44.79
C TYR F 355 48.83 32.42 -44.59
N ARG F 356 49.78 32.30 -45.51
CA ARG F 356 50.99 33.10 -45.45
C ARG F 356 51.35 33.57 -46.85
N PHE F 357 52.27 34.53 -46.93
CA PHE F 357 52.72 35.07 -48.20
C PHE F 357 54.17 34.68 -48.44
N CYS F 358 54.43 34.05 -49.58
CA CYS F 358 55.75 33.61 -49.96
C CYS F 358 56.40 34.65 -50.88
N SER F 359 57.71 34.81 -50.75
CA SER F 359 58.40 35.87 -51.48
C SER F 359 58.85 35.48 -52.88
N PRO F 360 59.61 34.36 -53.08
CA PRO F 360 60.18 34.09 -54.41
C PRO F 360 59.11 33.95 -55.49
N CYS F 361 58.26 32.94 -55.36
CA CYS F 361 57.07 32.88 -56.19
C CYS F 361 56.05 33.88 -55.67
N GLN F 362 55.59 34.77 -56.54
CA GLN F 362 54.68 35.84 -56.12
C GLN F 362 53.26 35.30 -56.14
N ARG F 363 52.82 34.83 -54.97
CA ARG F 363 51.50 34.29 -54.75
C ARG F 363 51.29 34.18 -53.24
N TYR F 364 50.06 33.90 -52.84
CA TYR F 364 49.73 33.66 -51.44
C TYR F 364 49.57 32.15 -51.23
N VAL F 365 50.31 31.62 -50.26
CA VAL F 365 50.40 30.18 -50.06
C VAL F 365 49.70 29.77 -48.77
N SER F 366 49.44 28.47 -48.67
CA SER F 366 48.84 27.88 -47.48
C SER F 366 49.87 27.72 -46.37
N LEU F 367 49.37 27.51 -45.16
CA LEU F 367 50.26 27.37 -44.01
C LEU F 367 51.04 26.07 -44.07
N GLU F 368 50.42 24.99 -44.55
CA GLU F 368 51.05 23.67 -44.58
C GLU F 368 51.86 23.42 -45.84
N ASN F 369 52.16 24.46 -46.62
CA ASN F 369 52.98 24.34 -47.80
C ASN F 369 54.41 24.77 -47.48
N GLN F 370 55.36 24.25 -48.26
CA GLN F 370 56.77 24.58 -48.11
C GLN F 370 57.34 24.99 -49.46
N HIS F 371 58.29 25.91 -49.43
CA HIS F 371 58.94 26.39 -50.65
C HIS F 371 60.19 25.55 -50.91
N CYS F 372 60.10 24.67 -51.90
CA CYS F 372 61.24 23.86 -52.32
C CYS F 372 62.05 24.64 -53.35
N GLU F 373 63.30 24.95 -53.00
CA GLU F 373 64.14 25.78 -53.86
C GLU F 373 64.61 25.06 -55.11
N LEU F 374 64.42 23.74 -55.20
CA LEU F 374 64.91 22.99 -56.35
C LEU F 374 64.04 23.26 -57.57
N CYS F 375 62.73 23.04 -57.45
CA CYS F 375 61.79 23.40 -58.51
C CYS F 375 61.41 24.88 -58.47
N ASN F 376 61.91 25.64 -57.49
CA ASN F 376 61.80 27.10 -57.45
C ASN F 376 60.35 27.57 -57.41
N SER F 377 59.47 26.80 -56.80
CA SER F 377 58.06 27.19 -56.70
C SER F 377 57.37 26.33 -55.65
N CYS F 378 56.49 26.97 -54.88
CA CYS F 378 55.65 26.23 -53.95
C CYS F 378 54.68 25.35 -54.73
N THR F 379 54.82 24.04 -54.56
CA THR F 379 54.07 23.08 -55.36
C THR F 379 53.25 22.08 -54.55
N SER F 380 53.20 22.23 -53.22
CA SER F 380 52.40 21.34 -52.38
C SER F 380 50.93 21.66 -52.61
N LYS F 381 50.38 21.05 -53.66
CA LYS F 381 49.00 21.34 -54.05
C LYS F 381 47.99 20.67 -53.12
N ASP F 382 48.34 19.54 -52.52
CA ASP F 382 47.44 18.86 -51.61
C ASP F 382 47.58 19.47 -50.21
N GLY F 383 46.95 18.85 -49.22
CA GLY F 383 47.12 19.31 -47.85
C GLY F 383 48.47 18.90 -47.26
N ARG F 384 48.88 17.66 -47.52
CA ARG F 384 50.14 17.17 -46.98
C ARG F 384 51.31 17.84 -47.68
N LYS F 385 52.49 17.69 -47.09
CA LYS F 385 53.72 18.30 -47.59
C LYS F 385 54.35 17.41 -48.64
N TRP F 386 54.53 17.96 -49.84
CA TRP F 386 55.07 17.20 -50.96
C TRP F 386 56.58 17.02 -50.81
N ASN F 387 57.05 15.79 -51.07
CA ASN F 387 58.47 15.49 -51.00
C ASN F 387 59.10 15.67 -52.38
N HIS F 388 60.33 16.18 -52.40
CA HIS F 388 61.04 16.39 -53.66
C HIS F 388 61.90 15.18 -53.97
N CYS F 389 61.72 14.62 -55.16
CA CYS F 389 62.56 13.54 -55.66
C CYS F 389 63.63 14.14 -56.56
N PHE F 390 64.89 13.90 -56.21
CA PHE F 390 66.00 14.51 -56.94
C PHE F 390 66.22 13.86 -58.30
N LEU F 391 65.77 12.63 -58.49
CA LEU F 391 65.90 11.98 -59.79
C LEU F 391 64.90 12.51 -60.82
N CYS F 392 63.81 13.14 -60.37
CA CYS F 392 62.80 13.66 -61.26
C CYS F 392 62.80 15.18 -61.36
N LYS F 393 63.56 15.87 -60.51
CA LYS F 393 63.61 17.33 -60.49
C LYS F 393 62.20 17.92 -60.34
N LYS F 394 61.37 17.24 -59.55
CA LYS F 394 59.98 17.62 -59.39
C LYS F 394 59.46 17.12 -58.06
N CYS F 395 58.77 17.99 -57.32
CA CYS F 395 58.13 17.56 -56.09
C CYS F 395 56.90 16.71 -56.40
N VAL F 396 56.62 15.75 -55.51
CA VAL F 396 55.54 14.80 -55.70
C VAL F 396 54.80 14.63 -54.38
N LYS F 397 53.58 14.10 -54.48
CA LYS F 397 52.76 13.84 -53.30
C LYS F 397 53.49 12.88 -52.35
N PRO F 398 53.19 12.94 -51.06
CA PRO F 398 53.94 12.11 -50.10
C PRO F 398 53.80 10.62 -50.35
N SER F 399 52.69 10.18 -50.94
CA SER F 399 52.45 8.76 -51.19
C SER F 399 52.94 8.31 -52.56
N TRP F 400 54.10 8.81 -53.00
CA TRP F 400 54.70 8.39 -54.25
C TRP F 400 56.07 7.76 -53.97
N ILE F 401 56.46 6.83 -54.84
CA ILE F 401 57.74 6.14 -54.74
C ILE F 401 58.40 6.14 -56.11
N HIS F 402 59.71 6.30 -56.13
CA HIS F 402 60.43 6.23 -57.40
C HIS F 402 60.52 4.78 -57.87
N CYS F 403 60.10 4.55 -59.11
CA CYS F 403 59.97 3.20 -59.66
C CYS F 403 61.08 2.95 -60.68
N SER F 404 61.76 1.81 -60.54
CA SER F 404 62.78 1.43 -61.49
C SER F 404 62.15 1.08 -62.84
N ILE F 405 62.98 1.15 -63.89
CA ILE F 405 62.56 1.02 -65.29
C ILE F 405 61.70 2.22 -65.68
N CYS F 406 60.75 2.59 -64.82
CA CYS F 406 59.98 3.81 -65.02
C CYS F 406 60.88 5.03 -64.96
N ASN F 407 61.58 5.20 -63.83
CA ASN F 407 62.41 6.38 -63.55
C ASN F 407 61.59 7.66 -63.49
N HIS F 408 60.30 7.53 -63.17
CA HIS F 408 59.46 8.68 -62.85
C HIS F 408 58.54 8.29 -61.69
N CYS F 409 58.51 9.15 -60.68
CA CYS F 409 57.74 8.86 -59.46
C CYS F 409 56.27 8.62 -59.79
N ALA F 410 55.65 7.75 -58.99
CA ALA F 410 54.24 7.43 -59.13
C ALA F 410 53.77 6.67 -57.90
N VAL F 411 52.47 6.50 -57.80
CA VAL F 411 51.87 5.70 -56.73
C VAL F 411 52.42 4.28 -56.81
N PRO F 412 52.67 3.60 -55.68
CA PRO F 412 53.17 2.22 -55.76
C PRO F 412 52.24 1.26 -56.48
N ASP F 413 50.96 1.59 -56.60
CA ASP F 413 49.96 0.75 -57.25
C ASP F 413 49.94 0.89 -58.76
N HIS F 414 50.96 1.54 -59.34
CA HIS F 414 50.91 1.98 -60.72
C HIS F 414 51.14 0.83 -61.70
N SER F 415 50.67 1.05 -62.94
CA SER F 415 51.07 0.22 -64.06
C SER F 415 52.49 0.59 -64.47
N CYS F 416 53.37 -0.39 -64.54
CA CYS F 416 54.80 -0.14 -64.65
C CYS F 416 55.21 -0.08 -66.12
N GLU F 417 56.51 -0.23 -66.38
CA GLU F 417 57.04 -0.16 -67.74
C GLU F 417 56.55 -1.32 -68.61
#